data_5SYQ
#
_entry.id   5SYQ
#
_entity_poly.entity_id   1
_entity_poly.type   'polypeptide(L)'
_entity_poly.pdbx_seq_one_letter_code
;GSEEKEEKKVRELTPQELELFKRAMGITPHNYWQWASRTNNFKLLTDGEWVWVEGYEEHIGKQLPLNQARAWSWEFIKNR
LKELNL
;
_entity_poly.pdbx_strand_id   A
#
# COMPACT_ATOMS: atom_id res chain seq x y z
N GLY A 1 -23.50 2.00 21.02
CA GLY A 1 -24.05 1.26 19.91
C GLY A 1 -24.72 2.14 18.88
N SER A 2 -24.11 2.26 17.71
CA SER A 2 -24.78 2.83 16.55
C SER A 2 -24.33 2.15 15.27
N GLU A 3 -24.89 0.98 14.99
CA GLU A 3 -24.34 0.08 13.98
C GLU A 3 -24.34 0.74 12.60
N GLU A 4 -25.06 1.84 12.49
CA GLU A 4 -24.95 2.70 11.31
C GLU A 4 -24.91 4.17 11.72
N LYS A 5 -23.82 4.57 12.38
CA LYS A 5 -23.69 5.93 12.88
C LYS A 5 -22.66 5.99 14.00
N GLU A 6 -21.43 5.60 13.69
CA GLU A 6 -20.41 5.39 14.71
C GLU A 6 -19.02 5.30 14.08
N GLU A 7 -18.82 4.28 13.25
CA GLU A 7 -17.51 3.99 12.69
C GLU A 7 -17.58 3.82 11.18
N LYS A 8 -16.59 4.36 10.47
CA LYS A 8 -16.42 4.08 9.05
C LYS A 8 -15.06 3.45 8.78
N LYS A 9 -14.65 2.53 9.64
CA LYS A 9 -13.24 2.19 9.78
C LYS A 9 -12.78 1.28 8.65
N VAL A 10 -11.48 1.30 8.37
CA VAL A 10 -10.92 0.51 7.27
C VAL A 10 -10.09 -0.65 7.80
N ARG A 11 -9.46 -1.38 6.88
CA ARG A 11 -8.76 -2.60 7.24
C ARG A 11 -7.43 -2.29 7.92
N GLU A 12 -7.11 -3.03 8.97
CA GLU A 12 -6.07 -2.64 9.91
C GLU A 12 -4.69 -3.03 9.39
N LEU A 13 -3.66 -2.72 10.17
CA LEU A 13 -2.29 -2.81 9.70
C LEU A 13 -1.46 -3.75 10.58
N THR A 14 -1.69 -5.05 10.44
CA THR A 14 -0.94 -6.04 11.20
C THR A 14 0.30 -6.49 10.43
N PRO A 15 1.30 -6.97 11.18
CA PRO A 15 2.53 -7.53 10.58
C PRO A 15 2.26 -8.77 9.75
N GLN A 16 1.09 -9.37 9.95
CA GLN A 16 0.70 -10.57 9.21
C GLN A 16 0.05 -10.19 7.88
N GLU A 17 -0.87 -9.24 7.92
CA GLU A 17 -1.62 -8.84 6.73
C GLU A 17 -0.74 -8.05 5.78
N LEU A 18 0.11 -7.19 6.33
CA LEU A 18 0.87 -6.24 5.54
C LEU A 18 1.89 -6.96 4.65
N GLU A 19 2.27 -8.17 5.05
CA GLU A 19 3.28 -8.92 4.33
C GLU A 19 2.82 -9.21 2.90
N LEU A 20 1.51 -9.34 2.71
CA LEU A 20 0.95 -9.66 1.41
C LEU A 20 1.25 -8.55 0.41
N PHE A 21 1.33 -7.32 0.91
CA PHE A 21 1.61 -6.16 0.06
C PHE A 21 3.01 -6.24 -0.54
N LYS A 22 4.02 -6.30 0.32
CA LYS A 22 5.40 -6.38 -0.12
C LYS A 22 5.66 -7.69 -0.86
N ARG A 23 4.86 -8.71 -0.56
CA ARG A 23 4.90 -9.96 -1.28
C ARG A 23 4.51 -9.75 -2.75
N ALA A 24 3.39 -9.06 -2.95
CA ALA A 24 2.85 -8.87 -4.29
C ALA A 24 3.75 -7.96 -5.12
N MET A 25 4.39 -7.01 -4.47
CA MET A 25 5.27 -6.07 -5.16
C MET A 25 6.60 -6.72 -5.51
N GLY A 26 6.88 -7.86 -4.90
CA GLY A 26 8.12 -8.56 -5.14
C GLY A 26 9.32 -7.81 -4.58
N ILE A 27 9.14 -7.17 -3.43
CA ILE A 27 10.15 -6.28 -2.87
C ILE A 27 11.35 -7.06 -2.35
N THR A 28 12.54 -6.66 -2.78
CA THR A 28 13.76 -7.40 -2.45
C THR A 28 14.48 -6.77 -1.26
N PRO A 29 15.35 -7.55 -0.62
CA PRO A 29 16.16 -7.09 0.50
C PRO A 29 17.07 -5.92 0.11
N HIS A 30 17.30 -5.77 -1.19
CA HIS A 30 18.08 -4.66 -1.70
C HIS A 30 17.31 -3.35 -1.58
N ASN A 31 16.07 -3.35 -2.06
CA ASN A 31 15.24 -2.16 -2.00
C ASN A 31 14.16 -2.30 -0.93
N TYR A 32 14.39 -3.18 0.02
CA TYR A 32 13.45 -3.42 1.10
C TYR A 32 13.29 -2.17 1.96
N TRP A 33 14.41 -1.64 2.46
CA TRP A 33 14.39 -0.41 3.25
C TRP A 33 13.90 0.76 2.43
N GLN A 34 14.15 0.73 1.13
CA GLN A 34 13.72 1.78 0.22
C GLN A 34 12.19 1.84 0.15
N TRP A 35 11.57 0.67 0.00
CA TRP A 35 10.12 0.56 -0.01
C TRP A 35 9.55 0.81 1.38
N ALA A 36 10.25 0.31 2.39
CA ALA A 36 9.83 0.50 3.78
C ALA A 36 9.71 1.98 4.12
N SER A 37 10.48 2.81 3.43
CA SER A 37 10.41 4.25 3.63
C SER A 37 9.16 4.84 2.96
N ARG A 38 9.00 4.56 1.67
CA ARG A 38 7.90 5.13 0.90
C ARG A 38 6.56 4.64 1.43
N THR A 39 6.57 3.46 2.04
CA THR A 39 5.32 2.82 2.46
C THR A 39 5.03 3.10 3.93
N ASN A 40 5.88 3.90 4.56
CA ASN A 40 5.73 4.23 5.97
C ASN A 40 5.63 2.96 6.81
N ASN A 41 6.69 2.15 6.78
CA ASN A 41 6.71 0.89 7.50
C ASN A 41 5.68 -0.09 6.93
N PHE A 42 5.51 -0.05 5.61
CA PHE A 42 4.53 -0.89 4.94
C PHE A 42 3.15 -0.74 5.59
N LYS A 43 2.85 0.47 6.03
CA LYS A 43 1.55 0.77 6.63
C LYS A 43 0.61 1.41 5.61
N LEU A 44 -0.26 0.59 5.02
CA LEU A 44 -1.17 1.07 3.99
C LEU A 44 -2.61 0.67 4.31
N LEU A 45 -3.51 1.66 4.25
CA LEU A 45 -4.90 1.43 4.60
C LEU A 45 -5.74 1.18 3.34
N THR A 46 -6.81 0.40 3.49
CA THR A 46 -7.74 0.16 2.40
C THR A 46 -8.98 -0.57 2.88
N ASP A 47 -9.98 -0.67 2.01
CA ASP A 47 -11.17 -1.46 2.30
C ASP A 47 -11.80 -2.00 1.02
N GLY A 48 -11.25 -3.09 0.51
CA GLY A 48 -11.76 -3.67 -0.71
C GLY A 48 -11.63 -2.73 -1.89
N GLU A 49 -10.65 -1.84 -1.84
CA GLU A 49 -10.52 -0.78 -2.83
C GLU A 49 -9.06 -0.42 -3.04
N TRP A 50 -8.82 0.68 -3.77
CA TRP A 50 -7.48 1.21 -3.94
C TRP A 50 -6.78 1.39 -2.58
N VAL A 51 -5.50 1.07 -2.53
CA VAL A 51 -4.75 1.12 -1.28
C VAL A 51 -3.89 2.38 -1.21
N TRP A 52 -3.76 2.93 0.00
CA TRP A 52 -2.93 4.12 0.22
C TRP A 52 -2.08 3.96 1.47
N VAL A 53 -0.97 4.69 1.50
CA VAL A 53 -0.08 4.66 2.66
C VAL A 53 -0.56 5.60 3.75
N GLU A 54 -0.61 5.11 4.99
CA GLU A 54 -1.06 5.91 6.12
C GLU A 54 -0.24 7.19 6.24
N GLY A 55 -0.94 8.33 6.26
CA GLY A 55 -0.26 9.61 6.39
C GLY A 55 -0.07 10.29 5.04
N TYR A 56 -0.31 9.54 3.97
CA TYR A 56 -0.13 10.07 2.62
C TYR A 56 -1.46 10.14 1.88
N GLU A 57 -2.54 9.85 2.60
CA GLU A 57 -3.87 10.09 2.07
C GLU A 57 -4.11 11.58 1.82
N GLU A 58 -3.24 12.41 2.38
CA GLU A 58 -3.23 13.84 2.06
C GLU A 58 -2.49 14.10 0.75
N HIS A 59 -1.75 13.10 0.28
CA HIS A 59 -0.97 13.23 -0.95
C HIS A 59 -1.60 12.44 -2.07
N ILE A 60 -2.91 12.25 -2.01
CA ILE A 60 -3.63 11.48 -3.03
C ILE A 60 -4.29 12.41 -4.05
N GLY A 61 -4.24 12.01 -5.32
CA GLY A 61 -4.82 12.82 -6.37
C GLY A 61 -3.85 13.86 -6.92
N LYS A 62 -2.57 13.69 -6.57
CA LYS A 62 -1.54 14.62 -7.03
C LYS A 62 -0.69 13.98 -8.13
N GLN A 63 -0.01 14.82 -8.90
CA GLN A 63 0.85 14.34 -9.98
C GLN A 63 2.22 13.96 -9.44
N LEU A 64 2.35 12.75 -8.95
CA LEU A 64 3.60 12.27 -8.37
C LEU A 64 4.15 11.06 -9.14
N PRO A 65 5.47 11.01 -9.30
CA PRO A 65 6.14 9.87 -9.92
C PRO A 65 6.06 8.61 -9.06
N LEU A 66 6.58 7.51 -9.59
CA LEU A 66 6.56 6.23 -8.88
C LEU A 66 7.35 6.32 -7.59
N ASN A 67 8.39 7.15 -7.59
CA ASN A 67 9.22 7.35 -6.41
C ASN A 67 8.44 8.09 -5.32
N GLN A 68 7.51 8.94 -5.74
CA GLN A 68 6.74 9.75 -4.80
C GLN A 68 5.33 9.18 -4.64
N ALA A 69 4.99 8.19 -5.47
CA ALA A 69 3.69 7.55 -5.39
C ALA A 69 3.46 6.93 -4.02
N ARG A 70 2.25 7.11 -3.50
CA ARG A 70 1.91 6.63 -2.16
C ARG A 70 0.55 5.94 -2.14
N ALA A 71 0.20 5.33 -3.27
CA ALA A 71 -1.06 4.61 -3.38
C ALA A 71 -1.06 3.67 -4.59
N TRP A 72 -1.63 2.48 -4.42
CA TRP A 72 -1.78 1.55 -5.52
C TRP A 72 -3.13 0.83 -5.45
N SER A 73 -3.57 0.30 -6.59
CA SER A 73 -4.85 -0.40 -6.65
C SER A 73 -4.68 -1.87 -6.29
N TRP A 74 -5.75 -2.48 -5.78
CA TRP A 74 -5.81 -3.93 -5.62
C TRP A 74 -5.53 -4.63 -6.94
N GLU A 75 -5.89 -3.98 -8.05
CA GLU A 75 -5.68 -4.55 -9.37
C GLU A 75 -4.19 -4.55 -9.73
N PHE A 76 -3.50 -3.49 -9.35
CA PHE A 76 -2.05 -3.41 -9.54
C PHE A 76 -1.32 -4.40 -8.63
N ILE A 77 -1.79 -4.49 -7.38
CA ILE A 77 -1.23 -5.43 -6.43
C ILE A 77 -1.32 -6.86 -6.95
N LYS A 78 -2.49 -7.23 -7.47
CA LYS A 78 -2.69 -8.55 -8.06
C LYS A 78 -1.92 -8.66 -9.38
N ASN A 79 -1.78 -7.55 -10.08
CA ASN A 79 -1.06 -7.52 -11.35
C ASN A 79 0.36 -8.07 -11.17
N ARG A 80 1.07 -7.54 -10.17
CA ARG A 80 2.42 -8.01 -9.86
C ARG A 80 2.38 -9.38 -9.21
N LEU A 81 1.38 -9.59 -8.35
CA LEU A 81 1.25 -10.87 -7.64
C LEU A 81 0.98 -12.01 -8.61
N LYS A 82 0.16 -11.75 -9.62
CA LYS A 82 -0.11 -12.74 -10.65
C LYS A 82 1.14 -13.05 -11.47
N GLU A 83 2.00 -12.05 -11.61
CA GLU A 83 3.29 -12.25 -12.28
C GLU A 83 4.23 -13.07 -11.41
N LEU A 84 4.06 -12.95 -10.09
CA LEU A 84 4.87 -13.72 -9.15
C LEU A 84 4.42 -15.18 -9.13
N ASN A 85 3.14 -15.40 -9.38
CA ASN A 85 2.59 -16.76 -9.45
C ASN A 85 3.03 -17.45 -10.74
N LEU A 86 3.55 -18.67 -10.60
CA LEU A 86 4.05 -19.42 -11.74
C LEU A 86 3.40 -20.80 -11.81
N GLY A 1 -8.52 3.61 12.86
CA GLY A 1 -8.99 4.95 13.19
C GLY A 1 -8.75 5.94 12.08
N SER A 2 -8.62 7.21 12.45
CA SER A 2 -9.02 8.31 11.57
C SER A 2 -7.93 8.62 10.56
N GLU A 3 -7.08 9.60 10.90
CA GLU A 3 -6.42 10.41 9.89
C GLU A 3 -7.42 10.99 8.90
N GLU A 4 -7.40 10.47 7.67
CA GLU A 4 -8.63 10.18 6.94
C GLU A 4 -9.11 11.41 6.16
N LYS A 5 -9.65 11.17 4.98
CA LYS A 5 -10.44 12.19 4.28
C LYS A 5 -11.50 11.55 3.40
N GLU A 6 -12.40 10.80 4.02
CA GLU A 6 -13.73 10.58 3.47
C GLU A 6 -14.20 9.15 3.71
N GLU A 7 -14.05 8.68 4.95
CA GLU A 7 -14.66 7.43 5.38
C GLU A 7 -14.45 7.20 6.87
N LYS A 8 -15.54 6.89 7.58
CA LYS A 8 -15.46 6.62 9.00
C LYS A 8 -15.06 5.16 9.25
N LYS A 9 -14.33 4.58 8.32
CA LYS A 9 -13.91 3.19 8.42
C LYS A 9 -12.77 2.89 7.44
N VAL A 10 -11.75 2.20 7.92
CA VAL A 10 -10.80 1.52 7.03
C VAL A 10 -10.50 0.11 7.53
N ARG A 11 -9.60 -0.58 6.83
CA ARG A 11 -9.09 -1.85 7.29
C ARG A 11 -7.68 -1.70 7.86
N GLU A 12 -7.41 -2.41 8.95
CA GLU A 12 -6.26 -2.11 9.79
C GLU A 12 -4.98 -2.68 9.17
N LEU A 13 -3.85 -2.41 9.81
CA LEU A 13 -2.57 -2.96 9.36
C LEU A 13 -2.37 -4.37 9.90
N THR A 14 -2.79 -5.36 9.12
CA THR A 14 -2.61 -6.76 9.51
C THR A 14 -1.36 -7.35 8.89
N PRO A 15 -0.79 -8.37 9.56
CA PRO A 15 0.37 -9.10 9.04
C PRO A 15 0.10 -9.73 7.68
N GLN A 16 -1.16 -10.07 7.43
CA GLN A 16 -1.57 -10.60 6.13
C GLN A 16 -1.52 -9.52 5.06
N GLU A 17 -2.10 -8.37 5.35
CA GLU A 17 -2.21 -7.30 4.37
C GLU A 17 -0.85 -6.69 4.07
N LEU A 18 0.05 -6.76 5.05
CA LEU A 18 1.36 -6.11 4.93
C LEU A 18 2.35 -7.02 4.21
N GLU A 19 2.29 -8.31 4.52
CA GLU A 19 3.21 -9.28 3.92
C GLU A 19 2.89 -9.50 2.44
N LEU A 20 1.60 -9.60 2.13
CA LEU A 20 1.16 -9.77 0.76
C LEU A 20 1.48 -8.54 -0.08
N PHE A 21 1.59 -7.39 0.59
CA PHE A 21 1.96 -6.15 -0.08
C PHE A 21 3.38 -6.22 -0.60
N LYS A 22 4.34 -6.44 0.30
CA LYS A 22 5.74 -6.58 -0.07
C LYS A 22 5.96 -7.82 -0.93
N ARG A 23 5.10 -8.82 -0.75
CA ARG A 23 5.11 -9.99 -1.60
C ARG A 23 4.73 -9.63 -3.03
N ALA A 24 3.71 -8.79 -3.18
CA ALA A 24 3.22 -8.40 -4.49
C ALA A 24 4.20 -7.45 -5.18
N MET A 25 4.80 -6.57 -4.40
CA MET A 25 5.73 -5.57 -4.94
C MET A 25 7.07 -6.20 -5.28
N GLY A 26 7.29 -7.42 -4.81
CA GLY A 26 8.53 -8.10 -5.09
C GLY A 26 9.70 -7.53 -4.30
N ILE A 27 9.42 -7.06 -3.09
CA ILE A 27 10.40 -6.33 -2.31
C ILE A 27 11.45 -7.27 -1.72
N THR A 28 12.72 -6.99 -2.00
CA THR A 28 13.81 -7.82 -1.50
C THR A 28 14.52 -7.14 -0.32
N PRO A 29 15.21 -7.95 0.48
CA PRO A 29 16.02 -7.44 1.61
C PRO A 29 17.11 -6.48 1.15
N HIS A 30 17.42 -6.51 -0.14
CA HIS A 30 18.36 -5.57 -0.72
C HIS A 30 17.77 -4.17 -0.79
N ASN A 31 16.49 -4.09 -1.18
CA ASN A 31 15.82 -2.81 -1.34
C ASN A 31 14.63 -2.70 -0.37
N TYR A 32 14.65 -3.51 0.68
CA TYR A 32 13.61 -3.48 1.68
C TYR A 32 13.60 -2.15 2.43
N TRP A 33 14.78 -1.74 2.91
CA TRP A 33 14.90 -0.49 3.64
C TRP A 33 14.53 0.70 2.76
N GLN A 34 14.73 0.54 1.45
CA GLN A 34 14.35 1.59 0.50
C GLN A 34 12.83 1.74 0.42
N TRP A 35 12.14 0.61 0.32
CA TRP A 35 10.67 0.61 0.37
C TRP A 35 10.18 1.04 1.73
N ALA A 36 10.90 0.64 2.78
CA ALA A 36 10.53 0.99 4.15
C ALA A 36 10.51 2.49 4.35
N SER A 37 11.35 3.19 3.59
CA SER A 37 11.47 4.65 3.71
C SER A 37 10.25 5.34 3.09
N ARG A 38 9.81 4.83 1.95
CA ARG A 38 8.75 5.48 1.18
C ARG A 38 7.38 5.09 1.72
N THR A 39 7.30 3.90 2.32
CA THR A 39 6.04 3.37 2.82
C THR A 39 5.81 3.78 4.27
N ASN A 40 6.73 4.58 4.81
CA ASN A 40 6.67 5.00 6.21
C ASN A 40 6.57 3.78 7.12
N ASN A 41 7.56 2.89 7.03
CA ASN A 41 7.59 1.67 7.84
C ASN A 41 6.43 0.77 7.48
N PHE A 42 6.05 0.76 6.20
CA PHE A 42 4.98 -0.11 5.72
C PHE A 42 3.72 0.07 6.56
N LYS A 43 3.45 1.31 6.95
CA LYS A 43 2.19 1.64 7.62
C LYS A 43 1.10 1.96 6.60
N LEU A 44 0.31 0.94 6.24
CA LEU A 44 -0.59 1.04 5.11
C LEU A 44 -2.05 0.84 5.55
N LEU A 45 -2.92 1.73 5.09
CA LEU A 45 -4.35 1.57 5.31
C LEU A 45 -5.07 1.34 3.98
N THR A 46 -6.22 0.66 4.03
CA THR A 46 -6.99 0.35 2.84
C THR A 46 -8.41 -0.05 3.20
N ASP A 47 -9.31 0.07 2.22
CA ASP A 47 -10.67 -0.45 2.36
C ASP A 47 -11.27 -0.78 1.00
N GLY A 48 -11.00 -1.99 0.51
CA GLY A 48 -11.58 -2.43 -0.74
C GLY A 48 -11.22 -1.54 -1.90
N GLU A 49 -10.21 -0.70 -1.71
CA GLU A 49 -9.85 0.31 -2.70
C GLU A 49 -8.34 0.36 -2.90
N TRP A 50 -7.76 1.55 -2.78
CA TRP A 50 -6.32 1.71 -2.78
C TRP A 50 -5.73 1.28 -1.44
N VAL A 51 -4.53 0.70 -1.48
CA VAL A 51 -3.67 0.65 -0.31
C VAL A 51 -2.70 1.82 -0.28
N TRP A 52 -2.83 2.66 0.74
CA TRP A 52 -2.10 3.93 0.78
C TRP A 52 -1.28 4.03 2.06
N VAL A 53 -0.25 4.88 2.03
CA VAL A 53 0.62 5.08 3.18
C VAL A 53 0.03 6.09 4.15
N GLU A 54 -0.09 5.70 5.41
CA GLU A 54 -0.60 6.58 6.45
C GLU A 54 0.12 7.93 6.41
N GLY A 55 -0.66 9.01 6.33
CA GLY A 55 -0.09 10.34 6.34
C GLY A 55 -0.11 11.01 4.98
N TYR A 56 -0.41 10.22 3.95
CA TYR A 56 -0.45 10.73 2.59
C TYR A 56 -1.87 10.66 2.03
N GLU A 57 -2.85 10.93 2.88
CA GLU A 57 -4.24 11.03 2.44
C GLU A 57 -4.37 12.02 1.27
N GLU A 58 -3.41 12.93 1.17
CA GLU A 58 -3.37 13.87 0.06
C GLU A 58 -3.21 13.13 -1.27
N HIS A 59 -2.34 12.13 -1.27
CA HIS A 59 -1.92 11.50 -2.52
C HIS A 59 -2.96 10.49 -3.00
N ILE A 60 -3.92 10.18 -2.14
CA ILE A 60 -4.98 9.24 -2.49
C ILE A 60 -5.79 9.75 -3.68
N GLY A 61 -5.91 8.92 -4.71
CA GLY A 61 -6.70 9.27 -5.87
C GLY A 61 -5.91 10.05 -6.90
N LYS A 62 -4.59 9.97 -6.81
CA LYS A 62 -3.71 10.57 -7.81
C LYS A 62 -2.87 9.50 -8.51
N GLN A 63 -2.30 9.87 -9.65
CA GLN A 63 -1.46 8.95 -10.41
C GLN A 63 0.01 9.30 -10.25
N LEU A 64 0.73 8.51 -9.46
CA LEU A 64 2.16 8.74 -9.23
C LEU A 64 2.99 7.59 -9.77
N PRO A 65 3.37 7.68 -11.05
CA PRO A 65 4.20 6.67 -11.71
C PRO A 65 5.64 6.70 -11.20
N LEU A 66 6.02 7.78 -10.54
CA LEU A 66 7.39 7.96 -10.07
C LEU A 66 7.55 7.32 -8.69
N ASN A 67 8.77 7.41 -8.15
CA ASN A 67 9.05 6.88 -6.82
C ASN A 67 8.37 7.73 -5.74
N GLN A 68 7.74 8.82 -6.17
CA GLN A 68 6.98 9.66 -5.25
C GLN A 68 5.67 9.00 -4.85
N ALA A 69 5.33 7.90 -5.54
CA ALA A 69 4.12 7.16 -5.23
C ALA A 69 4.02 6.86 -3.74
N ARG A 70 2.85 7.11 -3.17
CA ARG A 70 2.60 6.80 -1.77
C ARG A 70 1.25 6.09 -1.61
N ALA A 71 0.73 5.55 -2.71
CA ALA A 71 -0.56 4.88 -2.69
C ALA A 71 -0.72 3.99 -3.92
N TRP A 72 -1.36 2.84 -3.74
CA TRP A 72 -1.58 1.91 -4.83
C TRP A 72 -2.97 1.30 -4.76
N SER A 73 -3.44 0.74 -5.87
CA SER A 73 -4.73 0.08 -5.91
C SER A 73 -4.59 -1.40 -5.56
N TRP A 74 -5.64 -1.96 -4.96
CA TRP A 74 -5.75 -3.42 -4.82
C TRP A 74 -5.70 -4.10 -6.19
N GLU A 75 -6.21 -3.42 -7.21
CA GLU A 75 -6.14 -3.93 -8.58
C GLU A 75 -4.72 -3.88 -9.11
N PHE A 76 -3.97 -2.86 -8.71
CA PHE A 76 -2.56 -2.77 -9.03
C PHE A 76 -1.77 -3.86 -8.31
N ILE A 77 -2.08 -4.07 -7.03
CA ILE A 77 -1.47 -5.14 -6.26
C ILE A 77 -1.74 -6.50 -6.89
N LYS A 78 -2.98 -6.71 -7.33
CA LYS A 78 -3.34 -7.93 -8.04
C LYS A 78 -2.58 -8.04 -9.35
N ASN A 79 -2.42 -6.92 -10.04
CA ASN A 79 -1.67 -6.88 -11.29
C ASN A 79 -0.20 -7.21 -11.06
N ARG A 80 0.32 -6.81 -9.90
CA ARG A 80 1.70 -7.10 -9.54
C ARG A 80 1.89 -8.59 -9.30
N LEU A 81 0.93 -9.21 -8.62
CA LEU A 81 0.95 -10.64 -8.41
C LEU A 81 0.81 -11.40 -9.73
N LYS A 82 0.06 -10.82 -10.66
CA LYS A 82 -0.12 -11.40 -11.98
C LYS A 82 1.20 -11.32 -12.78
N GLU A 83 1.97 -10.27 -12.52
CA GLU A 83 3.28 -10.13 -13.13
C GLU A 83 4.28 -11.11 -12.53
N LEU A 84 4.07 -11.45 -11.27
CA LEU A 84 4.91 -12.44 -10.59
C LEU A 84 4.60 -13.85 -11.08
N ASN A 85 3.32 -14.13 -11.30
CA ASN A 85 2.89 -15.45 -11.76
C ASN A 85 2.75 -15.48 -13.27
N LEU A 86 3.82 -15.88 -13.95
CA LEU A 86 3.81 -15.96 -15.41
C LEU A 86 4.07 -17.38 -15.88
N GLY A 1 5.93 12.87 12.33
CA GLY A 1 5.99 14.19 12.94
C GLY A 1 4.69 14.94 12.82
N SER A 2 4.50 15.94 13.69
CA SER A 2 3.22 16.63 13.79
C SER A 2 2.97 17.49 12.55
N GLU A 3 2.06 17.03 11.70
CA GLU A 3 1.56 17.86 10.60
C GLU A 3 0.27 17.27 10.02
N GLU A 4 0.42 16.38 9.06
CA GLU A 4 -0.72 15.60 8.56
C GLU A 4 -1.24 14.64 9.63
N LYS A 5 -2.55 14.62 9.82
CA LYS A 5 -3.14 14.14 11.06
C LYS A 5 -4.57 13.67 10.83
N GLU A 6 -4.84 12.42 11.20
CA GLU A 6 -5.66 11.54 10.38
C GLU A 6 -6.80 10.93 11.20
N GLU A 7 -7.95 10.74 10.57
CA GLU A 7 -8.99 9.89 11.11
C GLU A 7 -9.04 8.54 10.39
N LYS A 8 -8.53 7.51 11.04
CA LYS A 8 -8.15 6.27 10.35
C LYS A 8 -9.38 5.41 10.11
N LYS A 9 -10.34 5.94 9.37
CA LYS A 9 -11.52 5.18 8.97
C LYS A 9 -11.17 4.17 7.87
N VAL A 10 -10.61 3.03 8.27
CA VAL A 10 -9.96 2.13 7.34
C VAL A 10 -9.87 0.71 7.90
N ARG A 11 -9.34 -0.21 7.11
CA ARG A 11 -9.10 -1.57 7.57
C ARG A 11 -7.71 -1.71 8.17
N GLU A 12 -7.52 -2.74 8.99
CA GLU A 12 -6.35 -2.81 9.86
C GLU A 12 -5.11 -3.19 9.07
N LEU A 13 -3.98 -3.30 9.78
CA LEU A 13 -2.71 -3.64 9.14
C LEU A 13 -2.25 -5.03 9.56
N THR A 14 -2.81 -6.05 8.92
CA THR A 14 -2.47 -7.44 9.25
C THR A 14 -1.15 -7.84 8.61
N PRO A 15 -0.48 -8.84 9.22
CA PRO A 15 0.75 -9.42 8.67
C PRO A 15 0.53 -10.07 7.32
N GLN A 16 -0.70 -10.53 7.06
CA GLN A 16 -1.06 -11.08 5.77
C GLN A 16 -1.15 -9.99 4.72
N GLU A 17 -1.83 -8.88 5.06
CA GLU A 17 -2.01 -7.78 4.13
C GLU A 17 -0.68 -7.12 3.80
N LEU A 18 0.21 -7.09 4.78
CA LEU A 18 1.49 -6.40 4.63
C LEU A 18 2.50 -7.27 3.86
N GLU A 19 2.53 -8.56 4.20
CA GLU A 19 3.50 -9.48 3.60
C GLU A 19 3.14 -9.74 2.13
N LEU A 20 1.85 -9.91 1.86
CA LEU A 20 1.37 -10.13 0.50
C LEU A 20 1.65 -8.91 -0.38
N PHE A 21 1.67 -7.74 0.25
CA PHE A 21 1.99 -6.51 -0.47
C PHE A 21 3.44 -6.51 -0.96
N LYS A 22 4.37 -6.69 -0.03
CA LYS A 22 5.79 -6.72 -0.36
C LYS A 22 6.11 -7.92 -1.24
N ARG A 23 5.34 -8.99 -1.09
CA ARG A 23 5.49 -10.18 -1.91
C ARG A 23 5.13 -9.87 -3.36
N ALA A 24 3.96 -9.28 -3.57
CA ALA A 24 3.51 -8.91 -4.90
C ALA A 24 4.37 -7.77 -5.46
N MET A 25 4.75 -6.85 -4.58
CA MET A 25 5.54 -5.68 -4.99
C MET A 25 6.93 -6.09 -5.43
N GLY A 26 7.43 -7.19 -4.86
CA GLY A 26 8.77 -7.65 -5.20
C GLY A 26 9.84 -6.95 -4.39
N ILE A 27 9.52 -6.59 -3.15
CA ILE A 27 10.43 -5.84 -2.30
C ILE A 27 11.51 -6.75 -1.73
N THR A 28 12.77 -6.35 -1.90
CA THR A 28 13.90 -7.17 -1.49
C THR A 28 14.64 -6.54 -0.33
N PRO A 29 15.42 -7.36 0.40
CA PRO A 29 16.22 -6.90 1.54
C PRO A 29 17.23 -5.82 1.14
N HIS A 30 17.45 -5.68 -0.17
CA HIS A 30 18.36 -4.67 -0.68
C HIS A 30 17.69 -3.30 -0.72
N ASN A 31 16.41 -3.28 -1.08
CA ASN A 31 15.65 -2.04 -1.12
C ASN A 31 14.50 -2.08 -0.10
N TYR A 32 14.60 -2.98 0.86
CA TYR A 32 13.60 -3.10 1.91
C TYR A 32 13.57 -1.85 2.77
N TRP A 33 14.75 -1.42 3.21
CA TRP A 33 14.87 -0.20 4.02
C TRP A 33 14.40 1.02 3.23
N GLN A 34 14.55 0.96 1.91
CA GLN A 34 14.07 2.02 1.03
C GLN A 34 12.54 2.06 1.02
N TRP A 35 11.93 0.88 0.93
CA TRP A 35 10.48 0.77 0.99
C TRP A 35 9.97 1.00 2.40
N ALA A 36 10.82 0.73 3.38
CA ALA A 36 10.50 1.02 4.77
C ALA A 36 10.41 2.52 5.02
N SER A 37 11.30 3.28 4.39
CA SER A 37 11.28 4.74 4.49
C SER A 37 10.26 5.33 3.54
N ARG A 38 9.93 4.59 2.49
CA ARG A 38 8.90 5.00 1.54
C ARG A 38 7.51 4.92 2.18
N THR A 39 7.23 3.79 2.83
CA THR A 39 5.89 3.49 3.30
C THR A 39 5.71 3.88 4.76
N ASN A 40 6.69 4.62 5.29
CA ASN A 40 6.65 5.05 6.68
C ASN A 40 6.41 3.88 7.61
N ASN A 41 7.33 2.91 7.59
CA ASN A 41 7.20 1.71 8.40
C ASN A 41 6.03 0.85 7.93
N PHE A 42 5.81 0.83 6.62
CA PHE A 42 4.77 0.01 6.03
C PHE A 42 3.42 0.23 6.73
N LYS A 43 3.12 1.50 7.00
CA LYS A 43 1.83 1.88 7.57
C LYS A 43 0.76 1.99 6.48
N LEU A 44 0.64 0.93 5.68
CA LEU A 44 -0.37 0.90 4.61
C LEU A 44 -1.75 0.67 5.19
N LEU A 45 -2.73 1.38 4.63
CA LEU A 45 -4.13 1.22 5.04
C LEU A 45 -5.06 1.24 3.84
N THR A 46 -6.24 0.65 4.00
CA THR A 46 -7.23 0.60 2.92
C THR A 46 -8.58 0.16 3.43
N ASP A 47 -9.64 0.55 2.72
CA ASP A 47 -10.99 0.10 3.05
C ASP A 47 -11.81 -0.07 1.78
N GLY A 48 -11.79 -1.28 1.22
CA GLY A 48 -12.51 -1.53 -0.01
C GLY A 48 -11.96 -0.72 -1.18
N GLU A 49 -10.71 -0.30 -1.07
CA GLU A 49 -10.13 0.63 -2.03
C GLU A 49 -8.67 0.26 -2.32
N TRP A 50 -8.01 1.07 -3.15
CA TRP A 50 -6.57 1.01 -3.29
C TRP A 50 -5.88 1.26 -1.94
N VAL A 51 -4.68 0.71 -1.80
CA VAL A 51 -3.90 0.91 -0.58
C VAL A 51 -3.06 2.18 -0.65
N TRP A 52 -3.01 2.91 0.45
CA TRP A 52 -2.21 4.13 0.52
C TRP A 52 -1.42 4.17 1.83
N VAL A 53 -0.32 4.93 1.83
CA VAL A 53 0.55 5.03 3.00
C VAL A 53 -0.01 6.04 4.00
N GLU A 54 -0.10 5.62 5.26
CA GLU A 54 -0.45 6.54 6.33
C GLU A 54 0.33 7.84 6.24
N GLY A 55 -0.38 8.96 6.29
CA GLY A 55 0.29 10.26 6.30
C GLY A 55 0.31 10.89 4.91
N TYR A 56 0.13 10.07 3.89
CA TYR A 56 0.09 10.57 2.51
C TYR A 56 -1.32 10.50 1.95
N GLU A 57 -2.30 10.74 2.81
CA GLU A 57 -3.64 11.12 2.35
C GLU A 57 -3.59 12.42 1.55
N GLU A 58 -2.50 13.17 1.70
CA GLU A 58 -2.20 14.27 0.80
C GLU A 58 -2.05 13.79 -0.64
N HIS A 59 -1.84 12.48 -0.80
CA HIS A 59 -1.54 11.91 -2.10
C HIS A 59 -2.65 10.97 -2.56
N ILE A 60 -3.88 11.38 -2.34
CA ILE A 60 -5.04 10.61 -2.80
C ILE A 60 -5.80 11.35 -3.89
N GLY A 61 -5.84 10.74 -5.07
CA GLY A 61 -6.47 11.40 -6.21
C GLY A 61 -5.51 12.31 -6.95
N LYS A 62 -4.22 12.11 -6.73
CA LYS A 62 -3.19 12.92 -7.39
C LYS A 62 -2.46 12.12 -8.45
N GLN A 63 -2.17 12.76 -9.58
CA GLN A 63 -1.43 12.12 -10.66
C GLN A 63 0.08 12.22 -10.42
N LEU A 64 0.62 11.29 -9.65
CA LEU A 64 2.04 11.31 -9.30
C LEU A 64 2.75 10.08 -9.85
N PRO A 65 4.07 10.24 -10.11
CA PRO A 65 4.89 9.15 -10.64
C PRO A 65 5.16 8.07 -9.60
N LEU A 66 5.58 6.89 -10.07
CA LEU A 66 5.82 5.76 -9.18
C LEU A 66 6.86 6.11 -8.12
N ASN A 67 7.78 7.00 -8.48
CA ASN A 67 8.79 7.46 -7.54
C ASN A 67 8.17 8.32 -6.45
N GLN A 68 7.20 9.15 -6.83
CA GLN A 68 6.54 10.04 -5.88
C GLN A 68 5.18 9.48 -5.46
N ALA A 69 4.91 8.25 -5.87
CA ALA A 69 3.65 7.59 -5.52
C ALA A 69 3.72 6.99 -4.12
N ARG A 70 2.62 7.08 -3.39
CA ARG A 70 2.53 6.46 -2.07
C ARG A 70 1.21 5.71 -1.92
N ALA A 71 0.75 5.10 -3.01
CA ALA A 71 -0.50 4.37 -3.00
C ALA A 71 -0.62 3.46 -4.23
N TRP A 72 -1.20 2.28 -4.04
CA TRP A 72 -1.35 1.32 -5.12
C TRP A 72 -2.69 0.61 -5.03
N SER A 73 -3.22 0.18 -6.18
CA SER A 73 -4.52 -0.45 -6.23
C SER A 73 -4.41 -1.95 -5.92
N TRP A 74 -5.48 -2.51 -5.37
CA TRP A 74 -5.59 -3.96 -5.22
C TRP A 74 -5.49 -4.65 -6.57
N GLU A 75 -5.94 -3.98 -7.62
CA GLU A 75 -5.83 -4.50 -8.98
C GLU A 75 -4.38 -4.54 -9.43
N PHE A 76 -3.59 -3.55 -9.00
CA PHE A 76 -2.16 -3.56 -9.22
C PHE A 76 -1.50 -4.72 -8.47
N ILE A 77 -1.85 -4.86 -7.19
CA ILE A 77 -1.34 -5.96 -6.39
C ILE A 77 -1.69 -7.31 -7.02
N LYS A 78 -2.93 -7.43 -7.50
CA LYS A 78 -3.38 -8.66 -8.11
C LYS A 78 -2.64 -8.94 -9.42
N ASN A 79 -2.40 -7.89 -10.19
CA ASN A 79 -1.66 -8.01 -11.45
C ASN A 79 -0.26 -8.54 -11.20
N ARG A 80 0.37 -8.07 -10.13
CA ARG A 80 1.71 -8.51 -9.77
C ARG A 80 1.71 -9.94 -9.25
N LEU A 81 0.64 -10.31 -8.55
CA LEU A 81 0.45 -11.68 -8.10
C LEU A 81 0.18 -12.61 -9.27
N LYS A 82 -0.49 -12.09 -10.30
CA LYS A 82 -0.68 -12.82 -11.54
C LYS A 82 0.64 -13.03 -12.26
N GLU A 83 1.53 -12.05 -12.14
CA GLU A 83 2.89 -12.17 -12.68
C GLU A 83 3.69 -13.21 -11.90
N LEU A 84 3.26 -13.48 -10.68
CA LEU A 84 3.88 -14.51 -9.85
C LEU A 84 3.20 -15.86 -10.06
N ASN A 85 2.13 -15.87 -10.85
CA ASN A 85 1.36 -17.08 -11.10
C ASN A 85 0.90 -17.69 -9.78
N LEU A 86 0.55 -16.84 -8.82
CA LEU A 86 0.12 -17.31 -7.51
C LEU A 86 -0.63 -16.20 -6.76
N GLY A 1 -17.62 5.45 -0.40
CA GLY A 1 -18.84 4.81 0.03
C GLY A 1 -18.59 3.45 0.66
N SER A 2 -18.06 3.45 1.88
CA SER A 2 -17.47 2.24 2.45
C SER A 2 -16.89 2.53 3.83
N GLU A 3 -17.61 2.10 4.87
CA GLU A 3 -17.08 2.12 6.22
C GLU A 3 -17.88 1.20 7.14
N GLU A 4 -17.21 0.64 8.15
CA GLU A 4 -17.90 -0.10 9.20
C GLU A 4 -18.23 0.81 10.38
N LYS A 5 -18.66 0.20 11.48
CA LYS A 5 -19.00 0.96 12.69
C LYS A 5 -17.76 1.20 13.54
N GLU A 6 -17.23 0.12 14.12
CA GLU A 6 -16.14 0.23 15.08
C GLU A 6 -15.07 1.20 14.58
N GLU A 7 -14.50 0.90 13.42
CA GLU A 7 -13.60 1.82 12.74
C GLU A 7 -14.13 2.15 11.35
N LYS A 8 -14.41 3.44 11.11
CA LYS A 8 -15.15 3.85 9.93
C LYS A 8 -14.29 4.77 9.06
N LYS A 9 -12.98 4.58 9.12
CA LYS A 9 -12.06 5.44 8.39
C LYS A 9 -11.19 4.62 7.43
N VAL A 10 -10.98 3.36 7.77
CA VAL A 10 -10.19 2.46 6.93
C VAL A 10 -10.58 1.01 7.15
N ARG A 11 -9.95 0.11 6.40
CA ARG A 11 -9.94 -1.30 6.74
C ARG A 11 -8.64 -1.69 7.42
N GLU A 12 -8.69 -2.76 8.21
CA GLU A 12 -7.65 -3.02 9.20
C GLU A 12 -6.33 -3.42 8.52
N LEU A 13 -5.26 -3.47 9.31
CA LEU A 13 -3.94 -3.78 8.77
C LEU A 13 -3.46 -5.14 9.28
N THR A 14 -3.86 -6.20 8.59
CA THR A 14 -3.49 -7.55 8.97
C THR A 14 -2.09 -7.90 8.47
N PRO A 15 -1.43 -8.85 9.15
CA PRO A 15 -0.13 -9.37 8.72
C PRO A 15 -0.19 -10.03 7.35
N GLN A 16 -1.36 -10.55 7.01
CA GLN A 16 -1.59 -11.12 5.68
C GLN A 16 -1.64 -10.03 4.62
N GLU A 17 -2.27 -8.92 4.96
CA GLU A 17 -2.39 -7.79 4.03
C GLU A 17 -1.03 -7.13 3.80
N LEU A 18 -0.21 -7.12 4.84
CA LEU A 18 1.11 -6.49 4.76
C LEU A 18 2.12 -7.42 4.10
N GLU A 19 2.00 -8.72 4.38
CA GLU A 19 2.89 -9.72 3.81
C GLU A 19 2.68 -9.81 2.30
N LEU A 20 1.42 -9.93 1.88
CA LEU A 20 1.09 -10.06 0.46
C LEU A 20 1.47 -8.78 -0.29
N PHE A 21 1.56 -7.68 0.42
CA PHE A 21 2.03 -6.42 -0.15
C PHE A 21 3.52 -6.51 -0.50
N LYS A 22 4.33 -6.73 0.52
CA LYS A 22 5.78 -6.81 0.34
C LYS A 22 6.14 -8.00 -0.55
N ARG A 23 5.28 -9.01 -0.56
CA ARG A 23 5.46 -10.17 -1.43
C ARG A 23 5.23 -9.79 -2.89
N ALA A 24 4.05 -9.25 -3.17
CA ALA A 24 3.67 -8.89 -4.53
C ALA A 24 4.55 -7.75 -5.06
N MET A 25 4.84 -6.79 -4.19
CA MET A 25 5.54 -5.57 -4.60
C MET A 25 7.02 -5.84 -4.82
N GLY A 26 7.46 -7.04 -4.47
CA GLY A 26 8.81 -7.47 -4.80
C GLY A 26 9.85 -6.82 -3.93
N ILE A 27 9.59 -6.78 -2.63
CA ILE A 27 10.52 -6.14 -1.69
C ILE A 27 11.80 -6.95 -1.53
N THR A 28 12.93 -6.29 -1.72
CA THR A 28 14.22 -6.96 -1.66
C THR A 28 15.07 -6.43 -0.50
N PRO A 29 16.02 -7.24 -0.04
CA PRO A 29 16.96 -6.85 1.01
C PRO A 29 17.88 -5.71 0.58
N HIS A 30 17.99 -5.52 -0.73
CA HIS A 30 18.82 -4.46 -1.28
C HIS A 30 18.07 -3.13 -1.29
N ASN A 31 16.77 -3.20 -1.57
CA ASN A 31 15.92 -2.01 -1.56
C ASN A 31 14.96 -2.03 -0.37
N TYR A 32 15.34 -2.78 0.66
CA TYR A 32 14.50 -2.92 1.84
C TYR A 32 14.26 -1.56 2.51
N TRP A 33 15.34 -0.83 2.76
CA TRP A 33 15.27 0.43 3.48
C TRP A 33 14.73 1.54 2.58
N GLN A 34 14.97 1.41 1.29
CA GLN A 34 14.44 2.36 0.31
C GLN A 34 12.91 2.30 0.28
N TRP A 35 12.36 1.09 0.25
CA TRP A 35 10.92 0.91 0.31
C TRP A 35 10.39 1.25 1.70
N ALA A 36 11.11 0.81 2.73
CA ALA A 36 10.68 1.02 4.10
C ALA A 36 10.50 2.51 4.41
N SER A 37 11.29 3.34 3.74
CA SER A 37 11.21 4.79 3.94
C SER A 37 9.91 5.34 3.38
N ARG A 38 9.59 4.96 2.15
CA ARG A 38 8.45 5.53 1.45
C ARG A 38 7.14 4.93 1.95
N THR A 39 7.22 3.72 2.50
CA THR A 39 6.04 3.01 2.97
C THR A 39 5.81 3.24 4.46
N ASN A 40 6.64 4.10 5.05
CA ASN A 40 6.58 4.35 6.50
C ASN A 40 6.58 3.04 7.27
N ASN A 41 7.67 2.29 7.15
CA ASN A 41 7.81 1.02 7.85
C ASN A 41 6.77 0.01 7.36
N PHE A 42 6.49 0.05 6.07
CA PHE A 42 5.51 -0.87 5.49
C PHE A 42 4.17 -0.78 6.20
N LYS A 43 3.77 0.43 6.55
CA LYS A 43 2.47 0.67 7.17
C LYS A 43 1.53 1.36 6.18
N LEU A 44 0.59 0.59 5.63
CA LEU A 44 -0.32 1.11 4.61
C LEU A 44 -1.77 0.77 4.96
N LEU A 45 -2.69 1.63 4.53
CA LEU A 45 -4.11 1.46 4.85
C LEU A 45 -4.94 1.45 3.58
N THR A 46 -6.12 0.83 3.66
CA THR A 46 -6.98 0.67 2.49
C THR A 46 -8.45 0.66 2.89
N ASP A 47 -9.29 1.32 2.09
CA ASP A 47 -10.72 1.34 2.34
C ASP A 47 -11.49 1.32 1.02
N GLY A 48 -11.68 0.12 0.45
CA GLY A 48 -12.42 -0.01 -0.78
C GLY A 48 -11.76 0.71 -1.93
N GLU A 49 -10.45 0.90 -1.83
CA GLU A 49 -9.71 1.65 -2.85
C GLU A 49 -8.25 1.19 -2.90
N TRP A 50 -7.44 1.90 -3.69
CA TRP A 50 -6.01 1.64 -3.75
C TRP A 50 -5.37 1.79 -2.38
N VAL A 51 -4.27 1.07 -2.16
CA VAL A 51 -3.60 1.10 -0.86
C VAL A 51 -2.64 2.28 -0.77
N TRP A 52 -2.81 3.09 0.27
CA TRP A 52 -2.01 4.30 0.44
C TRP A 52 -1.11 4.18 1.67
N VAL A 53 0.01 4.89 1.64
CA VAL A 53 0.96 4.88 2.74
C VAL A 53 0.51 5.80 3.87
N GLU A 54 0.60 5.31 5.10
CA GLU A 54 0.19 6.08 6.26
C GLU A 54 0.90 7.44 6.29
N GLY A 55 0.12 8.50 6.50
CA GLY A 55 0.68 9.83 6.57
C GLY A 55 0.52 10.58 5.27
N TYR A 56 0.14 9.88 4.21
CA TYR A 56 -0.04 10.49 2.90
C TYR A 56 -1.50 10.44 2.48
N GLU A 57 -2.40 10.49 3.45
CA GLU A 57 -3.83 10.54 3.17
C GLU A 57 -4.19 11.78 2.37
N GLU A 58 -3.30 12.78 2.40
CA GLU A 58 -3.45 13.97 1.57
C GLU A 58 -3.38 13.61 0.09
N HIS A 59 -2.58 12.60 -0.23
CA HIS A 59 -2.31 12.25 -1.62
C HIS A 59 -3.42 11.39 -2.19
N ILE A 60 -4.38 11.02 -1.35
CA ILE A 60 -5.52 10.22 -1.78
C ILE A 60 -6.36 10.99 -2.79
N GLY A 61 -6.58 10.39 -3.95
CA GLY A 61 -7.37 11.03 -5.00
C GLY A 61 -6.50 11.87 -5.93
N LYS A 62 -5.20 11.69 -5.84
CA LYS A 62 -4.27 12.39 -6.72
C LYS A 62 -3.46 11.41 -7.56
N GLN A 63 -3.13 11.81 -8.79
CA GLN A 63 -2.38 10.96 -9.69
C GLN A 63 -0.89 11.30 -9.65
N LEU A 64 -0.13 10.53 -8.88
CA LEU A 64 1.30 10.78 -8.71
C LEU A 64 2.13 9.80 -9.53
N PRO A 65 3.29 10.27 -10.01
CA PRO A 65 4.23 9.43 -10.77
C PRO A 65 4.90 8.38 -9.90
N LEU A 66 5.45 7.35 -10.54
CA LEU A 66 6.12 6.27 -9.82
C LEU A 66 7.27 6.80 -8.98
N ASN A 67 7.87 7.89 -9.44
CA ASN A 67 8.98 8.51 -8.70
C ASN A 67 8.49 9.14 -7.40
N GLN A 68 7.23 9.58 -7.40
CA GLN A 68 6.67 10.26 -6.23
C GLN A 68 5.45 9.51 -5.72
N ALA A 69 5.39 8.21 -5.98
CA ALA A 69 4.22 7.41 -5.64
C ALA A 69 4.16 7.12 -4.14
N ARG A 70 2.97 7.24 -3.57
CA ARG A 70 2.75 6.86 -2.17
C ARG A 70 1.49 6.04 -2.02
N ALA A 71 1.12 5.33 -3.08
CA ALA A 71 -0.07 4.48 -3.06
C ALA A 71 -0.13 3.60 -4.30
N TRP A 72 -0.66 2.39 -4.14
CA TRP A 72 -0.78 1.44 -5.24
C TRP A 72 -2.11 0.70 -5.18
N SER A 73 -2.67 0.40 -6.34
CA SER A 73 -4.01 -0.16 -6.42
C SER A 73 -4.00 -1.64 -6.04
N TRP A 74 -5.12 -2.12 -5.50
CA TRP A 74 -5.31 -3.55 -5.27
C TRP A 74 -5.24 -4.32 -6.59
N GLU A 75 -5.66 -3.67 -7.67
CA GLU A 75 -5.58 -4.27 -9.00
C GLU A 75 -4.14 -4.47 -9.43
N PHE A 76 -3.30 -3.49 -9.12
CA PHE A 76 -1.86 -3.61 -9.37
C PHE A 76 -1.25 -4.70 -8.49
N ILE A 77 -1.61 -4.72 -7.22
CA ILE A 77 -1.15 -5.76 -6.29
C ILE A 77 -1.52 -7.14 -6.80
N LYS A 78 -2.75 -7.27 -7.30
CA LYS A 78 -3.22 -8.53 -7.85
C LYS A 78 -2.43 -8.91 -9.09
N ASN A 79 -2.12 -7.92 -9.92
CA ASN A 79 -1.35 -8.15 -11.14
C ASN A 79 0.02 -8.75 -10.81
N ARG A 80 0.61 -8.29 -9.71
CA ARG A 80 1.91 -8.79 -9.29
C ARG A 80 1.79 -10.16 -8.64
N LEU A 81 0.68 -10.38 -7.94
CA LEU A 81 0.38 -11.70 -7.39
C LEU A 81 0.12 -12.71 -8.50
N LYS A 82 -0.45 -12.24 -9.60
CA LYS A 82 -0.66 -13.08 -10.78
C LYS A 82 0.68 -13.45 -11.40
N GLU A 83 1.67 -12.57 -11.26
CA GLU A 83 3.03 -12.86 -11.70
C GLU A 83 3.72 -13.80 -10.72
N LEU A 84 3.06 -14.06 -9.59
CA LEU A 84 3.60 -14.98 -8.59
C LEU A 84 2.81 -16.28 -8.57
N ASN A 85 2.09 -16.55 -9.66
CA ASN A 85 1.28 -17.76 -9.77
C ASN A 85 2.14 -18.96 -10.15
N LEU A 86 2.98 -19.40 -9.22
CA LEU A 86 3.86 -20.54 -9.47
C LEU A 86 4.78 -20.26 -10.65
N GLY A 1 -12.53 14.38 6.16
CA GLY A 1 -12.70 15.81 5.94
C GLY A 1 -11.44 16.47 5.40
N SER A 2 -11.25 16.37 4.09
CA SER A 2 -10.20 17.11 3.42
C SER A 2 -10.55 17.38 1.96
N GLU A 3 -11.02 16.35 1.27
CA GLU A 3 -11.70 16.52 0.00
C GLU A 3 -13.19 16.22 0.13
N GLU A 4 -13.57 15.64 1.27
CA GLU A 4 -14.97 15.36 1.55
C GLU A 4 -15.38 15.92 2.91
N LYS A 5 -16.63 15.69 3.29
CA LYS A 5 -17.00 15.58 4.70
C LYS A 5 -17.34 14.14 5.07
N GLU A 6 -16.36 13.43 5.63
CA GLU A 6 -16.46 11.99 5.78
C GLU A 6 -15.62 11.52 6.96
N GLU A 7 -15.61 10.20 7.19
CA GLU A 7 -14.79 9.61 8.24
C GLU A 7 -13.63 8.83 7.64
N LYS A 8 -12.47 8.91 8.28
CA LYS A 8 -11.26 8.26 7.80
C LYS A 8 -11.21 6.80 8.23
N LYS A 9 -12.38 6.17 8.31
CA LYS A 9 -12.48 4.81 8.81
C LYS A 9 -12.01 3.81 7.75
N VAL A 10 -11.06 2.96 8.14
CA VAL A 10 -10.39 2.08 7.19
C VAL A 10 -10.30 0.65 7.73
N ARG A 11 -9.77 -0.25 6.91
CA ARG A 11 -9.52 -1.61 7.33
C ARG A 11 -8.10 -1.78 7.87
N GLU A 12 -7.94 -2.68 8.82
CA GLU A 12 -6.73 -2.70 9.65
C GLU A 12 -5.55 -3.28 8.87
N LEU A 13 -4.38 -3.31 9.51
CA LEU A 13 -3.18 -3.86 8.89
C LEU A 13 -2.84 -5.22 9.47
N THR A 14 -3.22 -6.28 8.76
CA THR A 14 -2.87 -7.63 9.16
C THR A 14 -1.52 -8.06 8.58
N PRO A 15 -0.89 -9.05 9.21
CA PRO A 15 0.36 -9.64 8.70
C PRO A 15 0.18 -10.29 7.33
N GLN A 16 -1.03 -10.76 7.06
CA GLN A 16 -1.35 -11.32 5.76
C GLN A 16 -1.46 -10.23 4.71
N GLU A 17 -2.07 -9.10 5.09
CA GLU A 17 -2.25 -7.98 4.18
C GLU A 17 -0.91 -7.33 3.85
N LEU A 18 -0.03 -7.28 4.84
CA LEU A 18 1.24 -6.56 4.71
C LEU A 18 2.26 -7.42 3.97
N GLU A 19 2.27 -8.72 4.25
CA GLU A 19 3.25 -9.62 3.67
C GLU A 19 2.99 -9.81 2.17
N LEU A 20 1.71 -9.95 1.81
CA LEU A 20 1.32 -10.11 0.42
C LEU A 20 1.60 -8.83 -0.37
N PHE A 21 1.63 -7.70 0.34
CA PHE A 21 1.96 -6.43 -0.29
C PHE A 21 3.41 -6.41 -0.76
N LYS A 22 4.33 -6.60 0.17
CA LYS A 22 5.76 -6.64 -0.14
C LYS A 22 6.08 -7.81 -1.07
N ARG A 23 5.28 -8.86 -0.99
CA ARG A 23 5.42 -10.00 -1.89
C ARG A 23 5.07 -9.61 -3.32
N ALA A 24 3.98 -8.86 -3.47
CA ALA A 24 3.55 -8.38 -4.78
C ALA A 24 4.54 -7.36 -5.34
N MET A 25 5.10 -6.55 -4.46
CA MET A 25 6.09 -5.55 -4.86
C MET A 25 7.44 -6.22 -5.13
N GLY A 26 7.64 -7.40 -4.57
CA GLY A 26 8.89 -8.11 -4.75
C GLY A 26 10.05 -7.48 -4.00
N ILE A 27 9.74 -6.88 -2.86
CA ILE A 27 10.71 -6.03 -2.16
C ILE A 27 11.90 -6.85 -1.68
N THR A 28 13.09 -6.51 -2.20
CA THR A 28 14.30 -7.24 -1.86
C THR A 28 14.95 -6.66 -0.61
N PRO A 29 15.82 -7.46 0.04
CA PRO A 29 16.63 -7.00 1.17
C PRO A 29 17.60 -5.89 0.78
N HIS A 30 17.77 -5.69 -0.52
CA HIS A 30 18.63 -4.62 -1.03
C HIS A 30 17.92 -3.28 -0.98
N ASN A 31 16.64 -3.27 -1.31
CA ASN A 31 15.84 -2.05 -1.30
C ASN A 31 14.76 -2.11 -0.22
N TYR A 32 14.95 -3.00 0.75
CA TYR A 32 13.99 -3.15 1.84
C TYR A 32 13.93 -1.89 2.69
N TRP A 33 15.09 -1.39 3.09
CA TRP A 33 15.16 -0.15 3.87
C TRP A 33 14.64 1.03 3.06
N GLN A 34 14.82 0.98 1.74
CA GLN A 34 14.31 2.00 0.85
C GLN A 34 12.78 2.02 0.85
N TRP A 35 12.19 0.85 0.68
CA TRP A 35 10.74 0.72 0.70
C TRP A 35 10.18 1.04 2.09
N ALA A 36 10.96 0.74 3.12
CA ALA A 36 10.54 0.97 4.49
C ALA A 36 10.36 2.45 4.77
N SER A 37 11.13 3.28 4.06
CA SER A 37 11.13 4.72 4.32
C SER A 37 9.97 5.41 3.60
N ARG A 38 9.58 4.85 2.46
CA ARG A 38 8.51 5.43 1.65
C ARG A 38 7.14 4.91 2.09
N THR A 39 7.13 3.69 2.62
CA THR A 39 5.88 3.06 3.04
C THR A 39 5.55 3.42 4.48
N ASN A 40 6.32 4.34 5.05
CA ASN A 40 6.14 4.74 6.44
C ASN A 40 6.06 3.52 7.36
N ASN A 41 7.17 2.77 7.44
CA ASN A 41 7.22 1.57 8.25
C ASN A 41 6.24 0.50 7.73
N PHE A 42 6.06 0.49 6.41
CA PHE A 42 5.14 -0.46 5.78
C PHE A 42 3.75 -0.33 6.38
N LYS A 43 3.39 0.88 6.78
CA LYS A 43 2.04 1.15 7.28
C LYS A 43 1.14 1.68 6.17
N LEU A 44 0.33 0.79 5.61
CA LEU A 44 -0.59 1.16 4.54
C LEU A 44 -2.03 0.78 4.88
N LEU A 45 -2.98 1.59 4.43
CA LEU A 45 -4.37 1.43 4.82
C LEU A 45 -5.29 1.43 3.60
N THR A 46 -6.47 0.85 3.75
CA THR A 46 -7.44 0.81 2.66
C THR A 46 -8.81 0.35 3.17
N ASP A 47 -9.85 0.73 2.45
CA ASP A 47 -11.20 0.24 2.73
C ASP A 47 -11.98 0.02 1.45
N GLY A 48 -11.94 -1.22 0.94
CA GLY A 48 -12.64 -1.54 -0.29
C GLY A 48 -12.13 -0.72 -1.47
N GLU A 49 -10.90 -0.25 -1.38
CA GLU A 49 -10.36 0.70 -2.35
C GLU A 49 -8.88 0.46 -2.58
N TRP A 50 -8.24 1.38 -3.30
CA TRP A 50 -6.79 1.34 -3.50
C TRP A 50 -6.06 1.51 -2.17
N VAL A 51 -4.87 0.92 -2.08
CA VAL A 51 -4.06 1.03 -0.87
C VAL A 51 -3.19 2.28 -0.92
N TRP A 52 -3.12 3.00 0.19
CA TRP A 52 -2.25 4.17 0.31
C TRP A 52 -1.39 4.08 1.56
N VAL A 53 -0.30 4.85 1.58
CA VAL A 53 0.61 4.86 2.71
C VAL A 53 0.19 5.88 3.77
N GLU A 54 0.19 5.45 5.03
CA GLU A 54 -0.17 6.34 6.13
C GLU A 54 0.66 7.62 6.09
N GLY A 55 0.00 8.76 6.21
CA GLY A 55 0.70 10.02 6.28
C GLY A 55 0.77 10.73 4.95
N TYR A 56 0.48 10.00 3.88
CA TYR A 56 0.48 10.56 2.53
C TYR A 56 -0.95 10.71 2.01
N GLU A 57 -1.86 11.13 2.88
CA GLU A 57 -3.19 11.55 2.46
C GLU A 57 -3.09 12.68 1.45
N GLU A 58 -2.01 13.44 1.50
CA GLU A 58 -1.72 14.45 0.49
C GLU A 58 -1.48 13.81 -0.87
N HIS A 59 -1.48 12.48 -0.91
CA HIS A 59 -1.31 11.75 -2.15
C HIS A 59 -2.57 10.92 -2.46
N ILE A 60 -3.69 11.32 -1.87
CA ILE A 60 -4.96 10.66 -2.13
C ILE A 60 -5.84 11.51 -3.05
N GLY A 61 -6.12 10.98 -4.23
CA GLY A 61 -6.86 11.74 -5.22
C GLY A 61 -5.96 12.42 -6.24
N LYS A 62 -4.67 12.48 -5.93
CA LYS A 62 -3.70 13.13 -6.80
C LYS A 62 -3.28 12.20 -7.94
N GLN A 63 -2.39 12.69 -8.80
CA GLN A 63 -1.90 11.89 -9.92
C GLN A 63 -0.39 12.04 -10.07
N LEU A 64 0.34 11.61 -9.05
CA LEU A 64 1.80 11.78 -9.03
C LEU A 64 2.49 10.59 -9.67
N PRO A 65 3.70 10.81 -10.19
CA PRO A 65 4.52 9.76 -10.80
C PRO A 65 4.98 8.72 -9.79
N LEU A 66 5.35 7.54 -10.29
CA LEU A 66 5.75 6.45 -9.41
C LEU A 66 6.75 6.92 -8.36
N ASN A 67 7.69 7.75 -8.79
CA ASN A 67 8.72 8.26 -7.88
C ASN A 67 8.09 9.05 -6.73
N GLN A 68 7.03 9.79 -7.05
CA GLN A 68 6.37 10.62 -6.06
C GLN A 68 5.05 9.99 -5.62
N ALA A 69 4.87 8.71 -5.96
CA ALA A 69 3.62 8.01 -5.66
C ALA A 69 3.74 7.21 -4.36
N ARG A 70 2.69 7.26 -3.55
CA ARG A 70 2.65 6.50 -2.31
C ARG A 70 1.33 5.76 -2.15
N ALA A 71 0.83 5.22 -3.26
CA ALA A 71 -0.47 4.54 -3.26
C ALA A 71 -0.59 3.63 -4.47
N TRP A 72 -1.16 2.44 -4.25
CA TRP A 72 -1.37 1.48 -5.32
C TRP A 72 -2.74 0.82 -5.21
N SER A 73 -3.16 0.15 -6.29
CA SER A 73 -4.47 -0.47 -6.34
C SER A 73 -4.40 -1.93 -5.92
N TRP A 74 -5.48 -2.44 -5.34
CA TRP A 74 -5.63 -3.87 -5.13
C TRP A 74 -5.56 -4.63 -6.45
N GLU A 75 -6.00 -3.97 -7.53
CA GLU A 75 -5.91 -4.56 -8.86
C GLU A 75 -4.46 -4.63 -9.32
N PHE A 76 -3.67 -3.64 -8.93
CA PHE A 76 -2.23 -3.67 -9.19
C PHE A 76 -1.56 -4.78 -8.38
N ILE A 77 -1.94 -4.90 -7.11
CA ILE A 77 -1.37 -5.91 -6.24
C ILE A 77 -1.68 -7.32 -6.76
N LYS A 78 -2.91 -7.52 -7.18
CA LYS A 78 -3.34 -8.82 -7.70
C LYS A 78 -2.60 -9.16 -8.99
N ASN A 79 -2.38 -8.15 -9.83
CA ASN A 79 -1.70 -8.34 -11.10
C ASN A 79 -0.26 -8.81 -10.88
N ARG A 80 0.38 -8.24 -9.86
CA ARG A 80 1.76 -8.60 -9.55
C ARG A 80 1.83 -9.98 -8.89
N LEU A 81 0.82 -10.28 -8.08
CA LEU A 81 0.71 -11.60 -7.45
C LEU A 81 0.49 -12.68 -8.51
N LYS A 82 -0.20 -12.31 -9.58
CA LYS A 82 -0.41 -13.21 -10.71
C LYS A 82 0.89 -13.44 -11.46
N GLU A 83 1.73 -12.42 -11.53
CA GLU A 83 3.01 -12.50 -12.23
C GLU A 83 3.96 -13.44 -11.50
N LEU A 84 3.77 -13.57 -10.19
CA LEU A 84 4.62 -14.41 -9.36
C LEU A 84 3.87 -15.66 -8.91
N ASN A 85 2.63 -15.78 -9.33
CA ASN A 85 1.82 -16.95 -8.99
C ASN A 85 2.38 -18.21 -9.63
N LEU A 86 2.99 -18.05 -10.79
CA LEU A 86 3.57 -19.19 -11.51
C LEU A 86 5.06 -19.01 -11.70
N GLY A 1 5.30 -4.75 10.03
CA GLY A 1 4.37 -5.45 10.90
C GLY A 1 3.92 -4.59 12.07
N SER A 2 2.78 -4.92 12.65
CA SER A 2 1.79 -3.93 13.02
C SER A 2 1.22 -4.22 14.40
N GLU A 3 1.91 -3.76 15.44
CA GLU A 3 1.37 -3.74 16.79
C GLU A 3 0.38 -2.58 16.95
N GLU A 4 -0.54 -2.46 16.00
CA GLU A 4 -1.52 -1.38 16.03
C GLU A 4 -2.62 -1.61 15.00
N LYS A 5 -3.87 -1.50 15.43
CA LYS A 5 -4.99 -2.06 14.68
C LYS A 5 -5.36 -1.14 13.51
N GLU A 6 -5.91 0.03 13.82
CA GLU A 6 -6.47 0.90 12.81
C GLU A 6 -6.77 2.28 13.38
N GLU A 7 -7.02 3.25 12.49
CA GLU A 7 -7.35 4.60 12.91
C GLU A 7 -8.85 4.77 13.11
N LYS A 8 -9.58 3.65 13.04
CA LYS A 8 -11.03 3.68 13.17
C LYS A 8 -11.65 4.46 12.02
N LYS A 9 -10.98 4.46 10.87
CA LYS A 9 -11.50 5.09 9.67
C LYS A 9 -11.21 4.25 8.44
N VAL A 10 -10.63 3.08 8.65
CA VAL A 10 -9.95 2.35 7.58
C VAL A 10 -9.84 0.86 7.91
N ARG A 11 -9.38 0.07 6.95
CA ARG A 11 -9.14 -1.34 7.17
C ARG A 11 -7.72 -1.58 7.69
N GLU A 12 -7.57 -2.58 8.55
CA GLU A 12 -6.43 -2.66 9.46
C GLU A 12 -5.20 -3.20 8.74
N LEU A 13 -4.05 -3.15 9.40
CA LEU A 13 -2.85 -3.78 8.89
C LEU A 13 -2.75 -5.23 9.35
N THR A 14 -3.16 -6.15 8.49
CA THR A 14 -3.06 -7.57 8.79
C THR A 14 -1.76 -8.14 8.23
N PRO A 15 -1.26 -9.20 8.89
CA PRO A 15 -0.06 -9.91 8.44
C PRO A 15 -0.23 -10.52 7.05
N GLN A 16 -1.47 -10.84 6.70
CA GLN A 16 -1.79 -11.30 5.35
C GLN A 16 -1.64 -10.16 4.35
N GLU A 17 -2.31 -9.05 4.60
CA GLU A 17 -2.32 -7.92 3.68
C GLU A 17 -0.91 -7.35 3.51
N LEU A 18 -0.11 -7.43 4.57
CA LEU A 18 1.22 -6.83 4.55
C LEU A 18 2.21 -7.75 3.84
N GLU A 19 2.13 -9.05 4.12
CA GLU A 19 3.08 -10.01 3.58
C GLU A 19 2.88 -10.18 2.07
N LEU A 20 1.61 -10.26 1.67
CA LEU A 20 1.27 -10.40 0.25
C LEU A 20 1.69 -9.16 -0.53
N PHE A 21 1.77 -8.03 0.15
CA PHE A 21 2.21 -6.78 -0.46
C PHE A 21 3.68 -6.83 -0.82
N LYS A 22 4.53 -7.06 0.19
CA LYS A 22 5.96 -7.17 -0.02
C LYS A 22 6.30 -8.40 -0.87
N ARG A 23 5.44 -9.41 -0.79
CA ARG A 23 5.54 -10.56 -1.68
C ARG A 23 5.35 -10.16 -3.14
N ALA A 24 4.25 -9.45 -3.40
CA ALA A 24 3.94 -9.00 -4.75
C ALA A 24 4.99 -8.01 -5.26
N MET A 25 5.46 -7.15 -4.37
CA MET A 25 6.44 -6.14 -4.74
C MET A 25 7.84 -6.74 -4.83
N GLY A 26 7.99 -7.95 -4.32
CA GLY A 26 9.27 -8.63 -4.40
C GLY A 26 10.36 -7.92 -3.64
N ILE A 27 10.02 -7.39 -2.47
CA ILE A 27 10.93 -6.52 -1.73
C ILE A 27 12.09 -7.31 -1.14
N THR A 28 13.30 -6.93 -1.53
CA THR A 28 14.50 -7.63 -1.08
C THR A 28 15.17 -6.90 0.07
N PRO A 29 15.98 -7.63 0.86
CA PRO A 29 16.74 -7.04 1.96
C PRO A 29 17.75 -6.00 1.48
N HIS A 30 17.98 -5.96 0.18
CA HIS A 30 18.91 -5.00 -0.40
C HIS A 30 18.23 -3.65 -0.63
N ASN A 31 16.92 -3.68 -0.81
CA ASN A 31 16.14 -2.46 -1.00
C ASN A 31 14.97 -2.40 -0.02
N TYR A 32 15.05 -3.20 1.04
CA TYR A 32 14.03 -3.20 2.08
C TYR A 32 13.97 -1.84 2.78
N TRP A 33 15.14 -1.32 3.15
CA TRP A 33 15.22 -0.05 3.84
C TRP A 33 14.68 1.07 2.95
N GLN A 34 14.77 0.88 1.64
CA GLN A 34 14.21 1.83 0.68
C GLN A 34 12.69 1.81 0.73
N TRP A 35 12.12 0.61 0.76
CA TRP A 35 10.67 0.44 0.85
C TRP A 35 10.18 0.80 2.25
N ALA A 36 11.04 0.64 3.25
CA ALA A 36 10.71 0.99 4.63
C ALA A 36 10.50 2.49 4.76
N SER A 37 11.40 3.27 4.17
CA SER A 37 11.29 4.72 4.21
C SER A 37 10.19 5.21 3.27
N ARG A 38 9.92 4.43 2.23
CA ARG A 38 8.88 4.78 1.26
C ARG A 38 7.50 4.59 1.87
N THR A 39 7.29 3.47 2.56
CA THR A 39 5.97 3.07 3.01
C THR A 39 5.72 3.53 4.44
N ASN A 40 6.53 4.46 4.92
CA ASN A 40 6.43 4.92 6.29
C ASN A 40 6.39 3.76 7.28
N ASN A 41 7.43 2.93 7.26
CA ASN A 41 7.51 1.77 8.13
C ASN A 41 6.40 0.78 7.80
N PHE A 42 6.07 0.67 6.51
CA PHE A 42 5.06 -0.27 6.06
C PHE A 42 3.77 -0.12 6.87
N LYS A 43 3.36 1.13 7.08
CA LYS A 43 2.07 1.42 7.70
C LYS A 43 1.00 1.68 6.64
N LEU A 44 0.58 0.63 5.95
CA LEU A 44 -0.36 0.75 4.84
C LEU A 44 -1.80 0.69 5.34
N LEU A 45 -2.61 1.64 4.90
CA LEU A 45 -4.05 1.61 5.18
C LEU A 45 -4.85 1.54 3.89
N THR A 46 -6.06 0.99 3.97
CA THR A 46 -6.95 0.93 2.82
C THR A 46 -8.40 0.79 3.25
N ASP A 47 -9.32 1.23 2.40
CA ASP A 47 -10.74 1.19 2.72
C ASP A 47 -11.57 1.14 1.45
N GLY A 48 -11.86 -0.07 0.97
CA GLY A 48 -12.68 -0.23 -0.21
C GLY A 48 -12.04 0.35 -1.45
N GLU A 49 -10.73 0.56 -1.39
CA GLU A 49 -10.02 1.27 -2.46
C GLU A 49 -8.61 0.73 -2.62
N TRP A 50 -7.79 1.46 -3.39
CA TRP A 50 -6.35 1.18 -3.44
C TRP A 50 -5.74 1.28 -2.05
N VAL A 51 -4.55 0.70 -1.90
CA VAL A 51 -3.79 0.80 -0.66
C VAL A 51 -2.88 2.02 -0.67
N TRP A 52 -2.94 2.82 0.38
CA TRP A 52 -2.12 4.02 0.49
C TRP A 52 -1.27 4.01 1.75
N VAL A 53 -0.16 4.72 1.71
CA VAL A 53 0.74 4.81 2.87
C VAL A 53 0.26 5.86 3.86
N GLU A 54 0.18 5.48 5.12
CA GLU A 54 -0.15 6.43 6.19
C GLU A 54 0.76 7.65 6.15
N GLY A 55 0.16 8.84 6.12
CA GLY A 55 0.95 10.06 6.04
C GLY A 55 0.95 10.66 4.65
N TYR A 56 0.51 9.87 3.67
CA TYR A 56 0.43 10.33 2.29
C TYR A 56 -1.00 10.29 1.78
N GLU A 57 -1.95 10.25 2.71
CA GLU A 57 -3.36 10.42 2.36
C GLU A 57 -3.61 11.77 1.70
N GLU A 58 -2.66 12.69 1.89
CA GLU A 58 -2.67 13.96 1.15
C GLU A 58 -2.62 13.70 -0.35
N HIS A 59 -1.86 12.69 -0.75
CA HIS A 59 -1.58 12.46 -2.16
C HIS A 59 -2.74 11.73 -2.84
N ILE A 60 -3.72 11.32 -2.05
CA ILE A 60 -4.91 10.68 -2.57
C ILE A 60 -5.74 11.64 -3.41
N GLY A 61 -6.02 11.25 -4.64
CA GLY A 61 -6.81 12.10 -5.52
C GLY A 61 -5.95 12.95 -6.44
N LYS A 62 -4.64 12.73 -6.39
CA LYS A 62 -3.72 13.46 -7.26
C LYS A 62 -3.20 12.56 -8.38
N GLN A 63 -3.08 13.12 -9.57
CA GLN A 63 -2.56 12.38 -10.72
C GLN A 63 -1.04 12.51 -10.79
N LEU A 64 -0.34 11.55 -10.18
CA LEU A 64 1.12 11.61 -10.10
C LEU A 64 1.75 10.56 -11.02
N PRO A 65 2.75 11.01 -11.80
CA PRO A 65 3.48 10.12 -12.72
C PRO A 65 4.53 9.27 -11.99
N LEU A 66 4.08 8.52 -10.99
CA LEU A 66 4.98 7.70 -10.18
C LEU A 66 6.11 8.56 -9.61
N ASN A 67 5.83 9.84 -9.38
CA ASN A 67 6.80 10.75 -8.79
C ASN A 67 6.75 10.70 -7.27
N GLN A 68 5.63 11.16 -6.71
CA GLN A 68 5.43 11.11 -5.27
C GLN A 68 4.33 10.13 -4.90
N ALA A 69 4.01 9.23 -5.82
CA ALA A 69 2.97 8.24 -5.60
C ALA A 69 3.30 7.35 -4.41
N ARG A 70 2.35 7.20 -3.50
CA ARG A 70 2.52 6.33 -2.34
C ARG A 70 1.29 5.46 -2.12
N ALA A 71 0.71 4.99 -3.22
CA ALA A 71 -0.51 4.19 -3.16
C ALA A 71 -0.61 3.24 -4.35
N TRP A 72 -1.06 2.02 -4.08
CA TRP A 72 -1.19 1.01 -5.14
C TRP A 72 -2.54 0.32 -5.05
N SER A 73 -3.23 0.22 -6.20
CA SER A 73 -4.56 -0.39 -6.24
C SER A 73 -4.48 -1.87 -5.91
N TRP A 74 -5.56 -2.40 -5.33
CA TRP A 74 -5.67 -3.82 -5.09
C TRP A 74 -5.63 -4.61 -6.39
N GLU A 75 -6.12 -3.99 -7.46
CA GLU A 75 -6.06 -4.60 -8.79
C GLU A 75 -4.62 -4.72 -9.27
N PHE A 76 -3.83 -3.67 -9.02
CA PHE A 76 -2.40 -3.70 -9.32
C PHE A 76 -1.69 -4.75 -8.47
N ILE A 77 -2.03 -4.79 -7.19
CA ILE A 77 -1.43 -5.74 -6.27
C ILE A 77 -1.72 -7.17 -6.69
N LYS A 78 -2.95 -7.42 -7.13
CA LYS A 78 -3.35 -8.73 -7.64
C LYS A 78 -2.56 -9.08 -8.91
N ASN A 79 -2.42 -8.10 -9.80
CA ASN A 79 -1.67 -8.28 -11.03
C ASN A 79 -0.20 -8.59 -10.72
N ARG A 80 0.32 -7.97 -9.67
CA ARG A 80 1.69 -8.23 -9.23
C ARG A 80 1.85 -9.66 -8.76
N LEU A 81 0.84 -10.17 -8.06
CA LEU A 81 0.85 -11.55 -7.59
C LEU A 81 0.59 -12.52 -8.75
N LYS A 82 -0.16 -12.07 -9.74
CA LYS A 82 -0.39 -12.84 -10.95
C LYS A 82 0.90 -13.02 -11.75
N GLU A 83 1.79 -12.04 -11.63
CA GLU A 83 3.11 -12.14 -12.24
C GLU A 83 3.97 -13.17 -11.52
N LEU A 84 3.52 -13.58 -10.33
CA LEU A 84 4.23 -14.56 -9.53
C LEU A 84 3.59 -15.94 -9.65
N ASN A 85 2.92 -16.18 -10.77
CA ASN A 85 2.26 -17.46 -11.01
C ASN A 85 3.29 -18.59 -11.04
N LEU A 86 2.98 -19.68 -10.36
CA LEU A 86 3.89 -20.81 -10.27
C LEU A 86 3.42 -21.97 -11.14
N GLY A 1 -13.93 9.89 6.50
CA GLY A 1 -13.63 9.57 5.11
C GLY A 1 -14.76 8.78 4.46
N SER A 2 -15.96 8.91 5.00
CA SER A 2 -17.18 8.63 4.25
C SER A 2 -17.88 9.92 3.83
N GLU A 3 -18.52 9.89 2.67
CA GLU A 3 -19.59 10.84 2.37
C GLU A 3 -20.96 10.16 2.48
N GLU A 4 -21.40 9.95 3.71
CA GLU A 4 -22.64 9.22 3.95
C GLU A 4 -22.95 9.15 5.45
N LYS A 5 -23.89 8.31 5.81
CA LYS A 5 -24.02 7.83 7.19
C LYS A 5 -23.92 6.30 7.26
N GLU A 6 -23.11 5.74 6.37
CA GLU A 6 -22.55 4.40 6.59
C GLU A 6 -21.11 4.48 7.07
N GLU A 7 -20.56 3.35 7.48
CA GLU A 7 -19.13 3.23 7.72
C GLU A 7 -18.50 2.17 6.81
N LYS A 8 -17.54 2.59 5.99
CA LYS A 8 -16.83 1.66 5.13
C LYS A 8 -15.35 1.59 5.52
N LYS A 9 -15.07 1.79 6.80
CA LYS A 9 -13.74 2.17 7.25
C LYS A 9 -12.68 1.22 6.71
N VAL A 10 -11.42 1.65 6.73
CA VAL A 10 -10.34 0.88 6.15
C VAL A 10 -9.97 -0.32 7.04
N ARG A 11 -9.14 -1.20 6.51
CA ARG A 11 -8.69 -2.37 7.27
C ARG A 11 -7.44 -2.05 8.07
N GLU A 12 -7.11 -2.93 9.02
CA GLU A 12 -6.03 -2.67 9.95
C GLU A 12 -4.70 -3.20 9.41
N LEU A 13 -3.64 -3.06 10.20
CA LEU A 13 -2.33 -3.59 9.82
C LEU A 13 -2.05 -4.91 10.52
N THR A 14 -2.40 -6.01 9.87
CA THR A 14 -2.01 -7.33 10.33
C THR A 14 -0.76 -7.81 9.63
N PRO A 15 -0.08 -8.80 10.25
CA PRO A 15 1.10 -9.45 9.65
C PRO A 15 0.75 -10.26 8.41
N GLN A 16 -0.46 -10.82 8.39
CA GLN A 16 -0.91 -11.62 7.26
C GLN A 16 -1.21 -10.73 6.05
N GLU A 17 -1.83 -9.57 6.31
CA GLU A 17 -2.20 -8.66 5.25
C GLU A 17 -0.97 -7.99 4.65
N LEU A 18 0.00 -7.67 5.50
CA LEU A 18 1.20 -6.97 5.06
C LEU A 18 2.12 -7.90 4.28
N GLU A 19 2.13 -9.17 4.66
CA GLU A 19 2.96 -10.16 3.98
C GLU A 19 2.60 -10.26 2.50
N LEU A 20 1.30 -10.31 2.22
CA LEU A 20 0.82 -10.47 0.86
C LEU A 20 1.13 -9.24 0.02
N PHE A 21 1.22 -8.08 0.70
CA PHE A 21 1.53 -6.83 0.02
C PHE A 21 2.98 -6.82 -0.47
N LYS A 22 3.90 -7.07 0.45
CA LYS A 22 5.32 -7.13 0.11
C LYS A 22 5.63 -8.34 -0.76
N ARG A 23 4.86 -9.41 -0.57
CA ARG A 23 5.06 -10.62 -1.35
C ARG A 23 4.68 -10.42 -2.80
N ALA A 24 3.55 -9.75 -3.03
CA ALA A 24 3.08 -9.47 -4.38
C ALA A 24 3.91 -8.36 -5.03
N MET A 25 4.29 -7.37 -4.24
CA MET A 25 5.07 -6.25 -4.75
C MET A 25 6.48 -6.70 -5.12
N GLY A 26 6.88 -7.86 -4.63
CA GLY A 26 8.22 -8.36 -4.89
C GLY A 26 9.28 -7.63 -4.10
N ILE A 27 8.96 -7.28 -2.85
CA ILE A 27 9.86 -6.50 -2.02
C ILE A 27 11.09 -7.32 -1.63
N THR A 28 12.27 -6.82 -1.99
CA THR A 28 13.52 -7.48 -1.67
C THR A 28 14.22 -6.80 -0.51
N PRO A 29 15.13 -7.52 0.15
CA PRO A 29 15.92 -6.98 1.27
C PRO A 29 16.92 -5.92 0.81
N HIS A 30 17.11 -5.82 -0.50
CA HIS A 30 18.03 -4.85 -1.07
C HIS A 30 17.42 -3.45 -1.08
N ASN A 31 16.10 -3.39 -1.29
CA ASN A 31 15.39 -2.12 -1.28
C ASN A 31 14.31 -2.10 -0.20
N TYR A 32 14.52 -2.90 0.85
CA TYR A 32 13.58 -2.96 1.96
C TYR A 32 13.59 -1.68 2.77
N TRP A 33 14.77 -1.06 2.87
CA TRP A 33 14.92 0.19 3.59
C TRP A 33 14.31 1.35 2.82
N GLN A 34 14.58 1.40 1.52
CA GLN A 34 13.98 2.41 0.65
C GLN A 34 12.47 2.31 0.66
N TRP A 35 11.96 1.10 0.56
CA TRP A 35 10.51 0.87 0.56
C TRP A 35 9.92 1.11 1.94
N ALA A 36 10.72 0.86 2.97
CA ALA A 36 10.30 1.11 4.35
C ALA A 36 10.02 2.60 4.56
N SER A 37 10.94 3.44 4.12
CA SER A 37 10.78 4.89 4.24
C SER A 37 9.72 5.40 3.28
N ARG A 38 9.48 4.64 2.22
CA ARG A 38 8.48 5.02 1.22
C ARG A 38 7.07 4.72 1.72
N THR A 39 6.92 3.61 2.42
CA THR A 39 5.61 3.14 2.85
C THR A 39 5.31 3.56 4.29
N ASN A 40 6.12 4.48 4.81
CA ASN A 40 5.98 4.94 6.19
C ASN A 40 5.90 3.75 7.15
N ASN A 41 6.98 2.98 7.22
CA ASN A 41 7.01 1.77 8.04
C ASN A 41 5.99 0.76 7.56
N PHE A 42 5.84 0.66 6.25
CA PHE A 42 4.92 -0.30 5.65
C PHE A 42 3.54 -0.21 6.30
N LYS A 43 3.12 1.01 6.62
CA LYS A 43 1.79 1.25 7.13
C LYS A 43 0.84 1.66 6.00
N LEU A 44 0.11 0.69 5.46
CA LEU A 44 -0.82 0.96 4.37
C LEU A 44 -2.20 0.39 4.69
N LEU A 45 -3.23 1.20 4.48
CA LEU A 45 -4.58 0.87 4.94
C LEU A 45 -5.59 1.03 3.80
N THR A 46 -6.56 0.12 3.75
CA THR A 46 -7.62 0.20 2.75
C THR A 46 -8.71 -0.84 3.04
N ASP A 47 -9.91 -0.59 2.52
CA ASP A 47 -10.96 -1.59 2.51
C ASP A 47 -11.67 -1.63 1.16
N GLY A 48 -11.55 -2.75 0.46
CA GLY A 48 -12.17 -2.89 -0.84
C GLY A 48 -11.80 -1.74 -1.78
N GLU A 49 -10.69 -1.08 -1.50
CA GLU A 49 -10.28 0.08 -2.27
C GLU A 49 -8.78 0.06 -2.54
N TRP A 50 -8.29 1.09 -3.21
CA TRP A 50 -6.86 1.20 -3.53
C TRP A 50 -6.05 1.42 -2.25
N VAL A 51 -4.79 0.97 -2.28
CA VAL A 51 -3.92 1.09 -1.12
C VAL A 51 -3.12 2.39 -1.17
N TRP A 52 -3.07 3.10 -0.05
CA TRP A 52 -2.22 4.28 0.07
C TRP A 52 -1.36 4.21 1.32
N VAL A 53 -0.37 5.09 1.40
CA VAL A 53 0.56 5.10 2.52
C VAL A 53 0.10 6.07 3.61
N GLU A 54 0.01 5.56 4.83
CA GLU A 54 -0.41 6.39 5.97
C GLU A 54 0.45 7.65 6.06
N GLY A 55 -0.21 8.77 6.34
CA GLY A 55 0.51 10.00 6.59
C GLY A 55 0.60 10.88 5.36
N TYR A 56 0.45 10.28 4.19
CA TYR A 56 0.53 11.01 2.93
C TYR A 56 -0.85 11.22 2.33
N GLU A 57 -1.86 11.34 3.19
CA GLU A 57 -3.22 11.59 2.76
C GLU A 57 -3.32 12.91 2.00
N GLU A 58 -2.39 13.82 2.30
CA GLU A 58 -2.30 15.08 1.57
C GLU A 58 -1.99 14.83 0.10
N HIS A 59 -1.14 13.84 -0.16
CA HIS A 59 -0.73 13.52 -1.52
C HIS A 59 -1.91 12.96 -2.32
N ILE A 60 -2.90 12.45 -1.62
CA ILE A 60 -4.08 11.89 -2.26
C ILE A 60 -4.85 12.96 -3.03
N GLY A 61 -5.28 12.61 -4.24
CA GLY A 61 -5.96 13.57 -5.09
C GLY A 61 -5.01 14.47 -5.85
N LYS A 62 -3.75 14.03 -5.96
CA LYS A 62 -2.74 14.82 -6.65
C LYS A 62 -2.03 13.97 -7.71
N GLN A 63 -2.09 14.43 -8.96
CA GLN A 63 -1.48 13.71 -10.06
C GLN A 63 0.04 13.61 -9.88
N LEU A 64 0.50 12.46 -9.41
CA LEU A 64 1.93 12.23 -9.25
C LEU A 64 2.41 11.15 -10.23
N PRO A 65 3.73 11.14 -10.50
CA PRO A 65 4.34 10.13 -11.36
C PRO A 65 4.30 8.73 -10.74
N LEU A 66 4.83 7.76 -11.46
CA LEU A 66 4.89 6.38 -10.97
C LEU A 66 6.09 6.17 -10.07
N ASN A 67 7.14 6.97 -10.30
CA ASN A 67 8.30 6.96 -9.42
C ASN A 67 7.98 7.58 -8.07
N GLN A 68 6.96 8.43 -8.04
CA GLN A 68 6.54 9.09 -6.82
C GLN A 68 5.10 8.73 -6.46
N ALA A 69 4.71 7.50 -6.81
CA ALA A 69 3.37 7.03 -6.50
C ALA A 69 3.31 6.36 -5.13
N ARG A 70 2.49 6.90 -4.25
CA ARG A 70 2.40 6.39 -2.88
C ARG A 70 1.12 5.58 -2.69
N ALA A 71 0.46 5.25 -3.80
CA ALA A 71 -0.73 4.42 -3.76
C ALA A 71 -0.66 3.30 -4.79
N TRP A 72 -1.31 2.18 -4.49
CA TRP A 72 -1.38 1.06 -5.41
C TRP A 72 -2.71 0.35 -5.31
N SER A 73 -3.37 0.17 -6.46
CA SER A 73 -4.68 -0.48 -6.49
C SER A 73 -4.54 -1.99 -6.22
N TRP A 74 -5.63 -2.59 -5.76
CA TRP A 74 -5.67 -4.04 -5.58
C TRP A 74 -5.52 -4.76 -6.92
N GLU A 75 -6.04 -4.15 -7.97
CA GLU A 75 -5.90 -4.70 -9.32
C GLU A 75 -4.43 -4.66 -9.76
N PHE A 76 -3.69 -3.70 -9.25
CA PHE A 76 -2.27 -3.59 -9.53
C PHE A 76 -1.46 -4.59 -8.70
N ILE A 77 -1.82 -4.71 -7.43
CA ILE A 77 -1.20 -5.69 -6.55
C ILE A 77 -1.39 -7.11 -7.09
N LYS A 78 -2.57 -7.37 -7.63
CA LYS A 78 -2.88 -8.69 -8.17
C LYS A 78 -2.08 -8.98 -9.43
N ASN A 79 -1.87 -7.93 -10.23
CA ASN A 79 -1.08 -8.06 -11.46
C ASN A 79 0.39 -8.30 -11.13
N ARG A 80 0.88 -7.62 -10.10
CA ARG A 80 2.22 -7.88 -9.60
C ARG A 80 2.30 -9.27 -8.98
N LEU A 81 1.28 -9.64 -8.22
CA LEU A 81 1.19 -11.00 -7.67
C LEU A 81 1.20 -12.04 -8.78
N LYS A 82 0.40 -11.80 -9.81
CA LYS A 82 0.33 -12.71 -10.96
C LYS A 82 1.68 -12.82 -11.65
N GLU A 83 2.42 -11.72 -11.69
CA GLU A 83 3.76 -11.71 -12.25
C GLU A 83 4.71 -12.54 -11.39
N LEU A 84 4.34 -12.74 -10.13
CA LEU A 84 5.18 -13.47 -9.19
C LEU A 84 5.21 -14.96 -9.53
N ASN A 85 4.15 -15.44 -10.17
CA ASN A 85 4.05 -16.84 -10.55
C ASN A 85 4.63 -17.07 -11.95
N LEU A 86 5.89 -17.48 -12.00
CA LEU A 86 6.56 -17.72 -13.27
C LEU A 86 5.77 -18.71 -14.12
N GLY A 1 -16.59 12.07 -2.79
CA GLY A 1 -16.06 12.27 -1.46
C GLY A 1 -14.63 11.75 -1.31
N SER A 2 -13.68 12.45 -1.91
CA SER A 2 -12.40 11.85 -2.26
C SER A 2 -12.59 10.78 -3.34
N GLU A 3 -13.71 10.85 -4.05
CA GLU A 3 -14.07 9.82 -5.01
C GLU A 3 -13.24 8.56 -4.79
N GLU A 4 -13.46 7.91 -3.64
CA GLU A 4 -12.98 6.55 -3.45
C GLU A 4 -13.69 5.90 -2.26
N LYS A 5 -14.27 6.72 -1.39
CA LYS A 5 -14.91 6.25 -0.18
C LYS A 5 -15.85 7.30 0.40
N GLU A 6 -16.68 6.89 1.35
CA GLU A 6 -17.48 7.84 2.12
C GLU A 6 -17.36 7.55 3.62
N GLU A 7 -16.18 7.08 4.03
CA GLU A 7 -15.98 6.71 5.43
C GLU A 7 -14.59 7.14 5.90
N LYS A 8 -14.49 7.48 7.18
CA LYS A 8 -13.18 7.69 7.81
C LYS A 8 -12.58 6.37 8.27
N LYS A 9 -13.43 5.35 8.41
CA LYS A 9 -12.99 4.04 8.88
C LYS A 9 -12.32 3.26 7.75
N VAL A 10 -11.21 2.60 8.07
CA VAL A 10 -10.47 1.82 7.08
C VAL A 10 -10.17 0.41 7.60
N ARG A 11 -9.48 -0.37 6.78
CA ARG A 11 -9.12 -1.73 7.15
C ARG A 11 -7.73 -1.77 7.79
N GLU A 12 -7.53 -2.74 8.68
CA GLU A 12 -6.35 -2.73 9.54
C GLU A 12 -5.12 -3.25 8.78
N LEU A 13 -3.99 -3.30 9.46
CA LEU A 13 -2.74 -3.75 8.85
C LEU A 13 -2.47 -5.22 9.21
N THR A 14 -3.21 -6.12 8.58
CA THR A 14 -3.04 -7.55 8.81
C THR A 14 -1.73 -8.05 8.20
N PRO A 15 -1.15 -9.10 8.81
CA PRO A 15 0.04 -9.76 8.29
C PRO A 15 -0.17 -10.32 6.89
N GLN A 16 -1.42 -10.66 6.57
CA GLN A 16 -1.78 -11.08 5.22
C GLN A 16 -1.68 -9.91 4.25
N GLU A 17 -2.27 -8.78 4.61
CA GLU A 17 -2.31 -7.61 3.73
C GLU A 17 -0.92 -7.03 3.53
N LEU A 18 -0.08 -7.19 4.55
CA LEU A 18 1.27 -6.63 4.51
C LEU A 18 2.22 -7.54 3.73
N GLU A 19 2.12 -8.84 3.99
CA GLU A 19 3.00 -9.81 3.36
C GLU A 19 2.72 -9.91 1.86
N LEU A 20 1.44 -9.88 1.51
CA LEU A 20 1.03 -9.99 0.10
C LEU A 20 1.45 -8.75 -0.67
N PHE A 21 1.60 -7.63 0.03
CA PHE A 21 2.04 -6.39 -0.59
C PHE A 21 3.52 -6.47 -0.96
N LYS A 22 4.36 -6.78 0.03
CA LYS A 22 5.79 -6.97 -0.20
C LYS A 22 6.04 -8.16 -1.13
N ARG A 23 5.10 -9.10 -1.14
CA ARG A 23 5.15 -10.20 -2.09
C ARG A 23 4.73 -9.74 -3.48
N ALA A 24 3.77 -8.81 -3.53
CA ALA A 24 3.31 -8.25 -4.80
C ALA A 24 4.38 -7.36 -5.42
N MET A 25 5.15 -6.68 -4.58
CA MET A 25 6.18 -5.76 -5.05
C MET A 25 7.52 -6.47 -5.17
N GLY A 26 7.66 -7.60 -4.50
CA GLY A 26 8.90 -8.36 -4.53
C GLY A 26 10.02 -7.64 -3.80
N ILE A 27 9.72 -7.16 -2.61
CA ILE A 27 10.66 -6.29 -1.88
C ILE A 27 11.83 -7.09 -1.34
N THR A 28 13.04 -6.66 -1.68
CA THR A 28 14.24 -7.36 -1.24
C THR A 28 14.94 -6.59 -0.12
N PRO A 29 15.79 -7.30 0.64
CA PRO A 29 16.60 -6.70 1.70
C PRO A 29 17.51 -5.59 1.19
N HIS A 30 17.77 -5.62 -0.12
CA HIS A 30 18.54 -4.56 -0.76
C HIS A 30 17.76 -3.25 -0.76
N ASN A 31 16.50 -3.31 -1.17
CA ASN A 31 15.66 -2.13 -1.25
C ASN A 31 14.55 -2.17 -0.21
N TYR A 32 14.78 -2.94 0.85
CA TYR A 32 13.83 -3.01 1.96
C TYR A 32 13.70 -1.66 2.66
N TRP A 33 14.85 -1.06 2.97
CA TRP A 33 14.86 0.24 3.64
C TRP A 33 14.42 1.35 2.69
N GLN A 34 14.51 1.08 1.39
CA GLN A 34 14.03 2.02 0.38
C GLN A 34 12.51 1.99 0.31
N TRP A 35 11.93 0.81 0.46
CA TRP A 35 10.48 0.66 0.54
C TRP A 35 9.96 1.05 1.90
N ALA A 36 10.81 0.95 2.91
CA ALA A 36 10.48 1.38 4.27
C ALA A 36 10.24 2.89 4.31
N SER A 37 11.07 3.63 3.57
CA SER A 37 10.91 5.08 3.47
C SER A 37 9.77 5.43 2.52
N ARG A 38 9.49 4.53 1.58
CA ARG A 38 8.38 4.71 0.66
C ARG A 38 7.04 4.54 1.37
N THR A 39 6.99 3.55 2.27
CA THR A 39 5.72 3.13 2.85
C THR A 39 5.57 3.62 4.28
N ASN A 40 6.44 4.56 4.67
CA ASN A 40 6.41 5.14 6.01
C ASN A 40 6.40 4.03 7.07
N ASN A 41 7.46 3.22 7.07
CA ASN A 41 7.56 2.09 7.99
C ASN A 41 6.50 1.04 7.69
N PHE A 42 6.21 0.87 6.41
CA PHE A 42 5.24 -0.15 5.97
C PHE A 42 3.91 0.03 6.69
N LYS A 43 3.47 1.28 6.82
CA LYS A 43 2.15 1.57 7.37
C LYS A 43 1.14 1.82 6.26
N LEU A 44 0.46 0.77 5.83
CA LEU A 44 -0.46 0.85 4.70
C LEU A 44 -1.91 0.68 5.15
N LEU A 45 -2.77 1.58 4.69
CA LEU A 45 -4.20 1.47 4.97
C LEU A 45 -4.99 1.24 3.69
N THR A 46 -6.15 0.62 3.82
CA THR A 46 -6.98 0.27 2.67
C THR A 46 -8.43 0.06 3.06
N ASP A 47 -9.34 0.34 2.13
CA ASP A 47 -10.76 0.06 2.33
C ASP A 47 -11.49 -0.02 1.00
N GLY A 48 -11.48 -1.22 0.40
CA GLY A 48 -12.21 -1.42 -0.84
C GLY A 48 -11.66 -0.59 -1.99
N GLU A 49 -10.39 -0.21 -1.88
CA GLU A 49 -9.81 0.76 -2.81
C GLU A 49 -8.30 0.58 -2.91
N TRP A 50 -7.64 1.50 -3.60
CA TRP A 50 -6.19 1.53 -3.66
C TRP A 50 -5.58 1.61 -2.26
N VAL A 51 -4.53 0.83 -2.03
CA VAL A 51 -3.78 0.91 -0.78
C VAL A 51 -2.89 2.16 -0.76
N TRP A 52 -2.96 2.91 0.33
CA TRP A 52 -2.20 4.14 0.46
C TRP A 52 -1.36 4.14 1.74
N VAL A 53 -0.27 4.88 1.74
CA VAL A 53 0.59 4.99 2.91
C VAL A 53 -0.01 5.92 3.95
N GLU A 54 -0.18 5.41 5.17
CA GLU A 54 -0.67 6.22 6.28
C GLU A 54 0.26 7.39 6.56
N GLY A 55 -0.31 8.57 6.72
CA GLY A 55 0.50 9.77 6.96
C GLY A 55 0.52 10.68 5.76
N TYR A 56 -0.06 10.24 4.66
CA TYR A 56 -0.08 11.03 3.43
C TYR A 56 -1.49 11.13 2.87
N GLU A 57 -2.40 11.68 3.67
CA GLU A 57 -3.71 12.10 3.17
C GLU A 57 -3.57 13.20 2.13
N GLU A 58 -2.45 13.92 2.19
CA GLU A 58 -2.14 14.93 1.17
C GLU A 58 -1.80 14.28 -0.16
N HIS A 59 -1.64 12.96 -0.15
CA HIS A 59 -1.34 12.21 -1.37
C HIS A 59 -2.56 11.39 -1.81
N ILE A 60 -3.66 11.56 -1.09
CA ILE A 60 -4.91 10.91 -1.47
C ILE A 60 -5.72 11.77 -2.43
N GLY A 61 -6.03 11.21 -3.60
CA GLY A 61 -6.71 11.97 -4.63
C GLY A 61 -5.76 12.56 -5.64
N LYS A 62 -4.47 12.46 -5.38
CA LYS A 62 -3.45 13.02 -6.27
C LYS A 62 -2.99 11.99 -7.29
N GLN A 63 -2.46 12.47 -8.40
CA GLN A 63 -1.99 11.59 -9.47
C GLN A 63 -0.48 11.50 -9.46
N LEU A 64 0.06 10.45 -8.82
CA LEU A 64 1.49 10.21 -8.81
C LEU A 64 1.85 8.97 -9.62
N PRO A 65 3.01 9.00 -10.28
CA PRO A 65 3.53 7.85 -11.02
C PRO A 65 3.93 6.70 -10.11
N LEU A 66 3.91 5.48 -10.65
CA LEU A 66 4.14 4.29 -9.86
C LEU A 66 5.46 4.37 -9.10
N ASN A 67 6.42 5.08 -9.69
CA ASN A 67 7.74 5.24 -9.08
C ASN A 67 7.66 6.14 -7.86
N GLN A 68 6.88 7.21 -7.97
CA GLN A 68 6.78 8.19 -6.89
C GLN A 68 5.42 8.11 -6.21
N ALA A 69 4.70 7.03 -6.46
CA ALA A 69 3.39 6.81 -5.84
C ALA A 69 3.55 6.30 -4.41
N ARG A 70 2.76 6.88 -3.50
CA ARG A 70 2.59 6.30 -2.18
C ARG A 70 1.22 5.63 -2.05
N ALA A 71 0.69 5.16 -3.17
CA ALA A 71 -0.57 4.43 -3.18
C ALA A 71 -0.70 3.58 -4.43
N TRP A 72 -1.16 2.34 -4.25
CA TRP A 72 -1.32 1.41 -5.36
C TRP A 72 -2.68 0.71 -5.30
N SER A 73 -3.28 0.49 -6.45
CA SER A 73 -4.59 -0.15 -6.52
C SER A 73 -4.49 -1.63 -6.19
N TRP A 74 -5.57 -2.19 -5.64
CA TRP A 74 -5.66 -3.63 -5.43
C TRP A 74 -5.54 -4.38 -6.76
N GLU A 75 -6.00 -3.74 -7.84
CA GLU A 75 -5.83 -4.31 -9.17
C GLU A 75 -4.36 -4.44 -9.53
N PHE A 76 -3.61 -3.35 -9.35
CA PHE A 76 -2.18 -3.36 -9.61
C PHE A 76 -1.46 -4.38 -8.71
N ILE A 77 -1.83 -4.38 -7.43
CA ILE A 77 -1.23 -5.30 -6.46
C ILE A 77 -1.42 -6.75 -6.89
N LYS A 78 -2.65 -7.10 -7.24
CA LYS A 78 -2.98 -8.47 -7.63
C LYS A 78 -2.36 -8.81 -8.98
N ASN A 79 -2.28 -7.82 -9.87
CA ASN A 79 -1.70 -8.03 -11.19
C ASN A 79 -0.23 -8.40 -11.09
N ARG A 80 0.49 -7.73 -10.19
CA ARG A 80 1.89 -8.03 -9.95
C ARG A 80 2.05 -9.25 -9.07
N LEU A 81 1.11 -9.44 -8.15
CA LEU A 81 1.16 -10.55 -7.20
C LEU A 81 0.96 -11.89 -7.92
N LYS A 82 0.05 -11.90 -8.89
CA LYS A 82 -0.18 -13.09 -9.70
C LYS A 82 1.07 -13.45 -10.50
N GLU A 83 1.84 -12.44 -10.88
CA GLU A 83 3.12 -12.66 -11.53
C GLU A 83 4.18 -13.10 -10.52
N LEU A 84 4.03 -12.64 -9.28
CA LEU A 84 5.01 -12.93 -8.23
C LEU A 84 4.48 -13.97 -7.26
N ASN A 85 3.74 -14.94 -7.79
CA ASN A 85 3.19 -16.03 -6.97
C ASN A 85 2.86 -17.23 -7.82
N LEU A 86 3.20 -18.42 -7.33
CA LEU A 86 2.95 -19.66 -8.05
C LEU A 86 1.93 -20.52 -7.31
N GLY A 1 -6.67 18.81 15.77
CA GLY A 1 -7.03 17.68 14.94
C GLY A 1 -8.27 17.95 14.10
N SER A 2 -8.07 18.25 12.83
CA SER A 2 -9.09 18.92 12.04
C SER A 2 -9.80 17.93 11.12
N GLU A 3 -11.04 17.57 11.49
CA GLU A 3 -11.90 16.77 10.63
C GLU A 3 -12.39 17.60 9.44
N GLU A 4 -12.62 16.93 8.32
CA GLU A 4 -13.32 17.54 7.19
C GLU A 4 -14.76 17.08 7.14
N LYS A 5 -15.07 16.00 7.87
CA LYS A 5 -16.41 15.43 7.88
C LYS A 5 -16.68 14.63 6.61
N GLU A 6 -15.77 13.74 6.28
CA GLU A 6 -16.10 12.59 5.43
C GLU A 6 -16.20 11.32 6.26
N GLU A 7 -16.62 10.23 5.62
CA GLU A 7 -16.59 8.91 6.23
C GLU A 7 -15.40 8.10 5.75
N LYS A 8 -14.42 7.89 6.63
CA LYS A 8 -13.18 7.22 6.25
C LYS A 8 -13.09 5.85 6.94
N LYS A 9 -13.83 4.88 6.41
CA LYS A 9 -13.82 3.53 6.97
C LYS A 9 -12.78 2.66 6.28
N VAL A 10 -11.94 2.01 7.08
CA VAL A 10 -10.83 1.24 6.54
C VAL A 10 -10.77 -0.15 7.17
N ARG A 11 -9.93 -1.02 6.60
CA ARG A 11 -9.60 -2.29 7.23
C ARG A 11 -8.29 -2.18 8.00
N GLU A 12 -7.97 -3.22 8.76
CA GLU A 12 -6.86 -3.17 9.71
C GLU A 12 -5.55 -3.55 9.05
N LEU A 13 -4.45 -3.41 9.78
CA LEU A 13 -3.12 -3.69 9.25
C LEU A 13 -2.51 -4.91 9.92
N THR A 14 -2.85 -6.10 9.42
CA THR A 14 -2.31 -7.34 9.97
C THR A 14 -1.00 -7.72 9.30
N PRO A 15 -0.22 -8.58 9.97
CA PRO A 15 1.02 -9.12 9.41
C PRO A 15 0.78 -9.92 8.13
N GLN A 16 -0.41 -10.51 8.03
CA GLN A 16 -0.81 -11.22 6.81
C GLN A 16 -0.99 -10.25 5.65
N GLU A 17 -1.56 -9.08 5.95
CA GLU A 17 -1.76 -8.06 4.93
C GLU A 17 -0.43 -7.44 4.50
N LEU A 18 0.47 -7.27 5.46
CA LEU A 18 1.75 -6.62 5.20
C LEU A 18 2.68 -7.54 4.42
N GLU A 19 2.63 -8.84 4.74
CA GLU A 19 3.46 -9.83 4.07
C GLU A 19 3.07 -9.96 2.60
N LEU A 20 1.78 -10.10 2.35
CA LEU A 20 1.27 -10.31 1.00
C LEU A 20 1.53 -9.09 0.13
N PHE A 21 1.61 -7.92 0.78
CA PHE A 21 1.94 -6.68 0.07
C PHE A 21 3.37 -6.71 -0.43
N LYS A 22 4.31 -6.91 0.48
CA LYS A 22 5.72 -6.97 0.12
C LYS A 22 6.01 -8.16 -0.79
N ARG A 23 5.22 -9.22 -0.64
CA ARG A 23 5.35 -10.40 -1.48
C ARG A 23 4.99 -10.08 -2.92
N ALA A 24 3.78 -9.56 -3.12
CA ALA A 24 3.31 -9.21 -4.47
C ALA A 24 4.13 -8.08 -5.06
N MET A 25 4.62 -7.20 -4.20
CA MET A 25 5.39 -6.03 -4.65
C MET A 25 6.78 -6.44 -5.11
N GLY A 26 7.22 -7.63 -4.70
CA GLY A 26 8.54 -8.09 -5.05
C GLY A 26 9.63 -7.42 -4.23
N ILE A 27 9.30 -7.04 -3.00
CA ILE A 27 10.22 -6.28 -2.17
C ILE A 27 11.54 -7.01 -1.99
N THR A 28 12.64 -6.29 -2.20
CA THR A 28 13.97 -6.85 -1.98
C THR A 28 14.78 -5.96 -1.03
N PRO A 29 15.81 -6.56 -0.42
CA PRO A 29 16.74 -5.82 0.46
C PRO A 29 17.54 -4.77 -0.30
N HIS A 30 17.52 -4.85 -1.62
CA HIS A 30 18.19 -3.88 -2.47
C HIS A 30 17.45 -2.55 -2.47
N ASN A 31 16.13 -2.62 -2.30
CA ASN A 31 15.30 -1.42 -2.24
C ASN A 31 14.33 -1.48 -1.07
N TYR A 32 14.71 -2.22 -0.03
CA TYR A 32 13.87 -2.39 1.14
C TYR A 32 13.72 -1.07 1.89
N TRP A 33 14.80 -0.30 1.96
CA TRP A 33 14.80 0.97 2.68
C TRP A 33 13.92 1.98 1.97
N GLN A 34 14.00 2.02 0.65
CA GLN A 34 13.19 2.94 -0.14
C GLN A 34 11.70 2.67 0.08
N TRP A 35 11.31 1.41 -0.03
CA TRP A 35 9.93 1.02 0.21
C TRP A 35 9.55 1.22 1.67
N ALA A 36 10.50 0.95 2.57
CA ALA A 36 10.26 1.08 4.00
C ALA A 36 10.03 2.53 4.39
N SER A 37 10.63 3.44 3.63
CA SER A 37 10.53 4.87 3.93
C SER A 37 9.22 5.45 3.38
N ARG A 38 8.85 5.01 2.18
CA ARG A 38 7.70 5.58 1.48
C ARG A 38 6.40 4.96 1.99
N THR A 39 6.49 3.74 2.52
CA THR A 39 5.32 2.99 2.92
C THR A 39 5.05 3.15 4.42
N ASN A 40 5.78 4.05 5.05
CA ASN A 40 5.64 4.28 6.48
C ASN A 40 5.72 2.96 7.25
N ASN A 41 6.80 2.22 7.03
CA ASN A 41 6.96 0.91 7.65
C ASN A 41 5.89 -0.07 7.15
N PHE A 42 5.59 0.00 5.86
CA PHE A 42 4.54 -0.81 5.27
C PHE A 42 3.24 -0.67 6.06
N LYS A 43 2.97 0.54 6.54
CA LYS A 43 1.70 0.85 7.19
C LYS A 43 0.70 1.44 6.21
N LEU A 44 -0.14 0.59 5.64
CA LEU A 44 -1.13 1.04 4.65
C LEU A 44 -2.52 0.51 5.00
N LEU A 45 -3.53 1.30 4.67
CA LEU A 45 -4.90 0.99 5.08
C LEU A 45 -5.87 1.14 3.91
N THR A 46 -6.93 0.36 3.91
CA THR A 46 -7.97 0.48 2.90
C THR A 46 -9.17 -0.41 3.23
N ASP A 47 -10.30 -0.12 2.62
CA ASP A 47 -11.47 -1.00 2.70
C ASP A 47 -12.15 -1.14 1.33
N GLY A 48 -12.04 -2.31 0.74
CA GLY A 48 -12.62 -2.55 -0.57
C GLY A 48 -12.14 -1.55 -1.60
N GLU A 49 -10.97 -0.97 -1.37
CA GLU A 49 -10.46 0.10 -2.22
C GLU A 49 -8.96 -0.05 -2.44
N TRP A 50 -8.37 0.90 -3.15
CA TRP A 50 -6.92 0.94 -3.33
C TRP A 50 -6.21 1.08 -2.00
N VAL A 51 -4.97 0.60 -1.94
CA VAL A 51 -4.17 0.69 -0.73
C VAL A 51 -3.32 1.96 -0.72
N TRP A 52 -3.43 2.75 0.34
CA TRP A 52 -2.69 4.00 0.45
C TRP A 52 -1.86 4.02 1.74
N VAL A 53 -0.85 4.88 1.77
CA VAL A 53 0.07 4.94 2.90
C VAL A 53 -0.38 6.01 3.90
N GLU A 54 -0.57 5.59 5.15
CA GLU A 54 -1.04 6.51 6.19
C GLU A 54 -0.16 7.76 6.25
N GLY A 55 -0.81 8.92 6.34
CA GLY A 55 -0.08 10.15 6.56
C GLY A 55 0.15 10.93 5.28
N TYR A 56 -0.08 10.27 4.15
CA TYR A 56 0.12 10.89 2.84
C TYR A 56 -1.20 11.13 2.14
N GLU A 57 -2.24 11.37 2.92
CA GLU A 57 -3.53 11.77 2.37
C GLU A 57 -3.41 13.07 1.59
N GLU A 58 -2.41 13.88 1.94
CA GLU A 58 -2.14 15.11 1.21
C GLU A 58 -1.65 14.80 -0.21
N HIS A 59 -0.77 13.80 -0.31
CA HIS A 59 -0.19 13.44 -1.61
C HIS A 59 -1.23 12.74 -2.49
N ILE A 60 -2.25 12.18 -1.86
CA ILE A 60 -3.32 11.51 -2.59
C ILE A 60 -4.18 12.53 -3.34
N GLY A 61 -4.57 12.18 -4.56
CA GLY A 61 -5.18 13.16 -5.45
C GLY A 61 -4.18 13.80 -6.38
N LYS A 62 -2.89 13.63 -6.07
CA LYS A 62 -1.83 14.17 -6.91
C LYS A 62 -1.21 13.07 -7.77
N GLN A 63 -0.72 13.44 -8.95
CA GLN A 63 -0.07 12.49 -9.85
C GLN A 63 1.43 12.42 -9.57
N LEU A 64 1.86 11.30 -9.01
CA LEU A 64 3.26 11.10 -8.67
C LEU A 64 3.83 9.87 -9.38
N PRO A 65 5.15 9.89 -9.62
CA PRO A 65 5.85 8.75 -10.23
C PRO A 65 5.92 7.55 -9.29
N LEU A 66 6.14 6.36 -9.86
CA LEU A 66 6.28 5.15 -9.07
C LEU A 66 7.36 5.31 -8.02
N ASN A 67 8.37 6.12 -8.33
CA ASN A 67 9.43 6.42 -7.37
C ASN A 67 8.88 7.23 -6.20
N GLN A 68 7.90 8.07 -6.47
CA GLN A 68 7.33 8.93 -5.44
C GLN A 68 5.85 8.62 -5.24
N ALA A 69 5.45 7.40 -5.56
CA ALA A 69 4.08 6.95 -5.32
C ALA A 69 3.86 6.67 -3.84
N ARG A 70 2.65 6.97 -3.37
CA ARG A 70 2.30 6.72 -1.98
C ARG A 70 0.95 6.01 -1.88
N ALA A 71 0.61 5.24 -2.91
CA ALA A 71 -0.61 4.45 -2.92
C ALA A 71 -0.70 3.58 -4.16
N TRP A 72 -1.44 2.50 -4.07
CA TRP A 72 -1.54 1.54 -5.16
C TRP A 72 -2.89 0.83 -5.15
N SER A 73 -3.28 0.27 -6.30
CA SER A 73 -4.56 -0.40 -6.42
C SER A 73 -4.41 -1.90 -6.23
N TRP A 74 -5.43 -2.53 -5.66
CA TRP A 74 -5.50 -3.99 -5.60
C TRP A 74 -5.36 -4.60 -6.99
N GLU A 75 -5.81 -3.87 -8.00
CA GLU A 75 -5.63 -4.30 -9.38
C GLU A 75 -4.14 -4.32 -9.75
N PHE A 76 -3.37 -3.49 -9.07
CA PHE A 76 -1.91 -3.46 -9.27
C PHE A 76 -1.23 -4.56 -8.45
N ILE A 77 -1.68 -4.72 -7.21
CA ILE A 77 -1.13 -5.75 -6.33
C ILE A 77 -1.32 -7.13 -6.93
N LYS A 78 -2.53 -7.39 -7.43
CA LYS A 78 -2.85 -8.70 -7.99
C LYS A 78 -2.10 -8.92 -9.30
N ASN A 79 -2.01 -7.87 -10.11
CA ASN A 79 -1.33 -7.95 -11.40
C ASN A 79 0.11 -8.45 -11.22
N ARG A 80 0.76 -7.99 -10.15
CA ARG A 80 2.10 -8.45 -9.83
C ARG A 80 2.07 -9.82 -9.16
N LEU A 81 1.03 -10.07 -8.37
CA LEU A 81 0.89 -11.32 -7.65
C LEU A 81 0.56 -12.47 -8.61
N LYS A 82 -0.23 -12.16 -9.63
CA LYS A 82 -0.54 -13.13 -10.67
C LYS A 82 0.73 -13.59 -11.39
N GLU A 83 1.68 -12.66 -11.55
CA GLU A 83 2.96 -12.98 -12.18
C GLU A 83 3.79 -13.89 -11.29
N LEU A 84 3.55 -13.82 -9.99
CA LEU A 84 4.26 -14.66 -9.02
C LEU A 84 3.65 -16.06 -8.99
N ASN A 85 2.37 -16.16 -9.31
CA ASN A 85 1.68 -17.45 -9.36
C ASN A 85 1.87 -18.12 -10.71
N LEU A 86 2.83 -19.04 -10.77
CA LEU A 86 3.14 -19.74 -12.02
C LEU A 86 2.59 -21.15 -12.00
N GLY A 1 -20.21 -0.06 20.19
CA GLY A 1 -21.15 -0.76 21.05
C GLY A 1 -22.59 -0.55 20.64
N SER A 2 -22.95 -1.12 19.49
CA SER A 2 -24.33 -1.03 19.00
C SER A 2 -25.16 -2.21 19.50
N GLU A 3 -25.90 -2.84 18.60
CA GLU A 3 -26.29 -4.23 18.77
C GLU A 3 -26.99 -4.76 17.51
N GLU A 4 -26.34 -4.60 16.38
CA GLU A 4 -26.91 -5.04 15.10
C GLU A 4 -25.81 -5.45 14.13
N LYS A 5 -25.20 -4.46 13.48
CA LYS A 5 -24.18 -4.73 12.47
C LYS A 5 -22.88 -4.01 12.80
N GLU A 6 -21.85 -4.25 12.00
CA GLU A 6 -20.53 -3.70 12.27
C GLU A 6 -20.30 -2.41 11.48
N GLU A 7 -19.31 -1.63 11.91
CA GLU A 7 -19.07 -0.32 11.32
C GLU A 7 -18.16 -0.44 10.10
N LYS A 8 -18.42 0.40 9.09
CA LYS A 8 -17.61 0.42 7.88
C LYS A 8 -16.24 1.00 8.16
N LYS A 9 -15.37 0.20 8.78
CA LYS A 9 -14.01 0.63 9.10
C LYS A 9 -13.00 -0.01 8.14
N VAL A 10 -11.83 0.62 8.01
CA VAL A 10 -10.81 0.15 7.09
C VAL A 10 -10.09 -1.07 7.65
N ARG A 11 -9.31 -1.73 6.80
CA ARG A 11 -8.57 -2.93 7.21
C ARG A 11 -7.24 -2.54 7.86
N GLU A 12 -6.81 -3.34 8.83
CA GLU A 12 -5.77 -2.92 9.76
C GLU A 12 -4.40 -3.44 9.33
N LEU A 13 -3.38 -3.12 10.10
CA LEU A 13 -2.01 -3.52 9.77
C LEU A 13 -1.64 -4.82 10.49
N THR A 14 -1.93 -5.94 9.84
CA THR A 14 -1.49 -7.24 10.33
C THR A 14 -0.32 -7.77 9.51
N PRO A 15 0.45 -8.68 10.12
CA PRO A 15 1.55 -9.38 9.44
C PRO A 15 1.06 -10.15 8.21
N GLN A 16 -0.19 -10.61 8.26
CA GLN A 16 -0.80 -11.29 7.13
C GLN A 16 -1.04 -10.31 5.97
N GLU A 17 -1.56 -9.13 6.30
CA GLU A 17 -1.78 -8.09 5.30
C GLU A 17 -0.46 -7.54 4.79
N LEU A 18 0.55 -7.55 5.66
CA LEU A 18 1.86 -7.00 5.32
C LEU A 18 2.62 -7.94 4.39
N GLU A 19 2.52 -9.23 4.65
CA GLU A 19 3.28 -10.23 3.91
C GLU A 19 2.84 -10.26 2.44
N LEU A 20 1.52 -10.25 2.23
CA LEU A 20 0.97 -10.39 0.89
C LEU A 20 1.32 -9.19 0.03
N PHE A 21 1.41 -8.02 0.66
CA PHE A 21 1.78 -6.80 -0.03
C PHE A 21 3.23 -6.84 -0.50
N LYS A 22 4.13 -7.11 0.44
CA LYS A 22 5.55 -7.24 0.13
C LYS A 22 5.79 -8.44 -0.79
N ARG A 23 4.87 -9.40 -0.75
CA ARG A 23 4.95 -10.56 -1.64
C ARG A 23 4.59 -10.17 -3.08
N ALA A 24 3.58 -9.32 -3.21
CA ALA A 24 3.13 -8.85 -4.52
C ALA A 24 4.09 -7.79 -5.07
N MET A 25 4.63 -6.97 -4.18
CA MET A 25 5.57 -5.93 -4.58
C MET A 25 6.98 -6.50 -4.73
N GLY A 26 7.17 -7.74 -4.26
CA GLY A 26 8.44 -8.41 -4.44
C GLY A 26 9.56 -7.74 -3.66
N ILE A 27 9.26 -7.32 -2.45
CA ILE A 27 10.19 -6.50 -1.67
C ILE A 27 11.51 -7.24 -1.45
N THR A 28 12.61 -6.54 -1.67
CA THR A 28 13.94 -7.10 -1.44
C THR A 28 14.72 -6.28 -0.42
N PRO A 29 15.69 -6.91 0.24
CA PRO A 29 16.53 -6.26 1.25
C PRO A 29 17.42 -5.17 0.63
N HIS A 30 17.55 -5.20 -0.69
CA HIS A 30 18.35 -4.21 -1.40
C HIS A 30 17.65 -2.85 -1.39
N ASN A 31 16.38 -2.85 -1.75
CA ASN A 31 15.60 -1.61 -1.79
C ASN A 31 14.55 -1.61 -0.69
N TYR A 32 14.80 -2.37 0.37
CA TYR A 32 13.88 -2.44 1.50
C TYR A 32 13.76 -1.09 2.20
N TRP A 33 14.91 -0.50 2.53
CA TRP A 33 14.93 0.81 3.17
C TRP A 33 14.20 1.84 2.31
N GLN A 34 14.27 1.67 1.00
CA GLN A 34 13.59 2.58 0.08
C GLN A 34 12.08 2.42 0.17
N TRP A 35 11.61 1.17 0.09
CA TRP A 35 10.18 0.88 0.19
C TRP A 35 9.66 1.22 1.59
N ALA A 36 10.49 0.95 2.60
CA ALA A 36 10.09 1.19 3.99
C ALA A 36 9.84 2.67 4.24
N SER A 37 10.53 3.52 3.49
CA SER A 37 10.40 4.96 3.65
C SER A 37 9.12 5.47 3.00
N ARG A 38 8.89 5.08 1.75
CA ARG A 38 7.83 5.67 0.95
C ARG A 38 6.46 5.21 1.43
N THR A 39 6.43 4.06 2.10
CA THR A 39 5.18 3.50 2.60
C THR A 39 4.93 3.91 4.05
N ASN A 40 5.79 4.79 4.56
CA ASN A 40 5.69 5.23 5.95
C ASN A 40 5.73 4.05 6.90
N ASN A 41 6.78 3.25 6.81
CA ASN A 41 6.90 2.04 7.61
C ASN A 41 5.83 1.02 7.22
N PHE A 42 5.51 0.97 5.94
CA PHE A 42 4.51 0.04 5.42
C PHE A 42 3.21 0.16 6.20
N LYS A 43 2.79 1.40 6.46
CA LYS A 43 1.50 1.67 7.07
C LYS A 43 0.43 1.86 6.01
N LEU A 44 -0.26 0.78 5.64
CA LEU A 44 -1.23 0.82 4.56
C LEU A 44 -2.63 0.56 5.09
N LEU A 45 -3.61 1.30 4.56
CA LEU A 45 -5.01 1.06 4.89
C LEU A 45 -5.83 0.77 3.63
N THR A 46 -6.87 -0.03 3.77
CA THR A 46 -7.71 -0.41 2.64
C THR A 46 -8.99 -1.09 3.11
N ASP A 47 -10.05 -0.97 2.30
CA ASP A 47 -11.30 -1.68 2.57
C ASP A 47 -12.07 -1.91 1.28
N GLY A 48 -11.84 -3.07 0.66
CA GLY A 48 -12.53 -3.38 -0.58
C GLY A 48 -12.24 -2.36 -1.67
N GLU A 49 -11.11 -1.68 -1.57
CA GLU A 49 -10.77 -0.61 -2.50
C GLU A 49 -9.26 -0.41 -2.56
N TRP A 50 -8.83 0.65 -3.24
CA TRP A 50 -7.42 0.97 -3.37
C TRP A 50 -6.72 0.85 -2.02
N VAL A 51 -5.42 0.55 -2.05
CA VAL A 51 -4.57 0.67 -0.86
C VAL A 51 -3.82 1.99 -0.86
N TRP A 52 -3.84 2.69 0.28
CA TRP A 52 -3.14 3.96 0.40
C TRP A 52 -2.28 3.98 1.66
N VAL A 53 -1.26 4.82 1.67
CA VAL A 53 -0.37 4.94 2.81
C VAL A 53 -0.91 5.93 3.84
N GLU A 54 -1.10 5.45 5.06
CA GLU A 54 -1.57 6.31 6.15
C GLU A 54 -0.60 7.47 6.39
N GLY A 55 -1.13 8.68 6.30
CA GLY A 55 -0.33 9.86 6.60
C GLY A 55 0.09 10.61 5.36
N TYR A 56 -0.03 9.96 4.21
CA TYR A 56 0.35 10.58 2.94
C TYR A 56 -0.87 10.80 2.06
N GLU A 57 -2.05 10.81 2.67
CA GLU A 57 -3.27 11.25 1.99
C GLU A 57 -3.12 12.68 1.48
N GLU A 58 -2.19 13.42 2.06
CA GLU A 58 -1.85 14.76 1.58
C GLU A 58 -1.19 14.68 0.21
N HIS A 59 -0.18 13.82 0.09
CA HIS A 59 0.61 13.73 -1.13
C HIS A 59 -0.14 12.97 -2.22
N ILE A 60 -1.13 12.18 -1.80
CA ILE A 60 -1.97 11.44 -2.74
C ILE A 60 -2.94 12.37 -3.46
N GLY A 61 -3.10 12.16 -4.76
CA GLY A 61 -3.92 13.04 -5.56
C GLY A 61 -3.12 14.14 -6.23
N LYS A 62 -1.81 13.94 -6.33
CA LYS A 62 -0.92 14.92 -6.94
C LYS A 62 -0.31 14.39 -8.22
N GLN A 63 0.20 15.29 -9.05
CA GLN A 63 0.86 14.89 -10.29
C GLN A 63 2.28 14.41 -10.03
N LEU A 64 2.41 13.15 -9.65
CA LEU A 64 3.71 12.58 -9.31
C LEU A 64 3.89 11.21 -9.95
N PRO A 65 5.16 10.81 -10.15
CA PRO A 65 5.50 9.52 -10.75
C PRO A 65 5.16 8.35 -9.83
N LEU A 66 5.07 7.16 -10.41
CA LEU A 66 4.80 5.95 -9.63
C LEU A 66 5.90 5.69 -8.62
N ASN A 67 7.09 6.23 -8.90
CA ASN A 67 8.23 6.11 -7.99
C ASN A 67 7.94 6.84 -6.68
N GLN A 68 7.06 7.83 -6.73
CA GLN A 68 6.72 8.62 -5.56
C GLN A 68 5.23 8.49 -5.22
N ALA A 69 4.61 7.43 -5.72
CA ALA A 69 3.21 7.16 -5.44
C ALA A 69 3.04 6.52 -4.06
N ARG A 70 1.98 6.91 -3.35
CA ARG A 70 1.71 6.38 -2.03
C ARG A 70 0.34 5.71 -1.97
N ALA A 71 -0.02 5.04 -3.06
CA ALA A 71 -1.28 4.32 -3.14
C ALA A 71 -1.33 3.40 -4.36
N TRP A 72 -1.98 2.25 -4.20
CA TRP A 72 -2.17 1.33 -5.32
C TRP A 72 -3.57 0.73 -5.29
N SER A 73 -3.96 0.10 -6.39
CA SER A 73 -5.21 -0.67 -6.43
C SER A 73 -4.95 -2.13 -6.06
N TRP A 74 -5.97 -2.77 -5.50
CA TRP A 74 -5.93 -4.21 -5.28
C TRP A 74 -5.72 -4.96 -6.59
N GLU A 75 -6.26 -4.40 -7.67
CA GLU A 75 -6.13 -5.02 -9.00
C GLU A 75 -4.70 -4.95 -9.50
N PHE A 76 -4.01 -3.85 -9.17
CA PHE A 76 -2.59 -3.74 -9.45
C PHE A 76 -1.78 -4.72 -8.61
N ILE A 77 -2.13 -4.82 -7.33
CA ILE A 77 -1.52 -5.80 -6.45
C ILE A 77 -1.69 -7.21 -6.97
N LYS A 78 -2.89 -7.50 -7.47
CA LYS A 78 -3.19 -8.81 -8.05
C LYS A 78 -2.44 -8.99 -9.37
N ASN A 79 -2.39 -7.93 -10.17
CA ASN A 79 -1.75 -8.00 -11.47
C ASN A 79 -0.26 -8.30 -11.33
N ARG A 80 0.38 -7.69 -10.33
CA ARG A 80 1.78 -7.93 -10.05
C ARG A 80 1.98 -9.28 -9.38
N LEU A 81 1.02 -9.67 -8.55
CA LEU A 81 1.07 -10.96 -7.87
C LEU A 81 0.84 -12.10 -8.86
N LYS A 82 -0.01 -11.87 -9.85
CA LYS A 82 -0.31 -12.87 -10.87
C LYS A 82 0.93 -13.14 -11.72
N GLU A 83 1.79 -12.13 -11.87
CA GLU A 83 3.03 -12.29 -12.59
C GLU A 83 4.00 -13.19 -11.83
N LEU A 84 3.69 -13.45 -10.57
CA LEU A 84 4.59 -14.19 -9.70
C LEU A 84 4.15 -15.65 -9.56
N ASN A 85 3.29 -16.08 -10.48
CA ASN A 85 2.86 -17.48 -10.52
C ASN A 85 4.00 -18.38 -10.98
N LEU A 86 4.54 -18.09 -12.16
CA LEU A 86 5.61 -18.89 -12.73
C LEU A 86 6.97 -18.37 -12.25
N GLY A 1 -23.40 16.11 11.74
CA GLY A 1 -24.60 15.31 11.92
C GLY A 1 -24.37 14.11 12.82
N SER A 2 -25.45 13.61 13.42
CA SER A 2 -25.34 12.58 14.45
C SER A 2 -25.40 11.19 13.84
N GLU A 3 -24.93 10.20 14.59
CA GLU A 3 -24.30 9.02 14.00
C GLU A 3 -25.36 8.00 13.59
N GLU A 4 -25.49 7.77 12.29
CA GLU A 4 -26.46 6.83 11.76
C GLU A 4 -25.77 5.61 11.16
N LYS A 5 -24.96 5.86 10.13
CA LYS A 5 -24.40 4.78 9.32
C LYS A 5 -22.90 4.65 9.54
N GLU A 6 -22.51 3.73 10.42
CA GLU A 6 -21.11 3.57 10.80
C GLU A 6 -20.65 2.14 10.57
N GLU A 7 -19.67 1.97 9.69
CA GLU A 7 -19.47 0.69 9.02
C GLU A 7 -17.98 0.31 9.01
N LYS A 8 -17.70 -0.97 8.78
CA LYS A 8 -16.37 -1.51 8.98
C LYS A 8 -15.38 -0.86 8.02
N LYS A 9 -15.09 0.42 8.24
CA LYS A 9 -14.08 1.13 7.47
C LYS A 9 -12.74 0.40 7.55
N VAL A 10 -11.73 0.95 6.85
CA VAL A 10 -10.55 0.18 6.48
C VAL A 10 -10.07 -0.67 7.64
N ARG A 11 -9.30 -1.71 7.33
CA ARG A 11 -9.03 -2.78 8.27
C ARG A 11 -7.62 -2.65 8.86
N GLU A 12 -7.29 -3.50 9.81
CA GLU A 12 -6.01 -3.43 10.51
C GLU A 12 -4.87 -3.83 9.57
N LEU A 13 -3.66 -3.90 10.13
CA LEU A 13 -2.47 -4.17 9.33
C LEU A 13 -1.76 -5.42 9.84
N THR A 14 -2.29 -6.59 9.47
CA THR A 14 -1.68 -7.85 9.84
C THR A 14 -0.41 -8.12 9.04
N PRO A 15 0.46 -8.99 9.57
CA PRO A 15 1.69 -9.39 8.89
C PRO A 15 1.40 -10.27 7.66
N GLN A 16 0.28 -10.99 7.71
CA GLN A 16 -0.11 -11.86 6.60
C GLN A 16 -0.60 -11.04 5.42
N GLU A 17 -1.29 -9.94 5.72
CA GLU A 17 -1.80 -9.05 4.67
C GLU A 17 -0.68 -8.16 4.12
N LEU A 18 0.26 -7.81 4.98
CA LEU A 18 1.36 -6.92 4.60
C LEU A 18 2.38 -7.65 3.74
N GLU A 19 2.77 -8.85 4.17
CA GLU A 19 3.80 -9.62 3.48
C GLU A 19 3.45 -9.81 2.01
N LEU A 20 2.17 -10.08 1.75
CA LEU A 20 1.70 -10.27 0.38
C LEU A 20 1.96 -9.02 -0.47
N PHE A 21 1.99 -7.87 0.19
CA PHE A 21 2.22 -6.60 -0.50
C PHE A 21 3.64 -6.53 -1.06
N LYS A 22 4.62 -6.76 -0.18
CA LYS A 22 6.01 -6.82 -0.60
C LYS A 22 6.25 -7.98 -1.56
N ARG A 23 5.61 -9.11 -1.27
CA ARG A 23 5.70 -10.27 -2.14
C ARG A 23 5.26 -9.94 -3.56
N ALA A 24 4.28 -9.04 -3.66
CA ALA A 24 3.76 -8.62 -4.96
C ALA A 24 4.70 -7.64 -5.64
N MET A 25 5.14 -6.64 -4.89
CA MET A 25 6.01 -5.60 -5.43
C MET A 25 7.40 -6.16 -5.73
N GLY A 26 7.70 -7.33 -5.17
CA GLY A 26 9.01 -7.92 -5.32
C GLY A 26 10.07 -7.21 -4.49
N ILE A 27 9.63 -6.62 -3.38
CA ILE A 27 10.54 -5.90 -2.50
C ILE A 27 11.60 -6.82 -1.90
N THR A 28 12.86 -6.39 -1.95
CA THR A 28 13.96 -7.18 -1.43
C THR A 28 14.56 -6.55 -0.18
N PRO A 29 15.31 -7.35 0.59
CA PRO A 29 15.97 -6.87 1.81
C PRO A 29 17.07 -5.85 1.51
N HIS A 30 17.38 -5.68 0.23
CA HIS A 30 18.36 -4.69 -0.19
C HIS A 30 17.73 -3.32 -0.34
N ASN A 31 16.45 -3.30 -0.72
CA ASN A 31 15.71 -2.06 -0.82
C ASN A 31 14.51 -2.06 0.12
N TYR A 32 14.53 -2.97 1.10
CA TYR A 32 13.47 -3.04 2.09
C TYR A 32 13.53 -1.85 3.04
N TRP A 33 14.75 -1.35 3.29
CA TRP A 33 14.93 -0.15 4.08
C TRP A 33 14.41 1.08 3.36
N GLN A 34 14.78 1.21 2.08
CA GLN A 34 14.35 2.33 1.27
C GLN A 34 12.83 2.31 1.08
N TRP A 35 12.27 1.12 1.03
CA TRP A 35 10.82 0.95 0.92
C TRP A 35 10.15 1.20 2.27
N ALA A 36 10.84 0.86 3.35
CA ALA A 36 10.32 1.06 4.69
C ALA A 36 10.25 2.53 5.04
N SER A 37 11.36 3.25 4.81
CA SER A 37 11.41 4.68 5.08
C SER A 37 10.53 5.45 4.10
N ARG A 38 10.14 4.79 3.02
CA ARG A 38 9.35 5.43 1.98
C ARG A 38 7.86 5.37 2.30
N THR A 39 7.39 4.19 2.68
CA THR A 39 5.96 3.95 2.86
C THR A 39 5.54 4.27 4.29
N ASN A 40 6.42 4.95 5.03
CA ASN A 40 6.17 5.23 6.44
C ASN A 40 5.94 3.94 7.22
N ASN A 41 6.93 3.05 7.19
CA ASN A 41 6.83 1.77 7.88
C ASN A 41 5.72 0.92 7.29
N PHE A 42 5.53 1.03 5.98
CA PHE A 42 4.48 0.30 5.28
C PHE A 42 3.13 0.47 5.99
N LYS A 43 2.88 1.70 6.45
CA LYS A 43 1.62 2.01 7.11
C LYS A 43 0.52 2.25 6.08
N LEU A 44 -0.14 1.17 5.65
CA LEU A 44 -1.16 1.26 4.62
C LEU A 44 -2.50 0.73 5.12
N LEU A 45 -3.58 1.30 4.61
CA LEU A 45 -4.92 0.92 5.05
C LEU A 45 -5.85 0.74 3.85
N THR A 46 -6.78 -0.20 3.96
CA THR A 46 -7.77 -0.43 2.91
C THR A 46 -8.85 -1.41 3.37
N ASP A 47 -10.01 -1.33 2.76
CA ASP A 47 -10.97 -2.44 2.79
C ASP A 47 -11.72 -2.53 1.47
N GLY A 48 -11.53 -3.65 0.76
CA GLY A 48 -12.15 -3.82 -0.53
C GLY A 48 -11.93 -2.64 -1.45
N GLU A 49 -10.89 -1.85 -1.16
CA GLU A 49 -10.65 -0.60 -1.89
C GLU A 49 -9.16 -0.43 -2.16
N TRP A 50 -8.81 0.72 -2.74
CA TRP A 50 -7.41 1.02 -3.06
C TRP A 50 -6.59 1.17 -1.78
N VAL A 51 -5.31 0.82 -1.86
CA VAL A 51 -4.39 1.04 -0.76
C VAL A 51 -3.69 2.38 -0.87
N TRP A 52 -3.71 3.14 0.22
CA TRP A 52 -2.98 4.41 0.29
C TRP A 52 -2.12 4.49 1.54
N VAL A 53 -1.29 5.51 1.62
CA VAL A 53 -0.41 5.71 2.76
C VAL A 53 -1.06 6.61 3.80
N GLU A 54 -1.12 6.13 5.05
CA GLU A 54 -1.74 6.88 6.13
C GLU A 54 -1.07 8.24 6.30
N GLY A 55 -1.89 9.28 6.46
CA GLY A 55 -1.36 10.59 6.78
C GLY A 55 -1.06 11.40 5.52
N TYR A 56 -0.84 10.71 4.41
CA TYR A 56 -0.39 11.36 3.19
C TYR A 56 -1.56 11.60 2.25
N GLU A 57 -2.73 11.88 2.82
CA GLU A 57 -3.89 12.26 2.03
C GLU A 57 -3.64 13.57 1.28
N GLU A 58 -2.74 14.38 1.82
CA GLU A 58 -2.30 15.60 1.14
C GLU A 58 -1.43 15.26 -0.06
N HIS A 59 -0.98 14.01 -0.13
CA HIS A 59 -0.15 13.55 -1.24
C HIS A 59 -0.99 12.77 -2.25
N ILE A 60 -2.29 12.98 -2.21
CA ILE A 60 -3.21 12.31 -3.13
C ILE A 60 -3.70 13.27 -4.21
N GLY A 61 -3.86 12.76 -5.42
CA GLY A 61 -4.34 13.60 -6.52
C GLY A 61 -3.29 14.56 -7.02
N LYS A 62 -2.03 14.29 -6.71
CA LYS A 62 -0.92 15.10 -7.19
C LYS A 62 -0.59 14.76 -8.65
N GLN A 63 0.35 15.49 -9.22
CA GLN A 63 0.75 15.28 -10.60
C GLN A 63 2.15 14.68 -10.69
N LEU A 64 2.38 13.60 -9.96
CA LEU A 64 3.69 12.96 -9.91
C LEU A 64 3.67 11.63 -10.67
N PRO A 65 4.86 11.17 -11.08
CA PRO A 65 5.02 9.88 -11.76
C PRO A 65 4.81 8.70 -10.81
N LEU A 66 4.84 7.49 -11.36
CA LEU A 66 4.69 6.29 -10.55
C LEU A 66 5.92 6.06 -9.68
N ASN A 67 7.04 6.65 -10.08
CA ASN A 67 8.27 6.55 -9.31
C ASN A 67 8.06 6.98 -7.86
N GLN A 68 7.12 7.91 -7.66
CA GLN A 68 6.82 8.42 -6.32
C GLN A 68 5.34 8.27 -6.01
N ALA A 69 4.72 7.25 -6.57
CA ALA A 69 3.31 6.98 -6.33
C ALA A 69 3.10 6.40 -4.93
N ARG A 70 2.23 7.05 -4.15
CA ARG A 70 2.01 6.66 -2.77
C ARG A 70 0.63 6.03 -2.60
N ALA A 71 0.29 5.13 -3.51
CA ALA A 71 -0.93 4.34 -3.38
C ALA A 71 -1.05 3.30 -4.49
N TRP A 72 -1.81 2.25 -4.25
CA TRP A 72 -2.03 1.20 -5.24
C TRP A 72 -3.41 0.57 -5.08
N SER A 73 -3.85 -0.14 -6.11
CA SER A 73 -5.14 -0.82 -6.07
C SER A 73 -4.96 -2.31 -5.80
N TRP A 74 -5.93 -2.90 -5.10
CA TRP A 74 -5.97 -4.34 -4.91
C TRP A 74 -5.93 -5.07 -6.26
N GLU A 75 -6.48 -4.43 -7.29
CA GLU A 75 -6.47 -4.99 -8.63
C GLU A 75 -5.06 -5.02 -9.19
N PHE A 76 -4.23 -4.10 -8.73
CA PHE A 76 -2.82 -4.08 -9.11
C PHE A 76 -2.02 -5.10 -8.32
N ILE A 77 -2.32 -5.21 -7.02
CA ILE A 77 -1.67 -6.17 -6.15
C ILE A 77 -1.96 -7.60 -6.61
N LYS A 78 -3.25 -7.91 -6.78
CA LYS A 78 -3.66 -9.25 -7.17
C LYS A 78 -3.09 -9.61 -8.54
N ASN A 79 -3.25 -8.71 -9.49
CA ASN A 79 -2.78 -8.97 -10.87
C ASN A 79 -1.27 -9.18 -10.89
N ARG A 80 -0.55 -8.36 -10.14
CA ARG A 80 0.90 -8.48 -10.05
C ARG A 80 1.30 -9.83 -9.48
N LEU A 81 0.60 -10.25 -8.43
CA LEU A 81 0.81 -11.58 -7.87
C LEU A 81 0.54 -12.66 -8.91
N LYS A 82 -0.54 -12.50 -9.67
CA LYS A 82 -0.89 -13.44 -10.72
C LYS A 82 0.22 -13.52 -11.76
N GLU A 83 0.87 -12.39 -12.03
CA GLU A 83 1.98 -12.34 -12.96
C GLU A 83 3.14 -13.21 -12.47
N LEU A 84 3.20 -13.40 -11.15
CA LEU A 84 4.29 -14.17 -10.55
C LEU A 84 4.10 -15.66 -10.78
N ASN A 85 2.85 -16.07 -10.99
CA ASN A 85 2.53 -17.47 -11.25
C ASN A 85 2.16 -17.68 -12.71
N LEU A 86 3.16 -17.90 -13.55
CA LEU A 86 2.92 -18.10 -14.97
C LEU A 86 2.42 -19.52 -15.24
N GLY A 1 -28.63 4.32 6.25
CA GLY A 1 -29.53 3.33 5.67
C GLY A 1 -30.40 2.67 6.73
N SER A 2 -29.92 1.56 7.28
CA SER A 2 -30.62 0.88 8.37
C SER A 2 -30.17 1.44 9.72
N GLU A 3 -30.36 0.63 10.77
CA GLU A 3 -30.16 1.11 12.13
C GLU A 3 -28.68 1.09 12.50
N GLU A 4 -28.30 0.17 13.38
CA GLU A 4 -27.11 0.33 14.20
C GLU A 4 -25.85 0.10 13.38
N LYS A 5 -25.88 -0.92 12.53
CA LYS A 5 -24.67 -1.63 12.12
C LYS A 5 -23.59 -0.66 11.69
N GLU A 6 -22.35 -1.12 11.68
CA GLU A 6 -21.20 -0.23 11.68
C GLU A 6 -20.90 0.29 10.27
N GLU A 7 -19.81 1.03 10.14
CA GLU A 7 -19.44 1.63 8.86
C GLU A 7 -18.67 0.63 8.00
N LYS A 8 -18.10 -0.39 8.64
CA LYS A 8 -17.19 -1.31 7.98
C LYS A 8 -15.91 -0.60 7.57
N LYS A 9 -15.19 -0.06 8.56
CA LYS A 9 -13.96 0.67 8.30
C LYS A 9 -12.88 -0.28 7.78
N VAL A 10 -11.77 0.31 7.33
CA VAL A 10 -10.71 -0.46 6.68
C VAL A 10 -10.15 -1.53 7.61
N ARG A 11 -9.43 -2.48 7.03
CA ARG A 11 -8.79 -3.53 7.82
C ARG A 11 -7.41 -3.08 8.31
N GLU A 12 -6.95 -3.67 9.41
CA GLU A 12 -5.87 -3.08 10.19
C GLU A 12 -4.52 -3.54 9.68
N LEU A 13 -3.45 -2.97 10.24
CA LEU A 13 -2.09 -3.26 9.80
C LEU A 13 -1.63 -4.62 10.30
N THR A 14 -2.15 -5.68 9.70
CA THR A 14 -1.77 -7.04 10.09
C THR A 14 -0.49 -7.48 9.37
N PRO A 15 0.23 -8.43 9.97
CA PRO A 15 1.41 -9.03 9.35
C PRO A 15 1.09 -9.77 8.06
N GLN A 16 -0.14 -10.27 7.98
CA GLN A 16 -0.61 -10.93 6.76
C GLN A 16 -0.79 -9.94 5.62
N GLU A 17 -1.42 -8.81 5.92
CA GLU A 17 -1.75 -7.83 4.89
C GLU A 17 -0.51 -7.07 4.45
N LEU A 18 0.43 -6.90 5.37
CA LEU A 18 1.66 -6.15 5.09
C LEU A 18 2.64 -7.01 4.31
N GLU A 19 2.67 -8.30 4.63
CA GLU A 19 3.59 -9.23 3.97
C GLU A 19 3.15 -9.48 2.53
N LEU A 20 1.87 -9.74 2.34
CA LEU A 20 1.32 -9.98 1.01
C LEU A 20 1.51 -8.75 0.12
N PHE A 21 1.54 -7.58 0.75
CA PHE A 21 1.76 -6.33 0.02
C PHE A 21 3.16 -6.30 -0.59
N LYS A 22 4.17 -6.40 0.26
CA LYS A 22 5.55 -6.38 -0.19
C LYS A 22 5.87 -7.61 -1.03
N ARG A 23 5.17 -8.70 -0.77
CA ARG A 23 5.30 -9.91 -1.57
C ARG A 23 4.87 -9.67 -3.01
N ALA A 24 3.66 -9.15 -3.18
CA ALA A 24 3.11 -8.90 -4.50
C ALA A 24 3.82 -7.74 -5.19
N MET A 25 4.27 -6.77 -4.40
CA MET A 25 4.97 -5.62 -4.93
C MET A 25 6.33 -6.00 -5.51
N GLY A 26 6.92 -7.05 -4.94
CA GLY A 26 8.25 -7.47 -5.36
C GLY A 26 9.36 -6.69 -4.67
N ILE A 27 9.13 -6.35 -3.41
CA ILE A 27 10.08 -5.53 -2.66
C ILE A 27 11.26 -6.37 -2.15
N THR A 28 12.45 -6.07 -2.66
CA THR A 28 13.65 -6.83 -2.30
C THR A 28 14.34 -6.22 -1.09
N PRO A 29 15.14 -7.04 -0.40
CA PRO A 29 15.94 -6.59 0.75
C PRO A 29 16.96 -5.52 0.37
N HIS A 30 17.25 -5.43 -0.92
CA HIS A 30 18.13 -4.39 -1.44
C HIS A 30 17.48 -3.01 -1.31
N ASN A 31 16.20 -2.93 -1.69
CA ASN A 31 15.46 -1.68 -1.62
C ASN A 31 14.32 -1.77 -0.62
N TYR A 32 14.41 -2.73 0.28
CA TYR A 32 13.41 -2.89 1.33
C TYR A 32 13.38 -1.65 2.23
N TRP A 33 14.54 -1.15 2.59
CA TRP A 33 14.65 0.06 3.40
C TRP A 33 14.07 1.26 2.66
N GLN A 34 14.23 1.28 1.34
CA GLN A 34 13.69 2.36 0.52
C GLN A 34 12.17 2.29 0.49
N TRP A 35 11.63 1.08 0.35
CA TRP A 35 10.19 0.88 0.33
C TRP A 35 9.59 1.09 1.72
N ALA A 36 10.38 0.81 2.74
CA ALA A 36 9.99 1.10 4.11
C ALA A 36 9.71 2.59 4.30
N SER A 37 10.62 3.42 3.81
CA SER A 37 10.44 4.87 3.88
C SER A 37 9.39 5.34 2.88
N ARG A 38 9.16 4.52 1.85
CA ARG A 38 8.12 4.82 0.87
C ARG A 38 6.73 4.65 1.47
N THR A 39 6.57 3.61 2.28
CA THR A 39 5.25 3.16 2.70
C THR A 39 4.96 3.56 4.15
N ASN A 40 5.84 4.38 4.71
CA ASN A 40 5.74 4.76 6.12
C ASN A 40 5.67 3.54 7.02
N ASN A 41 6.68 2.68 6.91
CA ASN A 41 6.74 1.45 7.68
C ASN A 41 5.58 0.53 7.31
N PHE A 42 5.24 0.52 6.02
CA PHE A 42 4.11 -0.27 5.54
C PHE A 42 2.84 0.03 6.34
N LYS A 43 2.56 1.32 6.52
CA LYS A 43 1.35 1.75 7.22
C LYS A 43 0.24 2.07 6.22
N LEU A 44 -0.33 1.02 5.64
CA LEU A 44 -1.37 1.18 4.62
C LEU A 44 -2.61 0.36 4.99
N LEU A 45 -3.78 0.91 4.68
CA LEU A 45 -5.05 0.27 5.06
C LEU A 45 -6.00 0.20 3.88
N THR A 46 -6.92 -0.76 3.94
CA THR A 46 -7.85 -0.99 2.84
C THR A 46 -8.97 -1.93 3.25
N ASP A 47 -10.11 -1.84 2.56
CA ASP A 47 -11.12 -2.90 2.61
C ASP A 47 -11.89 -2.96 1.30
N GLY A 48 -11.48 -3.87 0.42
CA GLY A 48 -12.07 -3.94 -0.91
C GLY A 48 -11.79 -2.70 -1.72
N GLU A 49 -10.70 -2.01 -1.41
CA GLU A 49 -10.40 -0.72 -2.01
C GLU A 49 -8.92 -0.59 -2.34
N TRP A 50 -8.52 0.58 -2.83
CA TRP A 50 -7.12 0.91 -2.99
C TRP A 50 -6.38 0.83 -1.65
N VAL A 51 -5.09 0.52 -1.70
CA VAL A 51 -4.26 0.52 -0.51
C VAL A 51 -3.35 1.75 -0.46
N TRP A 52 -3.50 2.54 0.58
CA TRP A 52 -2.82 3.83 0.66
C TRP A 52 -2.13 4.01 2.02
N VAL A 53 -1.08 4.81 2.04
CA VAL A 53 -0.37 5.10 3.28
C VAL A 53 -1.13 6.12 4.11
N GLU A 54 -1.42 5.76 5.37
CA GLU A 54 -2.17 6.63 6.26
C GLU A 54 -1.47 7.98 6.43
N GLY A 55 -2.22 9.05 6.20
CA GLY A 55 -1.71 10.38 6.51
C GLY A 55 -1.09 11.07 5.33
N TYR A 56 -0.77 10.29 4.29
CA TYR A 56 -0.08 10.81 3.12
C TYR A 56 -1.05 11.03 1.97
N GLU A 57 -2.32 11.22 2.30
CA GLU A 57 -3.29 11.75 1.34
C GLU A 57 -2.85 13.12 0.83
N GLU A 58 -2.08 13.84 1.64
CA GLU A 58 -1.45 15.06 1.19
C GLU A 58 -0.41 14.79 0.11
N HIS A 59 -0.01 13.53 -0.01
CA HIS A 59 0.95 13.13 -1.04
C HIS A 59 0.25 12.35 -2.15
N ILE A 60 -1.08 12.36 -2.12
CA ILE A 60 -1.87 11.57 -3.07
C ILE A 60 -2.78 12.45 -3.91
N GLY A 61 -3.02 12.04 -5.15
CA GLY A 61 -3.67 12.91 -6.10
C GLY A 61 -2.70 13.81 -6.84
N LYS A 62 -1.41 13.59 -6.61
CA LYS A 62 -0.36 14.34 -7.31
C LYS A 62 0.09 13.61 -8.56
N GLN A 63 0.81 14.31 -9.43
CA GLN A 63 1.24 13.75 -10.70
C GLN A 63 2.48 12.88 -10.50
N LEU A 64 2.37 11.86 -9.65
CA LEU A 64 3.48 11.00 -9.33
C LEU A 64 3.36 9.66 -10.05
N PRO A 65 4.51 9.12 -10.50
CA PRO A 65 4.59 7.76 -11.04
C PRO A 65 4.26 6.69 -9.98
N LEU A 66 4.23 5.43 -10.42
CA LEU A 66 3.93 4.33 -9.51
C LEU A 66 5.05 4.13 -8.50
N ASN A 67 6.26 4.58 -8.86
CA ASN A 67 7.40 4.48 -7.98
C ASN A 67 7.29 5.49 -6.84
N GLN A 68 6.93 6.72 -7.18
CA GLN A 68 6.81 7.79 -6.19
C GLN A 68 5.47 7.68 -5.46
N ALA A 69 4.50 7.03 -6.09
CA ALA A 69 3.17 6.87 -5.52
C ALA A 69 3.25 6.26 -4.12
N ARG A 70 2.49 6.83 -3.19
CA ARG A 70 2.36 6.25 -1.86
C ARG A 70 0.98 5.60 -1.68
N ALA A 71 0.40 5.15 -2.79
CA ALA A 71 -0.88 4.46 -2.76
C ALA A 71 -1.09 3.64 -4.03
N TRP A 72 -1.72 2.48 -3.87
CA TRP A 72 -1.94 1.57 -5.00
C TRP A 72 -3.30 0.90 -4.90
N SER A 73 -3.69 0.22 -5.98
CA SER A 73 -4.96 -0.51 -6.00
C SER A 73 -4.75 -1.96 -5.60
N TRP A 74 -5.80 -2.58 -5.07
CA TRP A 74 -5.86 -4.03 -4.96
C TRP A 74 -5.70 -4.68 -6.33
N GLU A 75 -6.20 -4.02 -7.36
CA GLU A 75 -6.10 -4.53 -8.73
C GLU A 75 -4.65 -4.46 -9.21
N PHE A 76 -3.96 -3.39 -8.86
CA PHE A 76 -2.54 -3.27 -9.14
C PHE A 76 -1.75 -4.35 -8.40
N ILE A 77 -2.07 -4.55 -7.12
CA ILE A 77 -1.43 -5.59 -6.33
C ILE A 77 -1.61 -6.96 -6.96
N LYS A 78 -2.84 -7.24 -7.42
CA LYS A 78 -3.14 -8.52 -8.06
C LYS A 78 -2.41 -8.64 -9.39
N ASN A 79 -2.24 -7.51 -10.08
CA ASN A 79 -1.52 -7.49 -11.34
C ASN A 79 -0.08 -7.95 -11.17
N ARG A 80 0.60 -7.39 -10.18
CA ARG A 80 1.98 -7.77 -9.89
C ARG A 80 2.04 -9.12 -9.20
N LEU A 81 0.99 -9.44 -8.44
CA LEU A 81 0.89 -10.74 -7.78
C LEU A 81 0.76 -11.85 -8.79
N LYS A 82 -0.11 -11.65 -9.79
CA LYS A 82 -0.23 -12.58 -10.90
C LYS A 82 1.10 -12.71 -11.64
N GLU A 83 1.83 -11.61 -11.74
CA GLU A 83 3.15 -11.61 -12.36
C GLU A 83 4.17 -12.30 -11.45
N LEU A 84 3.91 -12.27 -10.15
CA LEU A 84 4.81 -12.89 -9.18
C LEU A 84 4.86 -14.41 -9.38
N ASN A 85 3.72 -14.99 -9.73
CA ASN A 85 3.65 -16.42 -10.01
C ASN A 85 3.20 -16.68 -11.44
N LEU A 86 3.71 -15.88 -12.37
CA LEU A 86 3.34 -15.99 -13.78
C LEU A 86 4.01 -17.19 -14.42
N GLY A 1 -7.64 7.22 16.78
CA GLY A 1 -6.65 6.84 15.80
C GLY A 1 -6.94 5.48 15.18
N SER A 2 -7.44 5.50 13.95
CA SER A 2 -7.15 4.43 12.99
C SER A 2 -6.53 5.00 11.72
N GLU A 3 -6.07 6.25 11.79
CA GLU A 3 -5.68 6.99 10.60
C GLU A 3 -5.27 8.42 10.96
N GLU A 4 -4.73 9.14 9.98
CA GLU A 4 -4.79 10.60 9.98
C GLU A 4 -6.24 11.07 9.98
N LYS A 5 -6.42 12.38 10.13
CA LYS A 5 -7.72 12.94 10.47
C LYS A 5 -8.54 13.25 9.21
N GLU A 6 -8.46 12.35 8.24
CA GLU A 6 -9.41 12.35 7.13
C GLU A 6 -10.61 11.45 7.43
N GLU A 7 -10.35 10.15 7.48
CA GLU A 7 -11.35 9.19 7.96
C GLU A 7 -10.71 8.11 8.82
N LYS A 8 -11.39 7.72 9.88
CA LYS A 8 -10.87 6.75 10.83
C LYS A 8 -11.32 5.34 10.46
N LYS A 9 -11.97 5.20 9.31
CA LYS A 9 -12.39 3.91 8.82
C LYS A 9 -11.43 3.40 7.74
N VAL A 10 -10.65 2.38 8.09
CA VAL A 10 -9.70 1.79 7.15
C VAL A 10 -9.51 0.30 7.42
N ARG A 11 -8.70 -0.34 6.60
CA ARG A 11 -8.19 -1.68 6.92
C ARG A 11 -6.80 -1.60 7.54
N GLU A 12 -6.59 -2.34 8.62
CA GLU A 12 -5.49 -2.06 9.55
C GLU A 12 -4.20 -2.71 9.05
N LEU A 13 -3.12 -2.46 9.78
CA LEU A 13 -1.83 -3.07 9.47
C LEU A 13 -1.83 -4.55 9.85
N THR A 14 -2.47 -5.37 9.03
CA THR A 14 -2.49 -6.81 9.23
C THR A 14 -1.27 -7.47 8.60
N PRO A 15 -0.81 -8.58 9.19
CA PRO A 15 0.30 -9.37 8.63
C PRO A 15 -0.03 -9.94 7.26
N GLN A 16 -1.31 -10.16 7.00
CA GLN A 16 -1.76 -10.62 5.69
C GLN A 16 -1.62 -9.52 4.65
N GLU A 17 -2.19 -8.35 4.94
CA GLU A 17 -2.19 -7.24 4.00
C GLU A 17 -0.78 -6.79 3.67
N LEU A 18 0.11 -6.87 4.67
CA LEU A 18 1.46 -6.34 4.53
C LEU A 18 2.35 -7.33 3.78
N GLU A 19 2.20 -8.61 4.09
CA GLU A 19 3.05 -9.65 3.51
C GLU A 19 2.74 -9.84 2.03
N LEU A 20 1.46 -9.86 1.70
CA LEU A 20 1.01 -10.04 0.32
C LEU A 20 1.44 -8.87 -0.55
N PHE A 21 1.59 -7.70 0.07
CA PHE A 21 2.07 -6.52 -0.63
C PHE A 21 3.51 -6.68 -1.06
N LYS A 22 4.39 -6.91 -0.09
CA LYS A 22 5.81 -7.09 -0.36
C LYS A 22 6.05 -8.34 -1.19
N ARG A 23 5.15 -9.31 -1.07
CA ARG A 23 5.22 -10.53 -1.88
C ARG A 23 4.99 -10.21 -3.35
N ALA A 24 3.89 -9.53 -3.64
CA ALA A 24 3.56 -9.15 -5.01
C ALA A 24 4.54 -8.10 -5.54
N MET A 25 4.94 -7.19 -4.65
CA MET A 25 5.87 -6.12 -5.03
C MET A 25 7.26 -6.67 -5.29
N GLY A 26 7.60 -7.77 -4.63
CA GLY A 26 8.90 -8.38 -4.80
C GLY A 26 9.98 -7.71 -3.98
N ILE A 27 9.61 -7.25 -2.79
CA ILE A 27 10.53 -6.50 -1.95
C ILE A 27 11.57 -7.42 -1.30
N THR A 28 12.84 -7.19 -1.63
CA THR A 28 13.91 -8.04 -1.13
C THR A 28 14.53 -7.44 0.14
N PRO A 29 15.20 -8.30 0.92
CA PRO A 29 15.92 -7.87 2.12
C PRO A 29 17.05 -6.91 1.81
N HIS A 30 17.40 -6.83 0.53
CA HIS A 30 18.46 -5.91 0.09
C HIS A 30 17.92 -4.49 -0.05
N ASN A 31 16.67 -4.37 -0.46
CA ASN A 31 16.02 -3.07 -0.59
C ASN A 31 14.82 -2.96 0.34
N TYR A 32 14.77 -3.84 1.35
CA TYR A 32 13.70 -3.81 2.33
C TYR A 32 13.74 -2.51 3.15
N TRP A 33 14.93 -2.17 3.64
CA TRP A 33 15.11 -0.94 4.41
C TRP A 33 14.81 0.28 3.56
N GLN A 34 15.01 0.14 2.24
CA GLN A 34 14.67 1.21 1.31
C GLN A 34 13.17 1.39 1.19
N TRP A 35 12.45 0.27 1.15
CA TRP A 35 11.00 0.30 1.07
C TRP A 35 10.38 0.70 2.40
N ALA A 36 11.14 0.49 3.48
CA ALA A 36 10.74 0.97 4.80
C ALA A 36 10.59 2.49 4.81
N SER A 37 11.54 3.18 4.21
CA SER A 37 11.47 4.63 4.08
C SER A 37 10.45 5.04 3.03
N ARG A 38 10.20 4.14 2.08
CA ARG A 38 9.20 4.39 1.05
C ARG A 38 7.78 4.39 1.64
N THR A 39 7.53 3.43 2.52
CA THR A 39 6.16 3.16 2.98
C THR A 39 5.94 3.67 4.39
N ASN A 40 6.84 4.51 4.86
CA ASN A 40 6.75 5.08 6.20
C ASN A 40 6.62 3.98 7.25
N ASN A 41 7.63 3.12 7.32
CA ASN A 41 7.61 2.00 8.26
C ASN A 41 6.49 1.01 7.90
N PHE A 42 6.24 0.87 6.60
CA PHE A 42 5.23 -0.08 6.13
C PHE A 42 3.91 0.11 6.87
N LYS A 43 3.52 1.37 7.05
CA LYS A 43 2.20 1.69 7.58
C LYS A 43 1.20 1.92 6.46
N LEU A 44 0.90 0.86 5.71
CA LEU A 44 -0.03 0.94 4.59
C LEU A 44 -1.47 0.72 5.07
N LEU A 45 -2.36 1.63 4.68
CA LEU A 45 -3.78 1.47 4.97
C LEU A 45 -4.59 1.53 3.68
N THR A 46 -5.78 0.92 3.71
CA THR A 46 -6.65 0.88 2.55
C THR A 46 -8.09 0.60 2.96
N ASP A 47 -9.03 1.12 2.17
CA ASP A 47 -10.46 0.85 2.39
C ASP A 47 -11.20 0.81 1.06
N GLY A 48 -11.28 -0.38 0.46
CA GLY A 48 -11.97 -0.53 -0.80
C GLY A 48 -11.33 0.27 -1.92
N GLU A 49 -10.06 0.62 -1.73
CA GLU A 49 -9.36 1.48 -2.68
C GLU A 49 -7.92 1.01 -2.87
N TRP A 50 -7.18 1.76 -3.69
CA TRP A 50 -5.73 1.56 -3.78
C TRP A 50 -5.05 1.78 -2.44
N VAL A 51 -4.03 0.99 -2.16
CA VAL A 51 -3.37 1.02 -0.86
C VAL A 51 -2.45 2.24 -0.74
N TRP A 52 -2.61 2.98 0.34
CA TRP A 52 -1.89 4.25 0.51
C TRP A 52 -1.03 4.23 1.77
N VAL A 53 0.00 5.06 1.79
CA VAL A 53 0.85 5.20 2.97
C VAL A 53 0.24 6.17 3.98
N GLU A 54 0.06 5.69 5.21
CA GLU A 54 -0.39 6.55 6.30
C GLU A 54 0.33 7.89 6.27
N GLY A 55 -0.44 8.97 6.42
CA GLY A 55 0.15 10.29 6.49
C GLY A 55 0.01 11.06 5.19
N TYR A 56 -0.37 10.35 4.12
CA TYR A 56 -0.53 10.96 2.81
C TYR A 56 -1.98 10.89 2.35
N GLU A 57 -2.91 11.11 3.28
CA GLU A 57 -4.31 11.18 2.94
C GLU A 57 -4.59 12.30 1.94
N GLU A 58 -3.66 13.24 1.85
CA GLU A 58 -3.73 14.29 0.84
C GLU A 58 -3.62 13.71 -0.56
N HIS A 59 -2.83 12.65 -0.70
CA HIS A 59 -2.48 12.11 -2.02
C HIS A 59 -3.56 11.14 -2.50
N ILE A 60 -4.43 10.73 -1.59
CA ILE A 60 -5.52 9.83 -1.93
C ILE A 60 -6.42 10.44 -3.01
N GLY A 61 -6.56 9.74 -4.13
CA GLY A 61 -7.34 10.25 -5.23
C GLY A 61 -6.51 10.98 -6.26
N LYS A 62 -5.22 11.11 -5.98
CA LYS A 62 -4.30 11.78 -6.89
C LYS A 62 -3.26 10.80 -7.43
N GLN A 63 -3.38 10.48 -8.72
CA GLN A 63 -2.43 9.57 -9.36
C GLN A 63 -1.37 10.36 -10.13
N LEU A 64 -0.15 10.37 -9.59
CA LEU A 64 0.94 11.12 -10.19
C LEU A 64 1.95 10.18 -10.85
N PRO A 65 2.70 10.71 -11.82
CA PRO A 65 3.75 9.96 -12.52
C PRO A 65 5.01 9.80 -11.68
N LEU A 66 4.88 9.11 -10.54
CA LEU A 66 6.02 8.88 -9.66
C LEU A 66 6.64 10.19 -9.22
N ASN A 67 5.82 11.24 -9.15
CA ASN A 67 6.25 12.50 -8.58
C ASN A 67 5.99 12.53 -7.07
N GLN A 68 4.73 12.35 -6.69
CA GLN A 68 4.37 12.27 -5.28
C GLN A 68 3.62 10.98 -4.99
N ALA A 69 3.88 9.96 -5.79
CA ALA A 69 3.20 8.68 -5.65
C ALA A 69 3.47 8.06 -4.28
N ARG A 70 2.41 7.85 -3.50
CA ARG A 70 2.53 7.21 -2.20
C ARG A 70 1.43 6.17 -2.00
N ALA A 71 1.08 5.47 -3.08
CA ALA A 71 -0.04 4.55 -3.06
C ALA A 71 0.01 3.61 -4.26
N TRP A 72 -0.52 2.40 -4.08
CA TRP A 72 -0.57 1.43 -5.17
C TRP A 72 -1.91 0.69 -5.17
N SER A 73 -2.45 0.46 -6.36
CA SER A 73 -3.81 -0.08 -6.50
C SER A 73 -3.83 -1.57 -6.20
N TRP A 74 -4.96 -2.04 -5.70
CA TRP A 74 -5.20 -3.48 -5.54
C TRP A 74 -5.12 -4.19 -6.89
N GLU A 75 -5.49 -3.49 -7.96
CA GLU A 75 -5.40 -4.04 -9.30
C GLU A 75 -3.95 -4.25 -9.71
N PHE A 76 -3.08 -3.32 -9.33
CA PHE A 76 -1.65 -3.48 -9.53
C PHE A 76 -1.10 -4.67 -8.74
N ILE A 77 -1.51 -4.77 -7.48
CA ILE A 77 -1.11 -5.88 -6.63
C ILE A 77 -1.54 -7.21 -7.22
N LYS A 78 -2.78 -7.26 -7.70
CA LYS A 78 -3.35 -8.49 -8.26
C LYS A 78 -2.59 -8.89 -9.53
N ASN A 79 -2.19 -7.90 -10.32
CA ASN A 79 -1.45 -8.16 -11.56
C ASN A 79 -0.12 -8.83 -11.25
N ARG A 80 0.54 -8.38 -10.19
CA ARG A 80 1.83 -8.93 -9.80
C ARG A 80 1.67 -10.32 -9.20
N LEU A 81 0.57 -10.53 -8.48
CA LEU A 81 0.24 -11.83 -7.94
C LEU A 81 -0.04 -12.83 -9.06
N LYS A 82 -0.67 -12.35 -10.13
CA LYS A 82 -0.92 -13.17 -11.31
C LYS A 82 0.40 -13.52 -12.01
N GLU A 83 1.35 -12.59 -11.98
CA GLU A 83 2.67 -12.84 -12.54
C GLU A 83 3.45 -13.85 -11.69
N LEU A 84 3.18 -13.84 -10.39
CA LEU A 84 3.75 -14.84 -9.49
C LEU A 84 3.12 -16.20 -9.72
N ASN A 85 1.82 -16.21 -10.04
CA ASN A 85 1.13 -17.45 -10.38
C ASN A 85 1.64 -18.00 -11.70
N LEU A 86 1.96 -17.11 -12.63
CA LEU A 86 2.48 -17.52 -13.93
C LEU A 86 3.98 -17.82 -13.84
N GLY A 1 -12.55 17.32 -4.93
CA GLY A 1 -11.83 17.78 -3.76
C GLY A 1 -11.30 16.64 -2.92
N SER A 2 -10.12 16.14 -3.28
CA SER A 2 -9.61 14.91 -2.69
C SER A 2 -9.58 15.00 -1.17
N GLU A 3 -9.37 16.20 -0.65
CA GLU A 3 -9.11 16.40 0.77
C GLU A 3 -10.37 16.14 1.59
N GLU A 4 -10.23 15.36 2.66
CA GLU A 4 -11.33 14.55 3.17
C GLU A 4 -11.51 14.75 4.66
N LYS A 5 -12.25 15.79 5.04
CA LYS A 5 -12.57 16.04 6.44
C LYS A 5 -13.89 15.38 6.82
N GLU A 6 -13.83 14.12 7.23
CA GLU A 6 -15.02 13.39 7.66
C GLU A 6 -14.72 12.48 8.83
N GLU A 7 -14.63 11.18 8.56
CA GLU A 7 -14.18 10.22 9.55
C GLU A 7 -13.07 9.33 8.99
N LYS A 8 -12.13 8.96 9.84
CA LYS A 8 -10.94 8.23 9.40
C LYS A 8 -11.11 6.73 9.57
N LYS A 9 -12.31 6.24 9.25
CA LYS A 9 -12.62 4.82 9.42
C LYS A 9 -12.04 4.00 8.27
N VAL A 10 -11.15 3.06 8.61
CA VAL A 10 -10.47 2.26 7.61
C VAL A 10 -10.31 0.82 8.08
N ARG A 11 -9.72 -0.02 7.23
CA ARG A 11 -9.54 -1.43 7.54
C ARG A 11 -8.15 -1.69 8.11
N GLU A 12 -7.99 -2.82 8.79
CA GLU A 12 -6.84 -3.04 9.66
C GLU A 12 -5.63 -3.49 8.85
N LEU A 13 -4.48 -3.59 9.51
CA LEU A 13 -3.27 -4.10 8.88
C LEU A 13 -2.92 -5.48 9.42
N THR A 14 -3.19 -6.51 8.61
CA THR A 14 -2.85 -7.88 8.99
C THR A 14 -1.46 -8.26 8.48
N PRO A 15 -0.86 -9.28 9.12
CA PRO A 15 0.42 -9.84 8.68
C PRO A 15 0.34 -10.44 7.28
N GLN A 16 -0.84 -10.92 6.92
CA GLN A 16 -1.09 -11.41 5.57
C GLN A 16 -1.11 -10.27 4.57
N GLU A 17 -1.76 -9.17 4.94
CA GLU A 17 -1.86 -8.01 4.06
C GLU A 17 -0.50 -7.37 3.82
N LEU A 18 0.31 -7.33 4.87
CA LEU A 18 1.59 -6.63 4.82
C LEU A 18 2.62 -7.47 4.06
N GLU A 19 2.59 -8.78 4.27
CA GLU A 19 3.55 -9.68 3.65
C GLU A 19 3.27 -9.83 2.16
N LEU A 20 2.00 -10.04 1.82
CA LEU A 20 1.59 -10.21 0.43
C LEU A 20 1.80 -8.91 -0.35
N PHE A 21 1.81 -7.79 0.36
CA PHE A 21 2.08 -6.49 -0.25
C PHE A 21 3.51 -6.44 -0.81
N LYS A 22 4.48 -6.69 0.06
CA LYS A 22 5.88 -6.68 -0.35
C LYS A 22 6.18 -7.86 -1.28
N ARG A 23 5.45 -8.96 -1.09
CA ARG A 23 5.63 -10.15 -1.92
C ARG A 23 5.24 -9.86 -3.37
N ALA A 24 4.07 -9.27 -3.55
CA ALA A 24 3.61 -8.90 -4.88
C ALA A 24 4.41 -7.73 -5.44
N MET A 25 4.75 -6.79 -4.56
CA MET A 25 5.53 -5.62 -4.97
C MET A 25 6.92 -6.01 -5.43
N GLY A 26 7.42 -7.12 -4.89
CA GLY A 26 8.75 -7.58 -5.24
C GLY A 26 9.83 -6.85 -4.48
N ILE A 27 9.52 -6.43 -3.26
CA ILE A 27 10.45 -5.64 -2.46
C ILE A 27 11.61 -6.49 -1.95
N THR A 28 12.82 -6.10 -2.32
CA THR A 28 14.01 -6.87 -1.97
C THR A 28 14.72 -6.26 -0.76
N PRO A 29 15.55 -7.07 -0.09
CA PRO A 29 16.35 -6.61 1.06
C PRO A 29 17.32 -5.51 0.67
N HIS A 30 17.57 -5.36 -0.63
CA HIS A 30 18.38 -4.26 -1.14
C HIS A 30 17.64 -2.94 -0.99
N ASN A 31 16.37 -2.91 -1.41
CA ASN A 31 15.57 -1.70 -1.35
C ASN A 31 14.47 -1.84 -0.32
N TYR A 32 14.67 -2.73 0.64
CA TYR A 32 13.70 -2.93 1.71
C TYR A 32 13.65 -1.71 2.64
N TRP A 33 14.82 -1.21 2.99
CA TRP A 33 14.92 -0.02 3.83
C TRP A 33 14.43 1.21 3.08
N GLN A 34 14.55 1.17 1.75
CA GLN A 34 14.04 2.25 0.91
C GLN A 34 12.52 2.25 0.89
N TRP A 35 11.93 1.08 0.68
CA TRP A 35 10.48 0.94 0.73
C TRP A 35 9.95 1.21 2.14
N ALA A 36 10.75 0.87 3.14
CA ALA A 36 10.39 1.13 4.53
C ALA A 36 10.18 2.62 4.77
N SER A 37 11.12 3.43 4.28
CA SER A 37 11.05 4.88 4.44
C SER A 37 9.97 5.47 3.53
N ARG A 38 9.68 4.78 2.44
CA ARG A 38 8.67 5.23 1.49
C ARG A 38 7.27 4.97 2.03
N THR A 39 7.10 3.84 2.72
CA THR A 39 5.78 3.35 3.07
C THR A 39 5.45 3.66 4.53
N ASN A 40 6.20 4.59 5.12
CA ASN A 40 6.02 4.95 6.52
C ASN A 40 6.01 3.70 7.41
N ASN A 41 7.12 2.97 7.38
CA ASN A 41 7.23 1.74 8.16
C ASN A 41 6.25 0.69 7.65
N PHE A 42 6.03 0.68 6.34
CA PHE A 42 5.07 -0.24 5.74
C PHE A 42 3.68 -0.07 6.35
N LYS A 43 3.39 1.14 6.82
CA LYS A 43 2.09 1.45 7.38
C LYS A 43 1.15 2.01 6.31
N LEU A 44 0.21 1.19 5.86
CA LEU A 44 -0.70 1.59 4.80
C LEU A 44 -2.14 1.26 5.17
N LEU A 45 -3.07 2.13 4.75
CA LEU A 45 -4.47 1.97 5.10
C LEU A 45 -5.33 1.81 3.86
N THR A 46 -6.50 1.20 4.02
CA THR A 46 -7.45 1.08 2.93
C THR A 46 -8.81 0.60 3.45
N ASP A 47 -9.87 0.94 2.71
CA ASP A 47 -11.19 0.37 2.97
C ASP A 47 -11.94 0.16 1.66
N GLY A 48 -11.90 -1.07 1.15
CA GLY A 48 -12.57 -1.38 -0.10
C GLY A 48 -12.00 -0.59 -1.27
N GLU A 49 -10.75 -0.14 -1.13
CA GLU A 49 -10.15 0.75 -2.11
C GLU A 49 -8.68 0.41 -2.34
N TRP A 50 -8.01 1.20 -3.17
CA TRP A 50 -6.57 1.11 -3.29
C TRP A 50 -5.88 1.43 -1.96
N VAL A 51 -4.71 0.85 -1.74
CA VAL A 51 -3.97 1.05 -0.52
C VAL A 51 -3.11 2.31 -0.58
N TRP A 52 -3.15 3.11 0.48
CA TRP A 52 -2.32 4.30 0.57
C TRP A 52 -1.52 4.30 1.88
N VAL A 53 -0.43 5.06 1.90
CA VAL A 53 0.43 5.13 3.07
C VAL A 53 -0.06 6.20 4.04
N GLU A 54 -0.15 5.83 5.32
CA GLU A 54 -0.61 6.76 6.35
C GLU A 54 0.23 8.02 6.34
N GLY A 55 -0.45 9.17 6.30
CA GLY A 55 0.25 10.44 6.26
C GLY A 55 0.40 10.98 4.84
N TYR A 56 0.25 10.10 3.86
CA TYR A 56 0.31 10.49 2.46
C TYR A 56 -1.04 10.36 1.79
N GLU A 57 -2.09 10.27 2.59
CA GLU A 57 -3.46 10.40 2.10
C GLU A 57 -3.66 11.75 1.42
N GLU A 58 -2.74 12.68 1.66
CA GLU A 58 -2.68 13.92 0.90
C GLU A 58 -2.43 13.64 -0.58
N HIS A 59 -1.63 12.61 -0.86
CA HIS A 59 -1.24 12.29 -2.23
C HIS A 59 -2.38 11.63 -2.98
N ILE A 60 -3.40 11.21 -2.25
CA ILE A 60 -4.58 10.61 -2.85
C ILE A 60 -5.21 11.56 -3.88
N GLY A 61 -5.39 11.06 -5.10
CA GLY A 61 -5.95 11.89 -6.15
C GLY A 61 -4.89 12.67 -6.90
N LYS A 62 -3.63 12.32 -6.67
CA LYS A 62 -2.53 12.94 -7.40
C LYS A 62 -1.74 11.90 -8.19
N GLN A 63 -1.86 11.94 -9.51
CA GLN A 63 -1.10 11.04 -10.37
C GLN A 63 0.40 11.29 -10.25
N LEU A 64 1.08 10.41 -9.52
CA LEU A 64 2.50 10.56 -9.29
C LEU A 64 3.26 9.32 -9.77
N PRO A 65 4.55 9.52 -10.10
CA PRO A 65 5.43 8.43 -10.53
C PRO A 65 5.71 7.44 -9.41
N LEU A 66 6.26 6.28 -9.76
CA LEU A 66 6.51 5.22 -8.80
C LEU A 66 7.46 5.70 -7.70
N ASN A 67 8.28 6.69 -8.04
CA ASN A 67 9.17 7.30 -7.06
C ASN A 67 8.40 8.17 -6.07
N GLN A 68 7.43 8.92 -6.58
CA GLN A 68 6.65 9.83 -5.75
C GLN A 68 5.28 9.24 -5.43
N ALA A 69 5.14 7.93 -5.64
CA ALA A 69 3.88 7.24 -5.38
C ALA A 69 3.81 6.76 -3.93
N ARG A 70 2.65 6.94 -3.32
CA ARG A 70 2.42 6.48 -1.95
C ARG A 70 1.09 5.75 -1.83
N ALA A 71 0.72 5.03 -2.89
CA ALA A 71 -0.53 4.27 -2.90
C ALA A 71 -0.58 3.32 -4.08
N TRP A 72 -1.13 2.13 -3.86
CA TRP A 72 -1.26 1.13 -4.91
C TRP A 72 -2.57 0.36 -4.77
N SER A 73 -3.15 -0.03 -5.89
CA SER A 73 -4.46 -0.66 -5.91
C SER A 73 -4.36 -2.13 -5.51
N TRP A 74 -5.40 -2.64 -4.86
CA TRP A 74 -5.55 -4.07 -4.65
C TRP A 74 -5.58 -4.81 -5.98
N GLU A 75 -6.09 -4.14 -7.02
CA GLU A 75 -6.06 -4.68 -8.37
C GLU A 75 -4.64 -4.71 -8.92
N PHE A 76 -3.84 -3.73 -8.53
CA PHE A 76 -2.42 -3.71 -8.85
C PHE A 76 -1.70 -4.86 -8.16
N ILE A 77 -1.98 -5.02 -6.87
CA ILE A 77 -1.40 -6.13 -6.10
C ILE A 77 -1.79 -7.47 -6.70
N LYS A 78 -3.04 -7.60 -7.13
CA LYS A 78 -3.52 -8.83 -7.76
C LYS A 78 -2.78 -9.08 -9.07
N ASN A 79 -2.61 -8.03 -9.87
CA ASN A 79 -1.88 -8.14 -11.13
C ASN A 79 -0.42 -8.53 -10.87
N ARG A 80 0.14 -8.01 -9.79
CA ARG A 80 1.51 -8.32 -9.41
C ARG A 80 1.65 -9.78 -8.99
N LEU A 81 0.63 -10.28 -8.30
CA LEU A 81 0.58 -11.69 -7.94
C LEU A 81 0.38 -12.56 -9.19
N LYS A 82 -0.36 -12.04 -10.16
CA LYS A 82 -0.54 -12.71 -11.44
C LYS A 82 0.77 -12.75 -12.22
N GLU A 83 1.61 -11.74 -12.01
CA GLU A 83 2.93 -11.71 -12.62
C GLU A 83 3.85 -12.75 -12.01
N LEU A 84 3.60 -13.08 -10.74
CA LEU A 84 4.38 -14.09 -10.04
C LEU A 84 4.01 -15.49 -10.53
N ASN A 85 2.77 -15.64 -10.99
CA ASN A 85 2.28 -16.93 -11.46
C ASN A 85 2.39 -17.02 -12.98
N LEU A 86 2.84 -18.18 -13.46
CA LEU A 86 2.99 -18.40 -14.90
C LEU A 86 1.96 -19.39 -15.41
N GLY A 1 4.68 6.30 13.96
CA GLY A 1 3.82 5.66 12.99
C GLY A 1 2.78 6.61 12.41
N SER A 2 2.87 7.87 12.78
CA SER A 2 2.72 8.96 11.81
C SER A 2 1.94 10.13 12.41
N GLU A 3 0.63 9.95 12.52
CA GLU A 3 -0.24 11.01 13.04
C GLU A 3 -1.68 10.52 13.13
N GLU A 4 -2.06 10.03 14.32
CA GLU A 4 -3.31 9.31 14.47
C GLU A 4 -4.00 9.70 15.77
N LYS A 5 -5.19 10.29 15.65
CA LYS A 5 -6.04 10.56 16.80
C LYS A 5 -7.40 9.91 16.65
N GLU A 6 -7.82 9.74 15.40
CA GLU A 6 -9.01 8.92 15.09
C GLU A 6 -9.22 8.82 13.59
N GLU A 7 -9.25 7.59 13.09
CA GLU A 7 -9.85 7.31 11.78
C GLU A 7 -10.64 6.00 11.81
N LYS A 8 -11.96 6.11 11.73
CA LYS A 8 -12.83 4.95 11.80
C LYS A 8 -13.27 4.49 10.41
N LYS A 9 -12.37 4.63 9.44
CA LYS A 9 -12.68 4.30 8.06
C LYS A 9 -11.46 3.77 7.33
N VAL A 10 -10.84 2.75 7.92
CA VAL A 10 -9.81 1.98 7.21
C VAL A 10 -9.81 0.52 7.67
N ARG A 11 -9.09 -0.33 6.93
CA ARG A 11 -8.91 -1.71 7.32
C ARG A 11 -7.58 -1.91 8.04
N GLU A 12 -7.53 -2.92 8.91
CA GLU A 12 -6.43 -3.05 9.86
C GLU A 12 -5.14 -3.48 9.14
N LEU A 13 -4.04 -3.50 9.89
CA LEU A 13 -2.73 -3.77 9.32
C LEU A 13 -2.23 -5.15 9.75
N THR A 14 -2.71 -6.18 9.08
CA THR A 14 -2.29 -7.55 9.37
C THR A 14 -0.96 -7.88 8.68
N PRO A 15 -0.19 -8.79 9.29
CA PRO A 15 1.06 -9.29 8.70
C PRO A 15 0.83 -9.98 7.36
N GLN A 16 -0.36 -10.55 7.19
CA GLN A 16 -0.73 -11.16 5.92
C GLN A 16 -0.94 -10.11 4.84
N GLU A 17 -1.60 -9.02 5.22
CA GLU A 17 -1.83 -7.92 4.29
C GLU A 17 -0.53 -7.17 3.98
N LEU A 18 0.37 -7.16 4.95
CA LEU A 18 1.66 -6.49 4.79
C LEU A 18 2.61 -7.32 3.93
N GLU A 19 2.52 -8.64 4.07
CA GLU A 19 3.37 -9.55 3.31
C GLU A 19 2.99 -9.54 1.83
N LEU A 20 1.69 -9.63 1.56
CA LEU A 20 1.20 -9.69 0.19
C LEU A 20 1.52 -8.40 -0.57
N PHE A 21 1.66 -7.31 0.18
CA PHE A 21 2.05 -6.03 -0.41
C PHE A 21 3.47 -6.10 -0.96
N LYS A 22 4.42 -6.39 -0.08
CA LYS A 22 5.83 -6.47 -0.47
C LYS A 22 6.06 -7.62 -1.44
N ARG A 23 5.21 -8.64 -1.36
CA ARG A 23 5.24 -9.74 -2.31
C ARG A 23 4.89 -9.25 -3.72
N ALA A 24 3.81 -8.47 -3.81
CA ALA A 24 3.40 -7.90 -5.08
C ALA A 24 4.44 -6.92 -5.61
N MET A 25 4.97 -6.09 -4.72
CA MET A 25 5.98 -5.10 -5.09
C MET A 25 7.30 -5.79 -5.41
N GLY A 26 7.47 -7.01 -4.91
CA GLY A 26 8.68 -7.77 -5.18
C GLY A 26 9.87 -7.26 -4.38
N ILE A 27 9.60 -6.75 -3.19
CA ILE A 27 10.63 -6.06 -2.40
C ILE A 27 11.68 -7.05 -1.90
N THR A 28 12.95 -6.74 -2.16
CA THR A 28 14.05 -7.60 -1.72
C THR A 28 14.75 -7.02 -0.49
N PRO A 29 15.44 -7.89 0.25
CA PRO A 29 16.21 -7.48 1.43
C PRO A 29 17.32 -6.48 1.09
N HIS A 30 17.60 -6.35 -0.20
CA HIS A 30 18.61 -5.40 -0.66
C HIS A 30 18.03 -3.99 -0.72
N ASN A 31 16.77 -3.89 -1.12
CA ASN A 31 16.10 -2.60 -1.20
C ASN A 31 14.90 -2.55 -0.27
N TYR A 32 14.88 -3.43 0.72
CA TYR A 32 13.81 -3.46 1.71
C TYR A 32 13.82 -2.19 2.56
N TRP A 33 15.00 -1.82 3.04
CA TRP A 33 15.15 -0.65 3.89
C TRP A 33 14.77 0.62 3.14
N GLN A 34 14.96 0.62 1.83
CA GLN A 34 14.55 1.73 0.99
C GLN A 34 13.04 1.87 0.97
N TRP A 35 12.35 0.75 0.76
CA TRP A 35 10.89 0.75 0.80
C TRP A 35 10.38 1.04 2.21
N ALA A 36 11.06 0.49 3.21
CA ALA A 36 10.63 0.62 4.59
C ALA A 36 10.74 2.07 5.06
N SER A 37 11.71 2.79 4.52
CA SER A 37 11.98 4.17 4.94
C SER A 37 10.99 5.14 4.32
N ARG A 38 10.47 4.77 3.14
CA ARG A 38 9.56 5.64 2.40
C ARG A 38 8.12 5.38 2.82
N THR A 39 7.83 4.14 3.21
CA THR A 39 6.48 3.76 3.60
C THR A 39 6.27 3.96 5.09
N ASN A 40 7.30 4.42 5.78
CA ASN A 40 7.24 4.59 7.23
C ASN A 40 6.91 3.28 7.92
N ASN A 41 7.76 2.28 7.72
CA ASN A 41 7.53 0.96 8.30
C ASN A 41 6.26 0.33 7.73
N PHE A 42 5.98 0.62 6.47
CA PHE A 42 4.83 0.03 5.79
C PHE A 42 3.56 0.22 6.62
N LYS A 43 3.37 1.43 7.14
CA LYS A 43 2.12 1.81 7.76
C LYS A 43 1.02 2.00 6.72
N LEU A 44 0.58 0.90 6.12
CA LEU A 44 -0.36 0.97 5.00
C LEU A 44 -1.78 0.74 5.48
N LEU A 45 -2.71 1.53 4.96
CA LEU A 45 -4.13 1.36 5.25
C LEU A 45 -4.97 1.40 3.98
N THR A 46 -6.14 0.79 4.03
CA THR A 46 -7.01 0.72 2.87
C THR A 46 -8.45 0.41 3.27
N ASP A 47 -9.41 0.85 2.47
CA ASP A 47 -10.81 0.48 2.65
C ASP A 47 -11.52 0.37 1.30
N GLY A 48 -11.42 -0.79 0.68
CA GLY A 48 -12.08 -1.01 -0.59
C GLY A 48 -11.56 -0.10 -1.69
N GLU A 49 -10.34 0.40 -1.50
CA GLU A 49 -9.76 1.38 -2.42
C GLU A 49 -8.26 1.12 -2.60
N TRP A 50 -7.51 2.20 -2.75
CA TRP A 50 -6.05 2.11 -2.78
C TRP A 50 -5.50 1.71 -1.42
N VAL A 51 -4.36 1.01 -1.44
CA VAL A 51 -3.50 0.93 -0.26
C VAL A 51 -2.52 2.09 -0.22
N TRP A 52 -2.54 2.84 0.87
CA TRP A 52 -1.73 4.05 0.98
C TRP A 52 -0.97 4.08 2.31
N VAL A 53 0.10 4.86 2.36
CA VAL A 53 0.82 5.11 3.60
C VAL A 53 0.15 6.21 4.41
N GLU A 54 -0.14 5.92 5.67
CA GLU A 54 -0.83 6.87 6.53
C GLU A 54 -0.28 8.28 6.35
N GLY A 55 -1.17 9.23 6.07
CA GLY A 55 -0.77 10.61 5.92
C GLY A 55 -0.78 11.05 4.47
N TYR A 56 -0.87 10.10 3.56
CA TYR A 56 -0.83 10.39 2.13
C TYR A 56 -2.14 10.00 1.46
N GLU A 57 -3.24 10.23 2.16
CA GLU A 57 -4.57 10.07 1.57
C GLU A 57 -4.77 11.03 0.40
N GLU A 58 -3.96 12.08 0.37
CA GLU A 58 -4.03 13.06 -0.71
C GLU A 58 -3.45 12.49 -2.01
N HIS A 59 -2.92 11.28 -1.93
CA HIS A 59 -2.32 10.63 -3.08
C HIS A 59 -3.20 9.49 -3.60
N ILE A 60 -4.43 9.45 -3.11
CA ILE A 60 -5.38 8.42 -3.53
C ILE A 60 -6.18 8.87 -4.75
N GLY A 61 -6.06 8.12 -5.84
CA GLY A 61 -6.82 8.43 -7.04
C GLY A 61 -6.02 9.25 -8.04
N LYS A 62 -4.92 9.82 -7.58
CA LYS A 62 -4.07 10.64 -8.44
C LYS A 62 -3.05 9.77 -9.17
N GLN A 63 -2.32 10.39 -10.10
CA GLN A 63 -1.32 9.68 -10.89
C GLN A 63 0.07 10.25 -10.63
N LEU A 64 0.87 9.51 -9.88
CA LEU A 64 2.25 9.93 -9.59
C LEU A 64 3.25 8.95 -10.19
N PRO A 65 3.70 9.25 -11.41
CA PRO A 65 4.75 8.47 -12.08
C PRO A 65 6.09 8.56 -11.35
N LEU A 66 6.24 9.59 -10.53
CA LEU A 66 7.46 9.77 -9.74
C LEU A 66 7.48 8.81 -8.56
N ASN A 67 8.63 8.73 -7.90
CA ASN A 67 8.78 7.87 -6.72
C ASN A 67 8.06 8.47 -5.52
N GLN A 68 7.52 9.67 -5.69
CA GLN A 68 6.84 10.38 -4.61
C GLN A 68 5.54 9.67 -4.24
N ALA A 69 5.08 8.79 -5.13
CA ALA A 69 3.85 8.06 -4.91
C ALA A 69 3.87 7.33 -3.56
N ARG A 70 2.79 7.46 -2.80
CA ARG A 70 2.64 6.73 -1.55
C ARG A 70 1.27 6.05 -1.47
N ALA A 71 0.78 5.60 -2.62
CA ALA A 71 -0.53 4.96 -2.69
C ALA A 71 -0.68 4.16 -3.96
N TRP A 72 -1.30 2.98 -3.85
CA TRP A 72 -1.54 2.13 -5.01
C TRP A 72 -2.91 1.46 -4.92
N SER A 73 -3.50 1.17 -6.07
CA SER A 73 -4.82 0.54 -6.11
C SER A 73 -4.72 -0.95 -5.82
N TRP A 74 -5.81 -1.50 -5.28
CA TRP A 74 -5.92 -2.95 -5.12
C TRP A 74 -5.80 -3.66 -6.47
N GLU A 75 -6.29 -3.01 -7.51
CA GLU A 75 -6.23 -3.57 -8.86
C GLU A 75 -4.79 -3.67 -9.35
N PHE A 76 -3.99 -2.65 -9.01
CA PHE A 76 -2.56 -2.68 -9.30
C PHE A 76 -1.86 -3.80 -8.52
N ILE A 77 -2.19 -3.91 -7.24
CA ILE A 77 -1.61 -4.95 -6.39
C ILE A 77 -1.95 -6.34 -6.93
N LYS A 78 -3.20 -6.52 -7.36
CA LYS A 78 -3.64 -7.79 -7.90
C LYS A 78 -2.91 -8.10 -9.21
N ASN A 79 -2.79 -7.10 -10.07
CA ASN A 79 -2.05 -7.24 -11.32
C ASN A 79 -0.59 -7.58 -11.05
N ARG A 80 -0.06 -7.07 -9.94
CA ARG A 80 1.30 -7.38 -9.53
C ARG A 80 1.41 -8.81 -9.02
N LEU A 81 0.38 -9.27 -8.31
CA LEU A 81 0.35 -10.63 -7.79
C LEU A 81 0.14 -11.64 -8.91
N LYS A 82 -0.62 -11.24 -9.92
CA LYS A 82 -0.89 -12.11 -11.07
C LYS A 82 0.40 -12.41 -11.82
N GLU A 83 1.33 -11.46 -11.82
CA GLU A 83 2.63 -11.65 -12.46
C GLU A 83 3.43 -12.73 -11.74
N LEU A 84 3.07 -12.99 -10.48
CA LEU A 84 3.83 -13.92 -9.66
C LEU A 84 2.91 -15.01 -9.10
N ASN A 85 1.75 -15.19 -9.73
CA ASN A 85 0.81 -16.22 -9.31
C ASN A 85 0.74 -17.35 -10.33
N LEU A 86 1.71 -18.26 -10.25
CA LEU A 86 1.79 -19.39 -11.18
C LEU A 86 0.73 -20.44 -10.83
N GLY A 1 -19.34 -14.52 10.98
CA GLY A 1 -19.18 -13.17 11.50
C GLY A 1 -18.14 -13.08 12.59
N SER A 2 -18.55 -12.62 13.77
CA SER A 2 -17.72 -12.72 14.97
C SER A 2 -16.81 -11.51 15.10
N GLU A 3 -17.18 -10.43 14.42
CA GLU A 3 -16.22 -9.36 14.11
C GLU A 3 -16.92 -8.20 13.40
N GLU A 4 -16.23 -7.07 13.30
CA GLU A 4 -16.67 -5.97 12.45
C GLU A 4 -15.56 -5.56 11.49
N LYS A 5 -14.43 -6.24 11.57
CA LYS A 5 -13.40 -6.13 10.55
C LYS A 5 -13.23 -4.67 10.10
N GLU A 6 -12.95 -3.79 11.06
CA GLU A 6 -12.77 -2.38 10.76
C GLU A 6 -12.01 -1.68 11.88
N GLU A 7 -11.31 -0.60 11.54
CA GLU A 7 -10.73 0.28 12.54
C GLU A 7 -11.65 1.48 12.82
N LYS A 8 -12.87 1.41 12.30
CA LYS A 8 -13.83 2.49 12.45
C LYS A 8 -13.42 3.70 11.62
N LYS A 9 -12.43 3.52 10.75
CA LYS A 9 -12.13 4.51 9.73
C LYS A 9 -11.52 3.83 8.50
N VAL A 10 -10.78 2.75 8.72
CA VAL A 10 -10.00 2.12 7.67
C VAL A 10 -9.83 0.63 7.92
N ARG A 11 -9.23 -0.07 6.96
CA ARG A 11 -8.96 -1.50 7.10
C ARG A 11 -7.56 -1.73 7.66
N GLU A 12 -7.44 -2.74 8.52
CA GLU A 12 -6.27 -2.87 9.38
C GLU A 12 -5.06 -3.35 8.59
N LEU A 13 -3.93 -3.50 9.27
CA LEU A 13 -2.71 -3.97 8.64
C LEU A 13 -2.34 -5.37 9.12
N THR A 14 -2.96 -6.38 8.51
CA THR A 14 -2.71 -7.77 8.89
C THR A 14 -1.34 -8.23 8.39
N PRO A 15 -0.80 -9.27 9.03
CA PRO A 15 0.44 -9.93 8.59
C PRO A 15 0.29 -10.57 7.22
N GLN A 16 -0.95 -10.86 6.83
CA GLN A 16 -1.23 -11.41 5.51
C GLN A 16 -1.20 -10.31 4.44
N GLU A 17 -1.82 -9.18 4.76
CA GLU A 17 -1.91 -8.08 3.82
C GLU A 17 -0.54 -7.44 3.59
N LEU A 18 0.26 -7.37 4.66
CA LEU A 18 1.57 -6.75 4.59
C LEU A 18 2.54 -7.62 3.79
N GLU A 19 2.46 -8.93 4.01
CA GLU A 19 3.39 -9.87 3.38
C GLU A 19 3.10 -10.01 1.88
N LEU A 20 1.82 -10.06 1.54
CA LEU A 20 1.41 -10.17 0.15
C LEU A 20 1.76 -8.92 -0.64
N PHE A 21 1.89 -7.80 0.08
CA PHE A 21 2.31 -6.55 -0.53
C PHE A 21 3.77 -6.62 -0.97
N LYS A 22 4.66 -6.87 -0.02
CA LYS A 22 6.08 -6.98 -0.30
C LYS A 22 6.37 -8.19 -1.20
N ARG A 23 5.50 -9.19 -1.13
CA ARG A 23 5.55 -10.32 -2.06
C ARG A 23 5.28 -9.86 -3.49
N ALA A 24 4.23 -9.06 -3.65
CA ALA A 24 3.88 -8.53 -4.98
C ALA A 24 4.95 -7.58 -5.48
N MET A 25 5.50 -6.76 -4.59
CA MET A 25 6.46 -5.75 -4.96
C MET A 25 7.86 -6.34 -5.09
N GLY A 26 8.02 -7.57 -4.59
CA GLY A 26 9.31 -8.25 -4.70
C GLY A 26 10.39 -7.58 -3.87
N ILE A 27 10.02 -7.10 -2.69
CA ILE A 27 10.92 -6.28 -1.89
C ILE A 27 12.01 -7.13 -1.25
N THR A 28 13.27 -6.76 -1.49
CA THR A 28 14.40 -7.51 -0.96
C THR A 28 14.98 -6.81 0.27
N PRO A 29 15.70 -7.59 1.10
CA PRO A 29 16.37 -7.06 2.30
C PRO A 29 17.40 -5.99 1.95
N HIS A 30 17.83 -5.97 0.70
CA HIS A 30 18.74 -4.94 0.22
C HIS A 30 18.04 -3.59 0.15
N ASN A 31 16.84 -3.57 -0.42
CA ASN A 31 16.08 -2.34 -0.59
C ASN A 31 14.85 -2.34 0.31
N TYR A 32 14.87 -3.17 1.35
CA TYR A 32 13.77 -3.25 2.31
C TYR A 32 13.64 -1.92 3.07
N TRP A 33 14.74 -1.46 3.63
CA TRP A 33 14.75 -0.21 4.37
C TRP A 33 14.44 0.97 3.45
N GLN A 34 14.76 0.82 2.17
CA GLN A 34 14.43 1.84 1.18
C GLN A 34 12.93 1.94 0.98
N TRP A 35 12.26 0.79 0.91
CA TRP A 35 10.80 0.75 0.85
C TRP A 35 10.19 1.21 2.17
N ALA A 36 10.83 0.83 3.27
CA ALA A 36 10.35 1.21 4.59
C ALA A 36 10.29 2.73 4.73
N SER A 37 11.20 3.42 4.06
CA SER A 37 11.26 4.87 4.10
C SER A 37 10.03 5.49 3.44
N ARG A 38 9.70 4.99 2.25
CA ARG A 38 8.63 5.56 1.45
C ARG A 38 7.26 5.08 1.93
N THR A 39 7.25 3.91 2.56
CA THR A 39 6.00 3.31 3.02
C THR A 39 5.70 3.71 4.46
N ASN A 40 6.52 4.59 5.01
CA ASN A 40 6.36 5.04 6.38
C ASN A 40 6.28 3.86 7.34
N ASN A 41 7.33 3.03 7.34
CA ASN A 41 7.37 1.84 8.18
C ASN A 41 6.29 0.84 7.75
N PHE A 42 6.04 0.78 6.45
CA PHE A 42 5.02 -0.11 5.90
C PHE A 42 3.69 0.07 6.65
N LYS A 43 3.37 1.32 6.98
CA LYS A 43 2.07 1.65 7.55
C LYS A 43 1.06 1.96 6.45
N LEU A 44 0.63 0.93 5.73
CA LEU A 44 -0.31 1.10 4.63
C LEU A 44 -1.75 0.99 5.13
N LEU A 45 -2.60 1.90 4.66
CA LEU A 45 -4.02 1.86 4.99
C LEU A 45 -4.86 1.72 3.73
N THR A 46 -6.03 1.11 3.87
CA THR A 46 -6.92 0.88 2.74
C THR A 46 -8.37 0.73 3.20
N ASP A 47 -9.30 1.21 2.38
CA ASP A 47 -10.72 1.08 2.67
C ASP A 47 -11.54 1.09 1.39
N GLY A 48 -11.67 -0.09 0.77
CA GLY A 48 -12.43 -0.19 -0.47
C GLY A 48 -11.80 0.60 -1.59
N GLU A 49 -10.53 0.95 -1.43
CA GLU A 49 -9.84 1.79 -2.41
C GLU A 49 -8.41 1.31 -2.62
N TRP A 50 -7.67 2.02 -3.48
CA TRP A 50 -6.25 1.76 -3.66
C TRP A 50 -5.49 1.97 -2.35
N VAL A 51 -4.49 1.14 -2.11
CA VAL A 51 -3.70 1.23 -0.89
C VAL A 51 -2.85 2.50 -0.86
N TRP A 52 -2.87 3.19 0.26
CA TRP A 52 -2.09 4.42 0.43
C TRP A 52 -1.22 4.35 1.67
N VAL A 53 -0.15 5.13 1.68
CA VAL A 53 0.75 5.21 2.84
C VAL A 53 0.21 6.17 3.89
N GLU A 54 0.06 5.69 5.12
CA GLU A 54 -0.39 6.52 6.22
C GLU A 54 0.49 7.77 6.35
N GLY A 55 -0.15 8.93 6.43
CA GLY A 55 0.60 10.18 6.49
C GLY A 55 0.58 10.91 5.16
N TYR A 56 0.15 10.23 4.11
CA TYR A 56 0.02 10.84 2.79
C TYR A 56 -1.43 10.83 2.32
N GLU A 57 -2.35 11.05 3.26
CA GLU A 57 -3.77 11.13 2.93
C GLU A 57 -4.04 12.30 1.99
N GLU A 58 -3.10 13.25 1.94
CA GLU A 58 -3.19 14.35 1.01
C GLU A 58 -2.91 13.88 -0.42
N HIS A 59 -2.48 12.63 -0.55
CA HIS A 59 -2.14 12.06 -1.84
C HIS A 59 -3.20 11.05 -2.28
N ILE A 60 -4.31 11.00 -1.55
CA ILE A 60 -5.43 10.15 -1.93
C ILE A 60 -6.28 10.80 -3.01
N GLY A 61 -6.50 10.07 -4.10
CA GLY A 61 -7.26 10.61 -5.21
C GLY A 61 -6.40 11.39 -6.19
N LYS A 62 -5.09 11.33 -5.99
CA LYS A 62 -4.15 11.99 -6.88
C LYS A 62 -3.57 11.01 -7.89
N GLN A 63 -3.23 11.51 -9.07
CA GLN A 63 -2.63 10.68 -10.11
C GLN A 63 -1.12 10.88 -10.16
N LEU A 64 -0.40 10.05 -9.42
CA LEU A 64 1.05 10.14 -9.37
C LEU A 64 1.69 8.91 -10.01
N PRO A 65 2.86 9.12 -10.65
CA PRO A 65 3.64 8.03 -11.23
C PRO A 65 4.04 6.99 -10.18
N LEU A 66 4.17 5.74 -10.63
CA LEU A 66 4.47 4.63 -9.71
C LEU A 66 5.71 4.92 -8.88
N ASN A 67 6.65 5.64 -9.48
CA ASN A 67 7.89 6.00 -8.79
C ASN A 67 7.64 7.10 -7.77
N GLN A 68 6.66 7.95 -8.04
CA GLN A 68 6.39 9.11 -7.20
C GLN A 68 5.06 8.94 -6.47
N ALA A 69 4.53 7.73 -6.48
CA ALA A 69 3.25 7.45 -5.85
C ALA A 69 3.45 6.90 -4.44
N ARG A 70 2.76 7.49 -3.46
CA ARG A 70 2.67 6.90 -2.13
C ARG A 70 1.40 6.08 -1.99
N ALA A 71 1.02 5.39 -3.06
CA ALA A 71 -0.20 4.60 -3.06
C ALA A 71 -0.26 3.68 -4.28
N TRP A 72 -0.82 2.49 -4.09
CA TRP A 72 -0.99 1.55 -5.19
C TRP A 72 -2.37 0.90 -5.15
N SER A 73 -2.92 0.62 -6.32
CA SER A 73 -4.23 0.00 -6.42
C SER A 73 -4.19 -1.46 -5.95
N TRP A 74 -5.28 -1.91 -5.33
CA TRP A 74 -5.43 -3.32 -5.00
C TRP A 74 -5.45 -4.17 -6.26
N GLU A 75 -5.94 -3.59 -7.35
CA GLU A 75 -5.93 -4.26 -8.65
C GLU A 75 -4.51 -4.32 -9.22
N PHE A 76 -3.76 -3.25 -9.00
CA PHE A 76 -2.34 -3.23 -9.35
C PHE A 76 -1.57 -4.27 -8.54
N ILE A 77 -1.85 -4.33 -7.23
CA ILE A 77 -1.25 -5.34 -6.37
C ILE A 77 -1.61 -6.75 -6.83
N LYS A 78 -2.89 -6.95 -7.17
CA LYS A 78 -3.35 -8.25 -7.65
C LYS A 78 -2.70 -8.60 -8.98
N ASN A 79 -2.54 -7.59 -9.85
CA ASN A 79 -1.94 -7.80 -11.16
C ASN A 79 -0.51 -8.29 -11.02
N ARG A 80 0.21 -7.74 -10.06
CA ARG A 80 1.59 -8.15 -9.81
C ARG A 80 1.65 -9.58 -9.29
N LEU A 81 0.70 -9.93 -8.43
CA LEU A 81 0.61 -11.29 -7.90
C LEU A 81 0.22 -12.28 -8.99
N LYS A 82 -0.59 -11.82 -9.94
CA LYS A 82 -0.99 -12.65 -11.07
C LYS A 82 0.19 -12.90 -12.00
N GLU A 83 1.10 -11.95 -12.07
CA GLU A 83 2.34 -12.13 -12.82
C GLU A 83 3.29 -13.08 -12.10
N LEU A 84 3.27 -13.04 -10.78
CA LEU A 84 4.09 -13.94 -9.97
C LEU A 84 3.58 -15.38 -10.06
N ASN A 85 2.25 -15.52 -10.11
CA ASN A 85 1.63 -16.83 -10.21
C ASN A 85 0.83 -16.96 -11.51
N LEU A 86 1.50 -17.38 -12.58
CA LEU A 86 0.86 -17.52 -13.88
C LEU A 86 0.16 -18.88 -13.99
N GLY A 1 -23.17 22.35 18.27
CA GLY A 1 -23.26 21.59 19.52
C GLY A 1 -22.67 20.20 19.38
N SER A 2 -23.50 19.19 19.64
CA SER A 2 -23.02 17.82 19.74
C SER A 2 -23.30 17.05 18.46
N GLU A 3 -22.60 15.92 18.29
CA GLU A 3 -22.47 15.30 16.98
C GLU A 3 -23.35 14.04 16.88
N GLU A 4 -23.39 13.46 15.68
CA GLU A 4 -23.91 12.10 15.53
C GLU A 4 -22.85 11.20 14.90
N LYS A 5 -22.49 10.14 15.62
CA LYS A 5 -21.22 9.47 15.41
C LYS A 5 -21.40 8.15 14.69
N GLU A 6 -20.43 7.78 13.86
CA GLU A 6 -20.44 6.49 13.19
C GLU A 6 -19.07 5.83 13.25
N GLU A 7 -18.95 4.65 12.66
CA GLU A 7 -17.72 3.86 12.76
C GLU A 7 -16.77 4.20 11.63
N LYS A 8 -17.25 4.13 10.40
CA LYS A 8 -16.51 4.60 9.24
C LYS A 8 -15.05 4.19 9.33
N LYS A 9 -14.80 2.88 9.29
CA LYS A 9 -13.50 2.33 9.65
C LYS A 9 -12.91 1.54 8.48
N VAL A 10 -11.61 1.71 8.26
CA VAL A 10 -10.92 0.97 7.21
C VAL A 10 -10.32 -0.32 7.76
N ARG A 11 -9.64 -1.06 6.89
CA ARG A 11 -9.08 -2.36 7.27
C ARG A 11 -7.73 -2.17 7.97
N GLU A 12 -7.40 -3.08 8.87
CA GLU A 12 -6.31 -2.86 9.82
C GLU A 12 -4.98 -3.32 9.24
N LEU A 13 -3.91 -3.11 10.00
CA LEU A 13 -2.57 -3.39 9.52
C LEU A 13 -2.04 -4.70 10.10
N THR A 14 -2.16 -5.77 9.34
CA THR A 14 -1.64 -7.08 9.75
C THR A 14 -0.40 -7.46 8.96
N PRO A 15 0.44 -8.32 9.55
CA PRO A 15 1.62 -8.87 8.88
C PRO A 15 1.25 -9.66 7.62
N GLN A 16 0.06 -10.25 7.62
CA GLN A 16 -0.43 -10.97 6.47
C GLN A 16 -0.75 -10.02 5.31
N GLU A 17 -1.43 -8.92 5.63
CA GLU A 17 -1.82 -7.94 4.63
C GLU A 17 -0.62 -7.09 4.20
N LEU A 18 0.32 -6.91 5.13
CA LEU A 18 1.53 -6.15 4.85
C LEU A 18 2.50 -6.96 3.99
N GLU A 19 2.53 -8.27 4.21
CA GLU A 19 3.39 -9.16 3.44
C GLU A 19 2.93 -9.24 1.99
N LEU A 20 1.64 -9.55 1.80
CA LEU A 20 1.09 -9.75 0.46
C LEU A 20 1.33 -8.52 -0.41
N PHE A 21 1.49 -7.37 0.23
CA PHE A 21 1.80 -6.13 -0.49
C PHE A 21 3.22 -6.16 -1.03
N LYS A 22 4.19 -6.32 -0.14
CA LYS A 22 5.59 -6.37 -0.54
C LYS A 22 5.89 -7.64 -1.32
N ARG A 23 5.16 -8.71 -1.01
CA ARG A 23 5.29 -9.97 -1.75
C ARG A 23 4.85 -9.79 -3.19
N ALA A 24 3.68 -9.17 -3.38
CA ALA A 24 3.18 -8.87 -4.72
C ALA A 24 4.05 -7.83 -5.42
N MET A 25 4.52 -6.85 -4.65
CA MET A 25 5.31 -5.75 -5.21
C MET A 25 6.69 -6.25 -5.64
N GLY A 26 7.13 -7.34 -5.04
CA GLY A 26 8.44 -7.89 -5.37
C GLY A 26 9.57 -7.15 -4.67
N ILE A 27 9.28 -6.64 -3.47
CA ILE A 27 10.24 -5.82 -2.74
C ILE A 27 11.36 -6.68 -2.14
N THR A 28 12.60 -6.35 -2.45
CA THR A 28 13.74 -7.13 -2.00
C THR A 28 14.36 -6.51 -0.75
N PRO A 29 15.11 -7.34 0.00
CA PRO A 29 15.85 -6.87 1.18
C PRO A 29 16.90 -5.83 0.83
N HIS A 30 17.26 -5.77 -0.44
CA HIS A 30 18.18 -4.75 -0.93
C HIS A 30 17.53 -3.36 -0.86
N ASN A 31 16.29 -3.27 -1.34
CA ASN A 31 15.57 -2.00 -1.36
C ASN A 31 14.38 -2.04 -0.40
N TYR A 32 14.45 -2.93 0.58
CA TYR A 32 13.41 -3.01 1.61
C TYR A 32 13.40 -1.75 2.47
N TRP A 33 14.59 -1.28 2.84
CA TRP A 33 14.71 -0.03 3.58
C TRP A 33 14.28 1.16 2.71
N GLN A 34 14.53 1.06 1.41
CA GLN A 34 14.12 2.11 0.48
C GLN A 34 12.61 2.20 0.39
N TRP A 35 11.95 1.04 0.36
CA TRP A 35 10.49 0.99 0.33
C TRP A 35 9.91 1.35 1.69
N ALA A 36 10.59 0.92 2.75
CA ALA A 36 10.14 1.22 4.11
C ALA A 36 10.00 2.72 4.34
N SER A 37 10.92 3.49 3.77
CA SER A 37 10.96 4.92 3.99
C SER A 37 9.79 5.61 3.30
N ARG A 38 9.35 5.04 2.18
CA ARG A 38 8.27 5.65 1.40
C ARG A 38 6.91 5.14 1.87
N THR A 39 6.88 3.90 2.36
CA THR A 39 5.63 3.29 2.80
C THR A 39 5.34 3.60 4.26
N ASN A 40 6.11 4.54 4.81
CA ASN A 40 5.97 4.90 6.22
C ASN A 40 5.95 3.65 7.10
N ASN A 41 6.99 2.83 6.97
CA ASN A 41 7.07 1.59 7.73
C ASN A 41 5.99 0.61 7.31
N PHE A 42 5.66 0.62 6.02
CA PHE A 42 4.66 -0.30 5.48
C PHE A 42 3.37 -0.23 6.28
N LYS A 43 3.04 0.97 6.76
CA LYS A 43 1.75 1.21 7.40
C LYS A 43 0.68 1.52 6.36
N LEU A 44 -0.09 0.50 5.99
CA LEU A 44 -0.95 0.58 4.81
C LEU A 44 -2.41 0.43 5.19
N LEU A 45 -3.26 1.32 4.69
CA LEU A 45 -4.68 1.28 4.95
C LEU A 45 -5.46 0.98 3.68
N THR A 46 -6.64 0.39 3.83
CA THR A 46 -7.55 0.17 2.71
C THR A 46 -8.93 -0.25 3.18
N ASP A 47 -9.94 0.00 2.37
CA ASP A 47 -11.29 -0.49 2.64
C ASP A 47 -12.08 -0.65 1.35
N GLY A 48 -12.11 -1.86 0.83
CA GLY A 48 -12.78 -2.12 -0.44
C GLY A 48 -12.27 -1.23 -1.55
N GLU A 49 -11.07 -0.69 -1.37
CA GLU A 49 -10.51 0.27 -2.33
C GLU A 49 -9.02 0.02 -2.54
N TRP A 50 -8.40 0.86 -3.36
CA TRP A 50 -6.95 0.84 -3.52
C TRP A 50 -6.25 1.05 -2.19
N VAL A 51 -5.04 0.51 -2.07
CA VAL A 51 -4.27 0.64 -0.84
C VAL A 51 -3.44 1.91 -0.84
N TRP A 52 -3.45 2.62 0.29
CA TRP A 52 -2.67 3.84 0.44
C TRP A 52 -1.82 3.79 1.71
N VAL A 53 -0.77 4.60 1.75
CA VAL A 53 0.12 4.65 2.90
C VAL A 53 -0.38 5.62 3.95
N GLU A 54 -0.50 5.15 5.19
CA GLU A 54 -0.91 5.99 6.30
C GLU A 54 0.02 7.21 6.43
N GLY A 55 -0.58 8.39 6.46
CA GLY A 55 0.20 9.61 6.61
C GLY A 55 0.41 10.33 5.29
N TYR A 56 0.22 9.60 4.20
CA TYR A 56 0.37 10.19 2.87
C TYR A 56 -0.98 10.29 2.16
N GLU A 57 -2.06 10.25 2.94
CA GLU A 57 -3.40 10.42 2.40
C GLU A 57 -3.55 11.78 1.74
N GLU A 58 -2.68 12.72 2.12
CA GLU A 58 -2.69 14.06 1.54
C GLU A 58 -1.73 14.13 0.35
N HIS A 59 -1.08 13.02 0.04
CA HIS A 59 -0.14 12.96 -1.06
C HIS A 59 -0.64 12.03 -2.16
N ILE A 60 -1.87 11.54 -1.99
CA ILE A 60 -2.45 10.60 -2.94
C ILE A 60 -3.60 11.24 -3.71
N GLY A 61 -3.90 10.68 -4.88
CA GLY A 61 -4.87 11.30 -5.77
C GLY A 61 -4.27 12.44 -6.57
N LYS A 62 -2.95 12.58 -6.50
CA LYS A 62 -2.25 13.65 -7.20
C LYS A 62 -1.56 13.12 -8.46
N GLN A 63 -1.11 14.03 -9.31
CA GLN A 63 -0.42 13.66 -10.54
C GLN A 63 1.06 13.42 -10.27
N LEU A 64 1.35 12.50 -9.37
CA LEU A 64 2.73 12.21 -8.98
C LEU A 64 3.27 11.00 -9.72
N PRO A 65 4.59 10.93 -9.89
CA PRO A 65 5.26 9.79 -10.49
C PRO A 65 5.22 8.55 -9.60
N LEU A 66 5.84 7.47 -10.06
CA LEU A 66 5.82 6.20 -9.34
C LEU A 66 6.77 6.25 -8.15
N ASN A 67 7.72 7.18 -8.18
CA ASN A 67 8.63 7.39 -7.06
C ASN A 67 7.95 8.18 -5.95
N GLN A 68 7.10 9.13 -6.33
CA GLN A 68 6.37 9.94 -5.37
C GLN A 68 4.95 9.42 -5.18
N ALA A 69 4.71 8.20 -5.64
CA ALA A 69 3.42 7.55 -5.45
C ALA A 69 3.31 6.98 -4.03
N ARG A 70 2.12 7.08 -3.44
CA ARG A 70 1.90 6.65 -2.07
C ARG A 70 0.61 5.85 -1.95
N ALA A 71 0.19 5.26 -3.06
CA ALA A 71 -1.02 4.44 -3.08
C ALA A 71 -1.08 3.57 -4.34
N TRP A 72 -1.66 2.39 -4.20
CA TRP A 72 -1.76 1.46 -5.34
C TRP A 72 -3.06 0.68 -5.27
N SER A 73 -3.52 0.20 -6.43
CA SER A 73 -4.81 -0.46 -6.54
C SER A 73 -4.67 -1.96 -6.32
N TRP A 74 -5.71 -2.57 -5.76
CA TRP A 74 -5.80 -4.02 -5.69
C TRP A 74 -5.73 -4.64 -7.09
N GLU A 75 -6.17 -3.87 -8.08
CA GLU A 75 -6.05 -4.30 -9.48
C GLU A 75 -4.58 -4.39 -9.89
N PHE A 76 -3.75 -3.54 -9.31
CA PHE A 76 -2.32 -3.57 -9.55
C PHE A 76 -1.65 -4.65 -8.70
N ILE A 77 -2.05 -4.72 -7.43
CA ILE A 77 -1.47 -5.69 -6.51
C ILE A 77 -1.67 -7.11 -7.02
N LYS A 78 -2.87 -7.41 -7.48
CA LYS A 78 -3.20 -8.76 -7.95
C LYS A 78 -2.46 -9.07 -9.25
N ASN A 79 -2.36 -8.07 -10.12
CA ASN A 79 -1.68 -8.25 -11.40
C ASN A 79 -0.23 -8.66 -11.19
N ARG A 80 0.45 -7.95 -10.28
CA ARG A 80 1.84 -8.26 -9.98
C ARG A 80 1.95 -9.50 -9.10
N LEU A 81 0.99 -9.67 -8.20
CA LEU A 81 0.95 -10.84 -7.33
C LEU A 81 0.89 -12.12 -8.15
N LYS A 82 0.07 -12.13 -9.19
CA LYS A 82 -0.10 -13.30 -10.04
C LYS A 82 1.23 -13.72 -10.66
N GLU A 83 2.12 -12.75 -10.86
CA GLU A 83 3.42 -13.02 -11.46
C GLU A 83 4.18 -14.06 -10.65
N LEU A 84 3.93 -14.09 -9.35
CA LEU A 84 4.60 -15.03 -8.46
C LEU A 84 3.57 -15.85 -7.66
N ASN A 85 2.29 -15.67 -8.00
CA ASN A 85 1.22 -16.33 -7.27
C ASN A 85 0.06 -16.66 -8.21
N LEU A 86 0.36 -17.40 -9.27
CA LEU A 86 -0.68 -17.86 -10.19
C LEU A 86 -0.29 -19.19 -10.81
N GLY A 1 -10.05 25.92 10.80
CA GLY A 1 -11.28 25.55 10.13
C GLY A 1 -11.78 24.18 10.55
N SER A 2 -12.28 24.07 11.77
CA SER A 2 -12.47 22.77 12.40
C SER A 2 -13.30 21.86 11.52
N GLU A 3 -12.87 20.60 11.42
CA GLU A 3 -13.53 19.63 10.56
C GLU A 3 -14.70 18.97 11.28
N GLU A 4 -15.38 18.06 10.58
CA GLU A 4 -16.64 17.52 11.06
C GLU A 4 -16.47 16.11 11.60
N LYS A 5 -15.95 15.22 10.77
CA LYS A 5 -16.05 13.79 11.03
C LYS A 5 -14.78 13.27 11.72
N GLU A 6 -14.97 12.47 12.76
CA GLU A 6 -13.87 12.08 13.63
C GLU A 6 -13.62 10.57 13.55
N GLU A 7 -14.14 9.94 12.50
CA GLU A 7 -13.77 8.58 12.16
C GLU A 7 -13.52 8.43 10.67
N LYS A 8 -12.37 7.86 10.31
CA LYS A 8 -12.12 7.44 8.95
C LYS A 8 -11.70 5.97 8.90
N LYS A 9 -12.65 5.09 9.20
CA LYS A 9 -12.33 3.70 9.50
C LYS A 9 -11.80 2.98 8.27
N VAL A 10 -10.72 2.22 8.45
CA VAL A 10 -10.13 1.46 7.35
C VAL A 10 -9.80 0.04 7.78
N ARG A 11 -9.19 -0.72 6.88
CA ARG A 11 -8.65 -2.03 7.22
C ARG A 11 -7.20 -1.92 7.67
N GLU A 12 -6.84 -2.75 8.65
CA GLU A 12 -5.64 -2.49 9.46
C GLU A 12 -4.48 -3.33 8.98
N LEU A 13 -3.29 -3.04 9.51
CA LEU A 13 -2.09 -3.80 9.18
C LEU A 13 -2.07 -5.14 9.91
N THR A 14 -2.82 -6.11 9.38
CA THR A 14 -2.70 -7.49 9.80
C THR A 14 -1.49 -8.16 9.16
N PRO A 15 -1.01 -9.25 9.77
CA PRO A 15 0.08 -10.06 9.22
C PRO A 15 -0.28 -10.67 7.88
N GLN A 16 -1.57 -10.87 7.65
CA GLN A 16 -2.05 -11.46 6.40
C GLN A 16 -2.10 -10.40 5.31
N GLU A 17 -2.61 -9.22 5.65
CA GLU A 17 -2.80 -8.15 4.66
C GLU A 17 -1.47 -7.49 4.31
N LEU A 18 -0.54 -7.50 5.26
CA LEU A 18 0.75 -6.86 5.08
C LEU A 18 1.67 -7.73 4.24
N GLU A 19 1.83 -8.98 4.65
CA GLU A 19 2.82 -9.87 4.05
C GLU A 19 2.56 -10.05 2.56
N LEU A 20 1.28 -10.11 2.20
CA LEU A 20 0.89 -10.37 0.81
C LEU A 20 1.29 -9.20 -0.08
N PHE A 21 1.39 -8.01 0.50
CA PHE A 21 1.81 -6.83 -0.23
C PHE A 21 3.28 -6.93 -0.63
N LYS A 22 4.14 -7.10 0.37
CA LYS A 22 5.57 -7.22 0.13
C LYS A 22 5.88 -8.48 -0.68
N ARG A 23 5.02 -9.49 -0.55
CA ARG A 23 5.13 -10.70 -1.35
C ARG A 23 4.87 -10.39 -2.83
N ALA A 24 3.81 -9.63 -3.09
CA ALA A 24 3.45 -9.27 -4.46
C ALA A 24 4.43 -8.26 -5.04
N MET A 25 4.80 -7.27 -4.22
CA MET A 25 5.67 -6.20 -4.68
C MET A 25 7.07 -6.71 -4.99
N GLY A 26 7.44 -7.82 -4.36
CA GLY A 26 8.77 -8.38 -4.56
C GLY A 26 9.83 -7.66 -3.74
N ILE A 27 9.48 -7.30 -2.51
CA ILE A 27 10.36 -6.51 -1.67
C ILE A 27 11.67 -7.25 -1.39
N THR A 28 12.78 -6.55 -1.56
CA THR A 28 14.09 -7.14 -1.30
C THR A 28 14.87 -6.32 -0.27
N PRO A 29 15.82 -6.97 0.40
CA PRO A 29 16.67 -6.31 1.40
C PRO A 29 17.61 -5.29 0.77
N HIS A 30 17.76 -5.35 -0.55
CA HIS A 30 18.58 -4.40 -1.28
C HIS A 30 17.97 -3.00 -1.20
N ASN A 31 16.68 -2.90 -1.47
CA ASN A 31 15.98 -1.61 -1.43
C ASN A 31 14.93 -1.61 -0.32
N TYR A 32 15.16 -2.42 0.70
CA TYR A 32 14.21 -2.53 1.81
C TYR A 32 14.09 -1.20 2.56
N TRP A 33 15.23 -0.59 2.85
CA TRP A 33 15.25 0.66 3.60
C TRP A 33 14.61 1.79 2.79
N GLN A 34 14.76 1.73 1.47
CA GLN A 34 14.10 2.67 0.58
C GLN A 34 12.58 2.53 0.67
N TRP A 35 12.10 1.30 0.58
CA TRP A 35 10.68 1.02 0.71
C TRP A 35 10.19 1.35 2.11
N ALA A 36 11.01 1.06 3.11
CA ALA A 36 10.64 1.28 4.51
C ALA A 36 10.43 2.77 4.77
N SER A 37 11.17 3.61 4.06
CA SER A 37 11.15 5.05 4.31
C SER A 37 9.94 5.70 3.64
N ARG A 38 9.55 5.15 2.50
CA ARG A 38 8.47 5.74 1.71
C ARG A 38 7.11 5.19 2.13
N THR A 39 7.12 3.95 2.62
CA THR A 39 5.87 3.27 2.97
C THR A 39 5.50 3.53 4.43
N ASN A 40 6.18 4.49 5.04
CA ASN A 40 5.97 4.79 6.46
C ASN A 40 6.03 3.51 7.30
N ASN A 41 7.20 2.88 7.31
CA ASN A 41 7.39 1.65 8.06
C ASN A 41 6.43 0.56 7.57
N PHE A 42 6.18 0.55 6.28
CA PHE A 42 5.26 -0.42 5.68
C PHE A 42 3.91 -0.38 6.37
N LYS A 43 3.47 0.82 6.75
CA LYS A 43 2.14 1.02 7.31
C LYS A 43 1.15 1.45 6.24
N LEU A 44 0.49 0.47 5.61
CA LEU A 44 -0.44 0.75 4.53
C LEU A 44 -1.88 0.52 4.98
N LEU A 45 -2.77 1.44 4.59
CA LEU A 45 -4.17 1.36 4.98
C LEU A 45 -5.08 1.45 3.76
N THR A 46 -6.25 0.84 3.86
CA THR A 46 -7.32 1.07 2.89
C THR A 46 -8.55 0.24 3.21
N ASP A 47 -9.67 0.57 2.58
CA ASP A 47 -10.90 -0.19 2.77
C ASP A 47 -11.71 -0.23 1.47
N GLY A 48 -11.71 -1.37 0.81
CA GLY A 48 -12.46 -1.53 -0.43
C GLY A 48 -11.96 -0.60 -1.52
N GLU A 49 -10.72 -0.14 -1.38
CA GLU A 49 -10.17 0.83 -2.31
C GLU A 49 -8.70 0.52 -2.61
N TRP A 50 -8.08 1.36 -3.43
CA TRP A 50 -6.64 1.31 -3.63
C TRP A 50 -5.89 1.51 -2.32
N VAL A 51 -4.74 0.87 -2.19
CA VAL A 51 -3.92 1.01 -0.99
C VAL A 51 -3.13 2.31 -1.01
N TRP A 52 -3.08 2.97 0.15
CA TRP A 52 -2.23 4.15 0.31
C TRP A 52 -1.40 4.04 1.59
N VAL A 53 -0.32 4.83 1.65
CA VAL A 53 0.54 4.84 2.83
C VAL A 53 -0.04 5.72 3.93
N GLU A 54 -0.10 5.19 5.15
CA GLU A 54 -0.61 5.94 6.28
C GLU A 54 0.09 7.28 6.41
N GLY A 55 -0.71 8.34 6.62
CA GLY A 55 -0.14 9.66 6.82
C GLY A 55 0.09 10.39 5.52
N TYR A 56 -0.21 9.73 4.41
CA TYR A 56 -0.09 10.34 3.09
C TYR A 56 -1.42 10.31 2.34
N GLU A 57 -2.52 10.38 3.09
CA GLU A 57 -3.82 10.68 2.52
C GLU A 57 -3.80 12.03 1.78
N GLU A 58 -2.85 12.88 2.15
CA GLU A 58 -2.53 14.07 1.36
C GLU A 58 -2.16 13.68 -0.07
N HIS A 59 -1.57 12.50 -0.23
CA HIS A 59 -1.17 12.02 -1.54
C HIS A 59 -2.25 11.13 -2.15
N ILE A 60 -3.50 11.50 -1.94
CA ILE A 60 -4.62 10.87 -2.64
C ILE A 60 -5.20 11.79 -3.70
N GLY A 61 -5.32 11.28 -4.92
CA GLY A 61 -5.93 12.04 -5.99
C GLY A 61 -4.96 13.04 -6.59
N LYS A 62 -3.67 12.77 -6.49
CA LYS A 62 -2.64 13.64 -7.06
C LYS A 62 -2.26 13.19 -8.46
N GLN A 63 -1.51 14.03 -9.16
CA GLN A 63 -1.21 13.80 -10.57
C GLN A 63 0.19 13.23 -10.74
N LEU A 64 0.61 12.38 -9.79
CA LEU A 64 1.94 11.79 -9.83
C LEU A 64 1.89 10.36 -10.36
N PRO A 65 3.00 9.91 -10.95
CA PRO A 65 3.13 8.53 -11.44
C PRO A 65 3.23 7.53 -10.30
N LEU A 66 3.18 6.25 -10.63
CA LEU A 66 3.21 5.18 -9.63
C LEU A 66 4.55 5.14 -8.92
N ASN A 67 5.61 5.53 -9.62
CA ASN A 67 6.94 5.59 -9.04
C ASN A 67 7.03 6.68 -7.98
N GLN A 68 6.42 7.83 -8.28
CA GLN A 68 6.45 8.96 -7.36
C GLN A 68 5.18 9.01 -6.52
N ALA A 69 4.48 7.88 -6.45
CA ALA A 69 3.24 7.79 -5.68
C ALA A 69 3.42 6.93 -4.44
N ARG A 70 2.94 7.41 -3.30
CA ARG A 70 2.87 6.61 -2.09
C ARG A 70 1.50 5.95 -1.96
N ALA A 71 1.03 5.34 -3.04
CA ALA A 71 -0.23 4.63 -3.04
C ALA A 71 -0.38 3.74 -4.27
N TRP A 72 -0.90 2.53 -4.07
CA TRP A 72 -1.11 1.60 -5.17
C TRP A 72 -2.48 0.96 -5.08
N SER A 73 -2.95 0.41 -6.21
CA SER A 73 -4.28 -0.20 -6.26
C SER A 73 -4.20 -1.68 -5.93
N TRP A 74 -5.31 -2.21 -5.40
CA TRP A 74 -5.44 -3.65 -5.21
C TRP A 74 -5.33 -4.39 -6.54
N GLU A 75 -5.78 -3.75 -7.61
CA GLU A 75 -5.69 -4.33 -8.94
C GLU A 75 -4.23 -4.39 -9.40
N PHE A 76 -3.45 -3.38 -9.03
CA PHE A 76 -2.01 -3.39 -9.28
C PHE A 76 -1.33 -4.50 -8.49
N ILE A 77 -1.71 -4.63 -7.22
CA ILE A 77 -1.19 -5.71 -6.38
C ILE A 77 -1.55 -7.08 -6.94
N LYS A 78 -2.78 -7.20 -7.46
CA LYS A 78 -3.21 -8.42 -8.11
C LYS A 78 -2.41 -8.67 -9.40
N ASN A 79 -2.10 -7.60 -10.12
CA ASN A 79 -1.32 -7.69 -11.34
C ASN A 79 0.08 -8.23 -11.04
N ARG A 80 0.64 -7.81 -9.92
CA ARG A 80 1.96 -8.28 -9.50
C ARG A 80 1.90 -9.75 -9.07
N LEU A 81 0.81 -10.13 -8.40
CA LEU A 81 0.58 -11.53 -8.05
C LEU A 81 0.40 -12.38 -9.30
N LYS A 82 -0.23 -11.80 -10.32
CA LYS A 82 -0.38 -12.48 -11.61
C LYS A 82 0.98 -12.67 -12.28
N GLU A 83 1.89 -11.73 -12.05
CA GLU A 83 3.26 -11.86 -12.51
C GLU A 83 4.00 -12.93 -11.71
N LEU A 84 3.48 -13.23 -10.52
CA LEU A 84 4.06 -14.28 -9.68
C LEU A 84 3.36 -15.62 -9.93
N ASN A 85 2.63 -15.70 -11.04
CA ASN A 85 1.94 -16.93 -11.40
C ASN A 85 2.39 -17.42 -12.78
N LEU A 86 3.44 -18.25 -12.79
CA LEU A 86 3.99 -18.76 -14.03
C LEU A 86 3.80 -20.27 -14.14
#